data_3WEB
# 
_entry.id   3WEB 
# 
_audit_conform.dict_name       mmcif_pdbx.dic 
_audit_conform.dict_version    5.398 
_audit_conform.dict_location   http://mmcif.pdb.org/dictionaries/ascii/mmcif_pdbx.dic 
# 
loop_
_database_2.database_id 
_database_2.database_code 
_database_2.pdbx_database_accession 
_database_2.pdbx_DOI 
PDB   3WEB         pdb_00003web 10.2210/pdb3web/pdb 
RCSB  RCSB096227   ?            ?                   
WWPDB D_1000096227 ?            ?                   
# 
loop_
_pdbx_audit_revision_history.ordinal 
_pdbx_audit_revision_history.data_content_type 
_pdbx_audit_revision_history.major_revision 
_pdbx_audit_revision_history.minor_revision 
_pdbx_audit_revision_history.revision_date 
1 'Structure model' 1 0 2014-02-05 
2 'Structure model' 1 1 2015-02-04 
3 'Structure model' 1 2 2017-11-22 
4 'Structure model' 1 3 2023-11-08 
5 'Structure model' 1 4 2024-11-06 
# 
_pdbx_audit_revision_details.ordinal             1 
_pdbx_audit_revision_details.revision_ordinal    1 
_pdbx_audit_revision_details.data_content_type   'Structure model' 
_pdbx_audit_revision_details.provider            repository 
_pdbx_audit_revision_details.type                'Initial release' 
_pdbx_audit_revision_details.description         ? 
_pdbx_audit_revision_details.details             ? 
# 
loop_
_pdbx_audit_revision_group.ordinal 
_pdbx_audit_revision_group.revision_ordinal 
_pdbx_audit_revision_group.data_content_type 
_pdbx_audit_revision_group.group 
1 2 'Structure model' 'Database references'    
2 3 'Structure model' 'Refinement description' 
3 4 'Structure model' 'Data collection'        
4 4 'Structure model' 'Database references'    
5 4 'Structure model' 'Derived calculations'   
6 4 'Structure model' 'Refinement description' 
7 5 'Structure model' 'Structure summary'      
# 
loop_
_pdbx_audit_revision_category.ordinal 
_pdbx_audit_revision_category.revision_ordinal 
_pdbx_audit_revision_category.data_content_type 
_pdbx_audit_revision_category.category 
1 3 'Structure model' software                      
2 4 'Structure model' chem_comp_atom                
3 4 'Structure model' chem_comp_bond                
4 4 'Structure model' database_2                    
5 4 'Structure model' pdbx_initial_refinement_model 
6 4 'Structure model' struct_site                   
7 5 'Structure model' pdbx_entry_details            
8 5 'Structure model' pdbx_modification_feature     
# 
loop_
_pdbx_audit_revision_item.ordinal 
_pdbx_audit_revision_item.revision_ordinal 
_pdbx_audit_revision_item.data_content_type 
_pdbx_audit_revision_item.item 
1 3 'Structure model' '_software.name'                               
2 4 'Structure model' '_database_2.pdbx_DOI'                         
3 4 'Structure model' '_database_2.pdbx_database_accession'          
4 4 'Structure model' '_struct_site.pdbx_auth_asym_id'               
5 4 'Structure model' '_struct_site.pdbx_auth_comp_id'               
6 4 'Structure model' '_struct_site.pdbx_auth_seq_id'                
7 5 'Structure model' '_pdbx_entry_details.has_protein_modification' 
# 
_pdbx_database_status.status_code                     REL 
_pdbx_database_status.entry_id                        3WEB 
_pdbx_database_status.recvd_initial_deposition_date   2013-07-02 
_pdbx_database_status.deposit_site                    PDBJ 
_pdbx_database_status.process_site                    PDBJ 
_pdbx_database_status.methods_development_category    ? 
_pdbx_database_status.status_code_sf                  REL 
_pdbx_database_status.status_code_mr                  ? 
_pdbx_database_status.SG_entry                        ? 
_pdbx_database_status.status_code_cs                  ? 
_pdbx_database_status.pdb_format_compatible           Y 
_pdbx_database_status.status_code_nmr_data            ? 
# 
_pdbx_database_related.db_name        PDB 
_pdbx_database_related.db_id          3WEA 
_pdbx_database_related.details        'apo protein' 
_pdbx_database_related.content_type   unspecified 
# 
loop_
_audit_author.name 
_audit_author.pdbx_ordinal 
'Fujimoto, Z.' 1 
'Tsuchiya, W.' 2 
'Ishida, Y.'   3 
'Yamazaki, T.' 4 
# 
_citation.id                        primary 
_citation.title                     'Niemann-Pick type C2 protein mediating chemical communication in the worker ant' 
_citation.journal_abbrev            Proc.Natl.Acad.Sci.USA 
_citation.journal_volume            111 
_citation.page_first                3847 
_citation.page_last                 3852 
_citation.year                      2014 
_citation.journal_id_ASTM           PNASA6 
_citation.country                   US 
_citation.journal_id_ISSN           0027-8424 
_citation.journal_id_CSD            0040 
_citation.book_publisher            ? 
_citation.pdbx_database_id_PubMed   24567405 
_citation.pdbx_database_id_DOI      10.1073/pnas.1323928111 
# 
loop_
_citation_author.citation_id 
_citation_author.name 
_citation_author.ordinal 
_citation_author.identifier_ORCID 
primary 'Ishida, Y.'    1 ? 
primary 'Tsuchiya, W.'  2 ? 
primary 'Fujii, T.'     3 ? 
primary 'Fujimoto, Z.'  4 ? 
primary 'Miyazawa, M.'  5 ? 
primary 'Ishibashi, J.' 6 ? 
primary 'Matsuyama, S.' 7 ? 
primary 'Ishikawa, Y.'  8 ? 
primary 'Yamazaki, T.'  9 ? 
# 
loop_
_entity.id 
_entity.type 
_entity.src_method 
_entity.pdbx_description 
_entity.formula_weight 
_entity.pdbx_number_of_molecules 
_entity.pdbx_ec 
_entity.pdbx_mutation 
_entity.pdbx_fragment 
_entity.details 
1 polymer     man 'Niemann-Pick type C2 protein' 14927.394 1   ? ? ? ? 
2 non-polymer syn 'OLEIC ACID'                   282.461   1   ? ? ? ? 
3 water       nat water                          18.015    125 ? ? ? ? 
# 
_entity_poly.entity_id                      1 
_entity_poly.type                           'polypeptide(L)' 
_entity_poly.nstd_linkage                   no 
_entity_poly.nstd_monomer                   no 
_entity_poly.pdbx_seq_one_letter_code       
;FVFEDCGSEVGKFSDIIISSCDPSEEKCSIIRESEIHVSMKFTPSVDVKNVEAKAFGVLLDVPVPFPLKKPEICKDPDSG
VKCPLKKDVEIEYKVTFFVEKATPALSLEIMWEFRNEKDEKITCVKFPAKIK
;
_entity_poly.pdbx_seq_one_letter_code_can   
;FVFEDCGSEVGKFSDIIISSCDPSEEKCSIIRESEIHVSMKFTPSVDVKNVEAKAFGVLLDVPVPFPLKKPEICKDPDSG
VKCPLKKDVEIEYKVTFFVEKATPALSLEIMWEFRNEKDEKITCVKFPAKIK
;
_entity_poly.pdbx_strand_id                 A 
_entity_poly.pdbx_target_identifier         ? 
# 
loop_
_pdbx_entity_nonpoly.entity_id 
_pdbx_entity_nonpoly.name 
_pdbx_entity_nonpoly.comp_id 
2 'OLEIC ACID' OLA 
3 water        HOH 
# 
loop_
_entity_poly_seq.entity_id 
_entity_poly_seq.num 
_entity_poly_seq.mon_id 
_entity_poly_seq.hetero 
1 1   PHE n 
1 2   VAL n 
1 3   PHE n 
1 4   GLU n 
1 5   ASP n 
1 6   CYS n 
1 7   GLY n 
1 8   SER n 
1 9   GLU n 
1 10  VAL n 
1 11  GLY n 
1 12  LYS n 
1 13  PHE n 
1 14  SER n 
1 15  ASP n 
1 16  ILE n 
1 17  ILE n 
1 18  ILE n 
1 19  SER n 
1 20  SER n 
1 21  CYS n 
1 22  ASP n 
1 23  PRO n 
1 24  SER n 
1 25  GLU n 
1 26  GLU n 
1 27  LYS n 
1 28  CYS n 
1 29  SER n 
1 30  ILE n 
1 31  ILE n 
1 32  ARG n 
1 33  GLU n 
1 34  SER n 
1 35  GLU n 
1 36  ILE n 
1 37  HIS n 
1 38  VAL n 
1 39  SER n 
1 40  MET n 
1 41  LYS n 
1 42  PHE n 
1 43  THR n 
1 44  PRO n 
1 45  SER n 
1 46  VAL n 
1 47  ASP n 
1 48  VAL n 
1 49  LYS n 
1 50  ASN n 
1 51  VAL n 
1 52  GLU n 
1 53  ALA n 
1 54  LYS n 
1 55  ALA n 
1 56  PHE n 
1 57  GLY n 
1 58  VAL n 
1 59  LEU n 
1 60  LEU n 
1 61  ASP n 
1 62  VAL n 
1 63  PRO n 
1 64  VAL n 
1 65  PRO n 
1 66  PHE n 
1 67  PRO n 
1 68  LEU n 
1 69  LYS n 
1 70  LYS n 
1 71  PRO n 
1 72  GLU n 
1 73  ILE n 
1 74  CYS n 
1 75  LYS n 
1 76  ASP n 
1 77  PRO n 
1 78  ASP n 
1 79  SER n 
1 80  GLY n 
1 81  VAL n 
1 82  LYS n 
1 83  CYS n 
1 84  PRO n 
1 85  LEU n 
1 86  LYS n 
1 87  LYS n 
1 88  ASP n 
1 89  VAL n 
1 90  GLU n 
1 91  ILE n 
1 92  GLU n 
1 93  TYR n 
1 94  LYS n 
1 95  VAL n 
1 96  THR n 
1 97  PHE n 
1 98  PHE n 
1 99  VAL n 
1 100 GLU n 
1 101 LYS n 
1 102 ALA n 
1 103 THR n 
1 104 PRO n 
1 105 ALA n 
1 106 LEU n 
1 107 SER n 
1 108 LEU n 
1 109 GLU n 
1 110 ILE n 
1 111 MET n 
1 112 TRP n 
1 113 GLU n 
1 114 PHE n 
1 115 ARG n 
1 116 ASN n 
1 117 GLU n 
1 118 LYS n 
1 119 ASP n 
1 120 GLU n 
1 121 LYS n 
1 122 ILE n 
1 123 THR n 
1 124 CYS n 
1 125 VAL n 
1 126 LYS n 
1 127 PHE n 
1 128 PRO n 
1 129 ALA n 
1 130 LYS n 
1 131 ILE n 
1 132 LYS n 
# 
_entity_src_gen.entity_id                          1 
_entity_src_gen.pdbx_src_id                        1 
_entity_src_gen.pdbx_alt_source_flag               sample 
_entity_src_gen.pdbx_seq_type                      ? 
_entity_src_gen.pdbx_beg_seq_num                   ? 
_entity_src_gen.pdbx_end_seq_num                   ? 
_entity_src_gen.gene_src_common_name               ? 
_entity_src_gen.gene_src_genus                     ? 
_entity_src_gen.pdbx_gene_src_gene                 CjapNPC2 
_entity_src_gen.gene_src_species                   ? 
_entity_src_gen.gene_src_strain                    ? 
_entity_src_gen.gene_src_tissue                    ? 
_entity_src_gen.gene_src_tissue_fraction           ? 
_entity_src_gen.gene_src_details                   ? 
_entity_src_gen.pdbx_gene_src_fragment             ? 
_entity_src_gen.pdbx_gene_src_scientific_name      'Camponotus japonicus' 
_entity_src_gen.pdbx_gene_src_ncbi_taxonomy_id     84547 
_entity_src_gen.pdbx_gene_src_variant              ? 
_entity_src_gen.pdbx_gene_src_cell_line            ? 
_entity_src_gen.pdbx_gene_src_atcc                 ? 
_entity_src_gen.pdbx_gene_src_organ                ? 
_entity_src_gen.pdbx_gene_src_organelle            ? 
_entity_src_gen.pdbx_gene_src_cell                 ? 
_entity_src_gen.pdbx_gene_src_cellular_location    ? 
_entity_src_gen.host_org_common_name               ? 
_entity_src_gen.pdbx_host_org_scientific_name      'Escherichia coli' 
_entity_src_gen.pdbx_host_org_ncbi_taxonomy_id     562 
_entity_src_gen.host_org_genus                     ? 
_entity_src_gen.pdbx_host_org_gene                 ? 
_entity_src_gen.pdbx_host_org_organ                ? 
_entity_src_gen.host_org_species                   ? 
_entity_src_gen.pdbx_host_org_tissue               ? 
_entity_src_gen.pdbx_host_org_tissue_fraction      ? 
_entity_src_gen.pdbx_host_org_strain               'BL21(DE3)' 
_entity_src_gen.pdbx_host_org_variant              ? 
_entity_src_gen.pdbx_host_org_cell_line            ? 
_entity_src_gen.pdbx_host_org_atcc                 ? 
_entity_src_gen.pdbx_host_org_culture_collection   ? 
_entity_src_gen.pdbx_host_org_cell                 ? 
_entity_src_gen.pdbx_host_org_organelle            ? 
_entity_src_gen.pdbx_host_org_cellular_location    ? 
_entity_src_gen.pdbx_host_org_vector_type          PLASMID 
_entity_src_gen.pdbx_host_org_vector               ? 
_entity_src_gen.host_org_details                   ? 
_entity_src_gen.expression_system_id               ? 
_entity_src_gen.plasmid_name                       pET-22b 
_entity_src_gen.plasmid_details                    ? 
_entity_src_gen.pdbx_description                   ? 
# 
loop_
_chem_comp.id 
_chem_comp.type 
_chem_comp.mon_nstd_flag 
_chem_comp.name 
_chem_comp.pdbx_synonyms 
_chem_comp.formula 
_chem_comp.formula_weight 
ALA 'L-peptide linking' y ALANINE         ? 'C3 H7 N O2'     89.093  
ARG 'L-peptide linking' y ARGININE        ? 'C6 H15 N4 O2 1' 175.209 
ASN 'L-peptide linking' y ASPARAGINE      ? 'C4 H8 N2 O3'    132.118 
ASP 'L-peptide linking' y 'ASPARTIC ACID' ? 'C4 H7 N O4'     133.103 
CYS 'L-peptide linking' y CYSTEINE        ? 'C3 H7 N O2 S'   121.158 
GLU 'L-peptide linking' y 'GLUTAMIC ACID' ? 'C5 H9 N O4'     147.129 
GLY 'peptide linking'   y GLYCINE         ? 'C2 H5 N O2'     75.067  
HIS 'L-peptide linking' y HISTIDINE       ? 'C6 H10 N3 O2 1' 156.162 
HOH non-polymer         . WATER           ? 'H2 O'           18.015  
ILE 'L-peptide linking' y ISOLEUCINE      ? 'C6 H13 N O2'    131.173 
LEU 'L-peptide linking' y LEUCINE         ? 'C6 H13 N O2'    131.173 
LYS 'L-peptide linking' y LYSINE          ? 'C6 H15 N2 O2 1' 147.195 
MET 'L-peptide linking' y METHIONINE      ? 'C5 H11 N O2 S'  149.211 
OLA non-polymer         . 'OLEIC ACID'    ? 'C18 H34 O2'     282.461 
PHE 'L-peptide linking' y PHENYLALANINE   ? 'C9 H11 N O2'    165.189 
PRO 'L-peptide linking' y PROLINE         ? 'C5 H9 N O2'     115.130 
SER 'L-peptide linking' y SERINE          ? 'C3 H7 N O3'     105.093 
THR 'L-peptide linking' y THREONINE       ? 'C4 H9 N O3'     119.119 
TRP 'L-peptide linking' y TRYPTOPHAN      ? 'C11 H12 N2 O2'  204.225 
TYR 'L-peptide linking' y TYROSINE        ? 'C9 H11 N O3'    181.189 
VAL 'L-peptide linking' y VALINE          ? 'C5 H11 N O2'    117.146 
# 
loop_
_pdbx_poly_seq_scheme.asym_id 
_pdbx_poly_seq_scheme.entity_id 
_pdbx_poly_seq_scheme.seq_id 
_pdbx_poly_seq_scheme.mon_id 
_pdbx_poly_seq_scheme.ndb_seq_num 
_pdbx_poly_seq_scheme.pdb_seq_num 
_pdbx_poly_seq_scheme.auth_seq_num 
_pdbx_poly_seq_scheme.pdb_mon_id 
_pdbx_poly_seq_scheme.auth_mon_id 
_pdbx_poly_seq_scheme.pdb_strand_id 
_pdbx_poly_seq_scheme.pdb_ins_code 
_pdbx_poly_seq_scheme.hetero 
A 1 1   PHE 1   1   1   PHE PHE A . n 
A 1 2   VAL 2   2   2   VAL VAL A . n 
A 1 3   PHE 3   3   3   PHE PHE A . n 
A 1 4   GLU 4   4   4   GLU GLU A . n 
A 1 5   ASP 5   5   5   ASP ASP A . n 
A 1 6   CYS 6   6   6   CYS CYS A . n 
A 1 7   GLY 7   7   7   GLY GLY A . n 
A 1 8   SER 8   8   8   SER SER A . n 
A 1 9   GLU 9   9   9   GLU GLU A . n 
A 1 10  VAL 10  10  10  VAL VAL A . n 
A 1 11  GLY 11  11  11  GLY GLY A . n 
A 1 12  LYS 12  12  12  LYS LYS A . n 
A 1 13  PHE 13  13  13  PHE PHE A . n 
A 1 14  SER 14  14  14  SER SER A . n 
A 1 15  ASP 15  15  15  ASP ASP A . n 
A 1 16  ILE 16  16  16  ILE ILE A . n 
A 1 17  ILE 17  17  17  ILE ILE A . n 
A 1 18  ILE 18  18  18  ILE ILE A . n 
A 1 19  SER 19  19  19  SER SER A . n 
A 1 20  SER 20  20  20  SER SER A . n 
A 1 21  CYS 21  21  21  CYS CYS A . n 
A 1 22  ASP 22  22  22  ASP ASP A . n 
A 1 23  PRO 23  23  23  PRO PRO A . n 
A 1 24  SER 24  24  24  SER SER A . n 
A 1 25  GLU 25  25  25  GLU GLU A . n 
A 1 26  GLU 26  26  26  GLU GLU A . n 
A 1 27  LYS 27  27  27  LYS LYS A . n 
A 1 28  CYS 28  28  28  CYS CYS A . n 
A 1 29  SER 29  29  29  SER SER A . n 
A 1 30  ILE 30  30  30  ILE ILE A . n 
A 1 31  ILE 31  31  31  ILE ILE A . n 
A 1 32  ARG 32  32  32  ARG ARG A . n 
A 1 33  GLU 33  33  33  GLU GLU A . n 
A 1 34  SER 34  34  34  SER SER A . n 
A 1 35  GLU 35  35  35  GLU GLU A . n 
A 1 36  ILE 36  36  36  ILE ILE A . n 
A 1 37  HIS 37  37  37  HIS HIS A . n 
A 1 38  VAL 38  38  38  VAL VAL A . n 
A 1 39  SER 39  39  39  SER SER A . n 
A 1 40  MET 40  40  40  MET MET A . n 
A 1 41  LYS 41  41  41  LYS LYS A . n 
A 1 42  PHE 42  42  42  PHE PHE A . n 
A 1 43  THR 43  43  43  THR THR A . n 
A 1 44  PRO 44  44  44  PRO PRO A . n 
A 1 45  SER 45  45  45  SER SER A . n 
A 1 46  VAL 46  46  46  VAL VAL A . n 
A 1 47  ASP 47  47  47  ASP ASP A . n 
A 1 48  VAL 48  48  48  VAL VAL A . n 
A 1 49  LYS 49  49  49  LYS LYS A . n 
A 1 50  ASN 50  50  50  ASN ASN A . n 
A 1 51  VAL 51  51  51  VAL VAL A . n 
A 1 52  GLU 52  52  52  GLU GLU A . n 
A 1 53  ALA 53  53  53  ALA ALA A . n 
A 1 54  LYS 54  54  54  LYS LYS A . n 
A 1 55  ALA 55  55  55  ALA ALA A . n 
A 1 56  PHE 56  56  56  PHE PHE A . n 
A 1 57  GLY 57  57  57  GLY GLY A . n 
A 1 58  VAL 58  58  58  VAL VAL A . n 
A 1 59  LEU 59  59  59  LEU LEU A . n 
A 1 60  LEU 60  60  60  LEU LEU A . n 
A 1 61  ASP 61  61  61  ASP ASP A . n 
A 1 62  VAL 62  62  62  VAL VAL A . n 
A 1 63  PRO 63  63  63  PRO PRO A . n 
A 1 64  VAL 64  64  64  VAL VAL A . n 
A 1 65  PRO 65  65  65  PRO PRO A . n 
A 1 66  PHE 66  66  66  PHE PHE A . n 
A 1 67  PRO 67  67  67  PRO PRO A . n 
A 1 68  LEU 68  68  68  LEU LEU A . n 
A 1 69  LYS 69  69  69  LYS LYS A . n 
A 1 70  LYS 70  70  70  LYS LYS A . n 
A 1 71  PRO 71  71  71  PRO PRO A . n 
A 1 72  GLU 72  72  72  GLU GLU A . n 
A 1 73  ILE 73  73  73  ILE ILE A . n 
A 1 74  CYS 74  74  74  CYS CYS A . n 
A 1 75  LYS 75  75  75  LYS LYS A . n 
A 1 76  ASP 76  76  76  ASP ASP A . n 
A 1 77  PRO 77  77  77  PRO PRO A . n 
A 1 78  ASP 78  78  78  ASP ASP A . n 
A 1 79  SER 79  79  79  SER SER A . n 
A 1 80  GLY 80  80  80  GLY GLY A . n 
A 1 81  VAL 81  81  81  VAL VAL A . n 
A 1 82  LYS 82  82  82  LYS LYS A . n 
A 1 83  CYS 83  83  83  CYS CYS A . n 
A 1 84  PRO 84  84  84  PRO PRO A . n 
A 1 85  LEU 85  85  85  LEU LEU A . n 
A 1 86  LYS 86  86  86  LYS LYS A . n 
A 1 87  LYS 87  87  87  LYS LYS A . n 
A 1 88  ASP 88  88  88  ASP ASP A . n 
A 1 89  VAL 89  89  89  VAL VAL A . n 
A 1 90  GLU 90  90  90  GLU GLU A . n 
A 1 91  ILE 91  91  91  ILE ILE A . n 
A 1 92  GLU 92  92  92  GLU GLU A . n 
A 1 93  TYR 93  93  93  TYR TYR A . n 
A 1 94  LYS 94  94  94  LYS LYS A . n 
A 1 95  VAL 95  95  95  VAL VAL A . n 
A 1 96  THR 96  96  96  THR THR A . n 
A 1 97  PHE 97  97  97  PHE PHE A . n 
A 1 98  PHE 98  98  98  PHE PHE A . n 
A 1 99  VAL 99  99  99  VAL VAL A . n 
A 1 100 GLU 100 100 100 GLU GLU A . n 
A 1 101 LYS 101 101 101 LYS LYS A . n 
A 1 102 ALA 102 102 102 ALA ALA A . n 
A 1 103 THR 103 103 103 THR THR A . n 
A 1 104 PRO 104 104 104 PRO PRO A . n 
A 1 105 ALA 105 105 105 ALA ALA A . n 
A 1 106 LEU 106 106 106 LEU LEU A . n 
A 1 107 SER 107 107 107 SER SER A . n 
A 1 108 LEU 108 108 108 LEU LEU A . n 
A 1 109 GLU 109 109 109 GLU GLU A . n 
A 1 110 ILE 110 110 110 ILE ILE A . n 
A 1 111 MET 111 111 111 MET MET A . n 
A 1 112 TRP 112 112 112 TRP TRP A . n 
A 1 113 GLU 113 113 113 GLU GLU A . n 
A 1 114 PHE 114 114 114 PHE PHE A . n 
A 1 115 ARG 115 115 115 ARG ARG A . n 
A 1 116 ASN 116 116 116 ASN ASN A . n 
A 1 117 GLU 117 117 117 GLU GLU A . n 
A 1 118 LYS 118 118 118 LYS LYS A . n 
A 1 119 ASP 119 119 119 ASP ASP A . n 
A 1 120 GLU 120 120 120 GLU GLU A . n 
A 1 121 LYS 121 121 121 LYS LYS A . n 
A 1 122 ILE 122 122 122 ILE ILE A . n 
A 1 123 THR 123 123 123 THR THR A . n 
A 1 124 CYS 124 124 124 CYS CYS A . n 
A 1 125 VAL 125 125 125 VAL VAL A . n 
A 1 126 LYS 126 126 126 LYS LYS A . n 
A 1 127 PHE 127 127 127 PHE PHE A . n 
A 1 128 PRO 128 128 128 PRO PRO A . n 
A 1 129 ALA 129 129 129 ALA ALA A . n 
A 1 130 LYS 130 130 130 LYS LYS A . n 
A 1 131 ILE 131 131 131 ILE ILE A . n 
A 1 132 LYS 132 132 132 LYS LYS A . n 
# 
loop_
_pdbx_nonpoly_scheme.asym_id 
_pdbx_nonpoly_scheme.entity_id 
_pdbx_nonpoly_scheme.mon_id 
_pdbx_nonpoly_scheme.ndb_seq_num 
_pdbx_nonpoly_scheme.pdb_seq_num 
_pdbx_nonpoly_scheme.auth_seq_num 
_pdbx_nonpoly_scheme.pdb_mon_id 
_pdbx_nonpoly_scheme.auth_mon_id 
_pdbx_nonpoly_scheme.pdb_strand_id 
_pdbx_nonpoly_scheme.pdb_ins_code 
B 2 OLA 1   201 151 OLA OLA A . 
C 3 HOH 1   301 201 HOH HOH A . 
C 3 HOH 2   302 202 HOH HOH A . 
C 3 HOH 3   303 203 HOH HOH A . 
C 3 HOH 4   304 204 HOH HOH A . 
C 3 HOH 5   305 205 HOH HOH A . 
C 3 HOH 6   306 206 HOH HOH A . 
C 3 HOH 7   307 207 HOH HOH A . 
C 3 HOH 8   308 208 HOH HOH A . 
C 3 HOH 9   309 209 HOH HOH A . 
C 3 HOH 10  310 210 HOH HOH A . 
C 3 HOH 11  311 211 HOH HOH A . 
C 3 HOH 12  312 212 HOH HOH A . 
C 3 HOH 13  313 213 HOH HOH A . 
C 3 HOH 14  314 215 HOH HOH A . 
C 3 HOH 15  315 216 HOH HOH A . 
C 3 HOH 16  316 217 HOH HOH A . 
C 3 HOH 17  317 218 HOH HOH A . 
C 3 HOH 18  318 219 HOH HOH A . 
C 3 HOH 19  319 220 HOH HOH A . 
C 3 HOH 20  320 221 HOH HOH A . 
C 3 HOH 21  321 222 HOH HOH A . 
C 3 HOH 22  322 223 HOH HOH A . 
C 3 HOH 23  323 224 HOH HOH A . 
C 3 HOH 24  324 225 HOH HOH A . 
C 3 HOH 25  325 226 HOH HOH A . 
C 3 HOH 26  326 227 HOH HOH A . 
C 3 HOH 27  327 228 HOH HOH A . 
C 3 HOH 28  328 229 HOH HOH A . 
C 3 HOH 29  329 230 HOH HOH A . 
C 3 HOH 30  330 231 HOH HOH A . 
C 3 HOH 31  331 232 HOH HOH A . 
C 3 HOH 32  332 233 HOH HOH A . 
C 3 HOH 33  333 234 HOH HOH A . 
C 3 HOH 34  334 235 HOH HOH A . 
C 3 HOH 35  335 236 HOH HOH A . 
C 3 HOH 36  336 237 HOH HOH A . 
C 3 HOH 37  337 238 HOH HOH A . 
C 3 HOH 38  338 239 HOH HOH A . 
C 3 HOH 39  339 240 HOH HOH A . 
C 3 HOH 40  340 241 HOH HOH A . 
C 3 HOH 41  341 242 HOH HOH A . 
C 3 HOH 42  342 243 HOH HOH A . 
C 3 HOH 43  343 244 HOH HOH A . 
C 3 HOH 44  344 245 HOH HOH A . 
C 3 HOH 45  345 246 HOH HOH A . 
C 3 HOH 46  346 247 HOH HOH A . 
C 3 HOH 47  347 248 HOH HOH A . 
C 3 HOH 48  348 250 HOH HOH A . 
C 3 HOH 49  349 251 HOH HOH A . 
C 3 HOH 50  350 252 HOH HOH A . 
C 3 HOH 51  351 253 HOH HOH A . 
C 3 HOH 52  352 254 HOH HOH A . 
C 3 HOH 53  353 255 HOH HOH A . 
C 3 HOH 54  354 256 HOH HOH A . 
C 3 HOH 55  355 257 HOH HOH A . 
C 3 HOH 56  356 258 HOH HOH A . 
C 3 HOH 57  357 259 HOH HOH A . 
C 3 HOH 58  358 260 HOH HOH A . 
C 3 HOH 59  359 261 HOH HOH A . 
C 3 HOH 60  360 262 HOH HOH A . 
C 3 HOH 61  361 263 HOH HOH A . 
C 3 HOH 62  362 264 HOH HOH A . 
C 3 HOH 63  363 266 HOH HOH A . 
C 3 HOH 64  364 267 HOH HOH A . 
C 3 HOH 65  365 269 HOH HOH A . 
C 3 HOH 66  366 270 HOH HOH A . 
C 3 HOH 67  367 271 HOH HOH A . 
C 3 HOH 68  368 272 HOH HOH A . 
C 3 HOH 69  369 273 HOH HOH A . 
C 3 HOH 70  370 274 HOH HOH A . 
C 3 HOH 71  371 275 HOH HOH A . 
C 3 HOH 72  372 278 HOH HOH A . 
C 3 HOH 73  373 279 HOH HOH A . 
C 3 HOH 74  374 281 HOH HOH A . 
C 3 HOH 75  375 283 HOH HOH A . 
C 3 HOH 76  376 285 HOH HOH A . 
C 3 HOH 77  377 286 HOH HOH A . 
C 3 HOH 78  378 287 HOH HOH A . 
C 3 HOH 79  379 288 HOH HOH A . 
C 3 HOH 80  380 289 HOH HOH A . 
C 3 HOH 81  381 290 HOH HOH A . 
C 3 HOH 82  382 291 HOH HOH A . 
C 3 HOH 83  383 292 HOH HOH A . 
C 3 HOH 84  384 295 HOH HOH A . 
C 3 HOH 85  385 296 HOH HOH A . 
C 3 HOH 86  386 297 HOH HOH A . 
C 3 HOH 87  387 299 HOH HOH A . 
C 3 HOH 88  388 300 HOH HOH A . 
C 3 HOH 89  389 301 HOH HOH A . 
C 3 HOH 90  390 302 HOH HOH A . 
C 3 HOH 91  391 303 HOH HOH A . 
C 3 HOH 92  392 304 HOH HOH A . 
C 3 HOH 93  393 307 HOH HOH A . 
C 3 HOH 94  394 308 HOH HOH A . 
C 3 HOH 95  395 309 HOH HOH A . 
C 3 HOH 96  396 310 HOH HOH A . 
C 3 HOH 97  397 311 HOH HOH A . 
C 3 HOH 98  398 312 HOH HOH A . 
C 3 HOH 99  399 313 HOH HOH A . 
C 3 HOH 100 400 314 HOH HOH A . 
C 3 HOH 101 401 316 HOH HOH A . 
C 3 HOH 102 402 317 HOH HOH A . 
C 3 HOH 103 403 318 HOH HOH A . 
C 3 HOH 104 404 319 HOH HOH A . 
C 3 HOH 105 405 320 HOH HOH A . 
C 3 HOH 106 406 321 HOH HOH A . 
C 3 HOH 107 407 322 HOH HOH A . 
C 3 HOH 108 408 323 HOH HOH A . 
C 3 HOH 109 409 324 HOH HOH A . 
C 3 HOH 110 410 325 HOH HOH A . 
C 3 HOH 111 411 326 HOH HOH A . 
C 3 HOH 112 412 327 HOH HOH A . 
C 3 HOH 113 413 328 HOH HOH A . 
C 3 HOH 114 414 329 HOH HOH A . 
C 3 HOH 115 415 330 HOH HOH A . 
C 3 HOH 116 416 331 HOH HOH A . 
C 3 HOH 117 417 332 HOH HOH A . 
C 3 HOH 118 418 333 HOH HOH A . 
C 3 HOH 119 419 334 HOH HOH A . 
C 3 HOH 120 420 335 HOH HOH A . 
C 3 HOH 121 421 336 HOH HOH A . 
C 3 HOH 122 422 337 HOH HOH A . 
C 3 HOH 123 423 338 HOH HOH A . 
C 3 HOH 124 424 339 HOH HOH A . 
C 3 HOH 125 425 340 HOH HOH A . 
# 
loop_
_software.name 
_software.classification 
_software.version 
_software.citation_id 
_software.pdbx_ordinal 
SERGUI    'data collection' .        ? 1 
MOLREP    phasing           .        ? 2 
REFMAC    refinement        5.7.0029 ? 3 
HKL-2000  'data reduction'  .        ? 4 
SCALEPACK 'data scaling'    .        ? 5 
# 
_cell.entry_id           3WEB 
_cell.length_a           34.849 
_cell.length_b           103.177 
_cell.length_c           39.311 
_cell.angle_alpha        90.00 
_cell.angle_beta         90.00 
_cell.angle_gamma        90.00 
_cell.Z_PDB              4 
_cell.pdbx_unique_axis   ? 
_cell.length_a_esd       ? 
_cell.length_b_esd       ? 
_cell.length_c_esd       ? 
_cell.angle_alpha_esd    ? 
_cell.angle_beta_esd     ? 
_cell.angle_gamma_esd    ? 
# 
_symmetry.entry_id                         3WEB 
_symmetry.space_group_name_H-M             'P 21 21 2' 
_symmetry.pdbx_full_space_group_name_H-M   ? 
_symmetry.cell_setting                     ? 
_symmetry.Int_Tables_number                18 
_symmetry.space_group_name_Hall            ? 
# 
_exptl.entry_id          3WEB 
_exptl.method            'X-RAY DIFFRACTION' 
_exptl.crystals_number   1 
# 
_exptl_crystal.id                    1 
_exptl_crystal.density_meas          ? 
_exptl_crystal.density_Matthews      2.37 
_exptl_crystal.density_percent_sol   48.04 
_exptl_crystal.description           ? 
_exptl_crystal.F_000                 ? 
_exptl_crystal.preparation           ? 
# 
_exptl_crystal_grow.crystal_id      1 
_exptl_crystal_grow.method          'VAPOR DIFFUSION, SITTING DROP' 
_exptl_crystal_grow.temp            293 
_exptl_crystal_grow.temp_details    ? 
_exptl_crystal_grow.pH              7.5 
_exptl_crystal_grow.pdbx_details    
'25% (w/v) PEG 3350, 0.2mM sodium chloride, 0.1M HEPES buffer, pH 7.5, VAPOR DIFFUSION, SITTING DROP, temperature 293K' 
_exptl_crystal_grow.pdbx_pH_range   ? 
# 
_diffrn.id                     1 
_diffrn.ambient_temp           95 
_diffrn.ambient_temp_details   ? 
_diffrn.crystal_id             1 
# 
_diffrn_detector.diffrn_id              1 
_diffrn_detector.detector               CCD 
_diffrn_detector.type                   'ADSC QUANTUM 315r' 
_diffrn_detector.pdbx_collection_date   2011-12-16 
_diffrn_detector.details                ? 
# 
_diffrn_radiation.diffrn_id                        1 
_diffrn_radiation.wavelength_id                    1 
_diffrn_radiation.pdbx_monochromatic_or_laue_m_l   M 
_diffrn_radiation.monochromator                    'Numerical link type Si(111) double crystal monochromator' 
_diffrn_radiation.pdbx_diffrn_protocol             'SINGLE WAVELENGTH' 
_diffrn_radiation.pdbx_scattering_type             x-ray 
# 
_diffrn_radiation_wavelength.id           1 
_diffrn_radiation_wavelength.wavelength   1.0000 
_diffrn_radiation_wavelength.wt           1.0 
# 
_diffrn_source.diffrn_id                   1 
_diffrn_source.source                      SYNCHROTRON 
_diffrn_source.type                        'PHOTON FACTORY BEAMLINE BL-5A' 
_diffrn_source.pdbx_synchrotron_site       'Photon Factory' 
_diffrn_source.pdbx_synchrotron_beamline   BL-5A 
_diffrn_source.pdbx_wavelength             ? 
_diffrn_source.pdbx_wavelength_list        1.0000 
# 
_reflns.entry_id                     3WEB 
_reflns.observed_criterion_sigma_I   -3 
_reflns.observed_criterion_sigma_F   0 
_reflns.d_resolution_low             31.268 
_reflns.d_resolution_high            1.70 
_reflns.number_obs                   16234 
_reflns.number_all                   ? 
_reflns.percent_possible_obs         99.9 
_reflns.pdbx_Rmerge_I_obs            ? 
_reflns.pdbx_Rsym_value              0.106 
_reflns.pdbx_netI_over_sigmaI        16.3 
_reflns.B_iso_Wilson_estimate        16.308 
_reflns.pdbx_redundancy              13.6 
_reflns.R_free_details               ? 
_reflns.limit_h_max                  ? 
_reflns.limit_h_min                  ? 
_reflns.limit_k_max                  ? 
_reflns.limit_k_min                  ? 
_reflns.limit_l_max                  ? 
_reflns.limit_l_min                  ? 
_reflns.observed_criterion_F_max     ? 
_reflns.observed_criterion_F_min     ? 
_reflns.pdbx_chi_squared             ? 
_reflns.pdbx_scaling_rejects         ? 
_reflns.pdbx_ordinal                 1 
_reflns.pdbx_diffrn_id               1 
# 
_reflns_shell.d_res_high                  1.70 
_reflns_shell.d_res_low                   1.76 
_reflns_shell.percent_possible_all        100 
_reflns_shell.Rmerge_I_obs                ? 
_reflns_shell.pdbx_Rsym_value             0.443 
_reflns_shell.meanI_over_sigI_obs         8.2 
_reflns_shell.pdbx_redundancy             13.6 
_reflns_shell.percent_possible_obs        ? 
_reflns_shell.number_unique_all           1576 
_reflns_shell.number_measured_all         ? 
_reflns_shell.number_measured_obs         ? 
_reflns_shell.number_unique_obs           ? 
_reflns_shell.pdbx_chi_squared            ? 
_reflns_shell.pdbx_rejects                ? 
_reflns_shell.pdbx_netI_over_sigmaI_obs   ? 
_reflns_shell.number_possible             ? 
_reflns_shell.Rmerge_F_all                ? 
_reflns_shell.Rmerge_F_obs                ? 
_reflns_shell.Rmerge_I_all                ? 
_reflns_shell.meanI_over_sigI_all         ? 
_reflns_shell.pdbx_Rrim_I_all             ? 
_reflns_shell.pdbx_Rpim_I_all             ? 
_reflns_shell.pdbx_ordinal                1 
_reflns_shell.pdbx_diffrn_id              1 
# 
_refine.entry_id                                 3WEB 
_refine.ls_number_reflns_obs                     15380 
_refine.ls_number_reflns_all                     ? 
_refine.pdbx_ls_sigma_I                          ? 
_refine.pdbx_ls_sigma_F                          ? 
_refine.pdbx_data_cutoff_high_absF               ? 
_refine.pdbx_data_cutoff_low_absF                ? 
_refine.pdbx_data_cutoff_high_rms_absF           ? 
_refine.ls_d_res_low                             31.268 
_refine.ls_d_res_high                            1.70 
_refine.ls_percent_reflns_obs                    99.53 
_refine.ls_R_factor_obs                          0.21863 
_refine.ls_R_factor_all                          ? 
_refine.ls_R_factor_R_work                       0.21616 
_refine.ls_R_factor_R_free                       0.26662 
_refine.ls_R_factor_R_free_error                 ? 
_refine.ls_R_factor_R_free_error_details         ? 
_refine.ls_percent_reflns_R_free                 5.0 
_refine.ls_number_reflns_R_free                  814 
_refine.ls_number_parameters                     ? 
_refine.ls_number_restraints                     ? 
_refine.occupancy_min                            ? 
_refine.occupancy_max                            ? 
_refine.correlation_coeff_Fo_to_Fc               0.939 
_refine.correlation_coeff_Fo_to_Fc_free          0.915 
_refine.B_iso_mean                               22.268 
_refine.aniso_B[1][1]                            -0.30 
_refine.aniso_B[2][2]                            1.08 
_refine.aniso_B[3][3]                            -0.77 
_refine.aniso_B[1][2]                            0.00 
_refine.aniso_B[1][3]                            0.00 
_refine.aniso_B[2][3]                            0.00 
_refine.solvent_model_details                    MASK 
_refine.solvent_model_param_ksol                 ? 
_refine.solvent_model_param_bsol                 ? 
_refine.pdbx_solvent_vdw_probe_radii             1.20 
_refine.pdbx_solvent_ion_probe_radii             0.80 
_refine.pdbx_solvent_shrinkage_radii             0.80 
_refine.pdbx_ls_cross_valid_method               THROUGHOUT 
_refine.details                                  'HYDROGENS HAVE BEEN USED IF PRESENT IN THE INPUT' 
_refine.pdbx_starting_model                      'PDB ENTRY 3WEA' 
_refine.pdbx_method_to_determine_struct          'MOLECULAR REPLACEMENT' 
_refine.pdbx_isotropic_thermal_model             ? 
_refine.pdbx_stereochemistry_target_values       'MAXIMUM LIKELIHOOD' 
_refine.pdbx_stereochem_target_val_spec_case     ? 
_refine.pdbx_R_Free_selection_details            RANDOM 
_refine.pdbx_overall_ESU_R                       0.125 
_refine.pdbx_overall_ESU_R_Free                  0.128 
_refine.overall_SU_ML                            0.085 
_refine.pdbx_overall_phase_error                 ? 
_refine.overall_SU_B                             2.480 
_refine.overall_SU_R_Cruickshank_DPI             ? 
_refine.ls_redundancy_reflns_obs                 ? 
_refine.B_iso_min                                ? 
_refine.B_iso_max                                ? 
_refine.overall_SU_R_free                        ? 
_refine.ls_wR_factor_R_free                      ? 
_refine.ls_wR_factor_R_work                      ? 
_refine.overall_FOM_free_R_set                   ? 
_refine.overall_FOM_work_R_set                   ? 
_refine.pdbx_diffrn_id                           1 
_refine.pdbx_refine_id                           'X-RAY DIFFRACTION' 
_refine.pdbx_TLS_residual_ADP_flag               ? 
_refine.pdbx_overall_SU_R_free_Cruickshank_DPI   ? 
_refine.pdbx_overall_SU_R_Blow_DPI               ? 
_refine.pdbx_overall_SU_R_free_Blow_DPI          ? 
# 
_refine_analyze.entry_id                        3WEB 
_refine_analyze.Luzzati_coordinate_error_obs    0.125 
_refine_analyze.Luzzati_sigma_a_obs             ? 
_refine_analyze.Luzzati_d_res_low_obs           ? 
_refine_analyze.Luzzati_coordinate_error_free   0.128 
_refine_analyze.Luzzati_sigma_a_free            ? 
_refine_analyze.Luzzati_d_res_low_free          ? 
_refine_analyze.number_disordered_residues      ? 
_refine_analyze.occupancy_sum_hydrogen          ? 
_refine_analyze.occupancy_sum_non_hydrogen      ? 
_refine_analyze.pdbx_Luzzati_d_res_high_obs     ? 
_refine_analyze.pdbx_refine_id                  'X-RAY DIFFRACTION' 
# 
_refine_hist.pdbx_refine_id                   'X-RAY DIFFRACTION' 
_refine_hist.cycle_id                         LAST 
_refine_hist.pdbx_number_atoms_protein        1045 
_refine_hist.pdbx_number_atoms_nucleic_acid   0 
_refine_hist.pdbx_number_atoms_ligand         20 
_refine_hist.number_atoms_solvent             125 
_refine_hist.number_atoms_total               1190 
_refine_hist.d_res_high                       1.70 
_refine_hist.d_res_low                        31.268 
# 
loop_
_refine_ls_restr.type 
_refine_ls_restr.dev_ideal 
_refine_ls_restr.dev_ideal_target 
_refine_ls_restr.weight 
_refine_ls_restr.number 
_refine_ls_restr.pdbx_restraint_function 
_refine_ls_restr.pdbx_refine_id 
r_bond_refined_d       0.006  0.020  ? 1090 ? 'X-RAY DIFFRACTION' 
r_angle_refined_deg    1.140  2.008  ? 1465 ? 'X-RAY DIFFRACTION' 
r_dihedral_angle_1_deg 5.574  5.000  ? 131  ? 'X-RAY DIFFRACTION' 
r_dihedral_angle_2_deg 42.287 25.854 ? 41   ? 'X-RAY DIFFRACTION' 
r_dihedral_angle_3_deg 12.053 15.000 ? 207  ? 'X-RAY DIFFRACTION' 
r_dihedral_angle_4_deg 6.997  15.000 ? 2    ? 'X-RAY DIFFRACTION' 
r_chiral_restr         0.075  0.200  ? 163  ? 'X-RAY DIFFRACTION' 
r_gen_planes_refined   0.005  0.022  ? 784  ? 'X-RAY DIFFRACTION' 
# 
_refine_ls_shell.pdbx_refine_id                   'X-RAY DIFFRACTION' 
_refine_ls_shell.pdbx_total_number_of_bins_used   20 
_refine_ls_shell.d_res_high                       1.700 
_refine_ls_shell.d_res_low                        1.744 
_refine_ls_shell.number_reflns_R_work             1058 
_refine_ls_shell.R_factor_R_work                  0.257 
_refine_ls_shell.percent_reflns_obs               94.62 
_refine_ls_shell.R_factor_R_free                  0.255 
_refine_ls_shell.R_factor_R_free_error            ? 
_refine_ls_shell.percent_reflns_R_free            ? 
_refine_ls_shell.number_reflns_R_free             67 
_refine_ls_shell.number_reflns_all                ? 
_refine_ls_shell.R_factor_all                     ? 
_refine_ls_shell.number_reflns_obs                ? 
_refine_ls_shell.redundancy_reflns_obs            ? 
# 
_struct.entry_id                  3WEB 
_struct.title                     
'Crystal structure of a Niemann-Pick type C2 protein from Japanese carpenter ant in complex with oleic acid' 
_struct.pdbx_model_details        ? 
_struct.pdbx_CASP_flag            ? 
_struct.pdbx_model_type_details   ? 
# 
_struct_keywords.entry_id        3WEB 
_struct_keywords.pdbx_keywords   'LIPID BINDING PROTEIN' 
_struct_keywords.text            'immunoglobulin-like beta-sandwich fold, carrier protein, Oleic acid, LIPID BINDING PROTEIN' 
# 
loop_
_struct_asym.id 
_struct_asym.pdbx_blank_PDB_chainid_flag 
_struct_asym.pdbx_modified 
_struct_asym.entity_id 
_struct_asym.details 
A N N 1 ? 
B N N 2 ? 
C N N 3 ? 
# 
_struct_ref.id                         1 
_struct_ref.db_name                    PDB 
_struct_ref.db_code                    3WEB 
_struct_ref.pdbx_db_accession          3WEB 
_struct_ref.entity_id                  1 
_struct_ref.pdbx_align_begin           ? 
_struct_ref.pdbx_seq_one_letter_code   ? 
_struct_ref.pdbx_db_isoform            ? 
# 
_struct_ref_seq.align_id                      1 
_struct_ref_seq.ref_id                        1 
_struct_ref_seq.pdbx_PDB_id_code              3WEB 
_struct_ref_seq.pdbx_strand_id                A 
_struct_ref_seq.seq_align_beg                 1 
_struct_ref_seq.pdbx_seq_align_beg_ins_code   ? 
_struct_ref_seq.seq_align_end                 132 
_struct_ref_seq.pdbx_seq_align_end_ins_code   ? 
_struct_ref_seq.pdbx_db_accession             3WEB 
_struct_ref_seq.db_align_beg                  1 
_struct_ref_seq.pdbx_db_align_beg_ins_code    ? 
_struct_ref_seq.db_align_end                  132 
_struct_ref_seq.pdbx_db_align_end_ins_code    ? 
_struct_ref_seq.pdbx_auth_seq_align_beg       1 
_struct_ref_seq.pdbx_auth_seq_align_end       132 
# 
_pdbx_struct_assembly.id                   1 
_pdbx_struct_assembly.details              author_and_software_defined_assembly 
_pdbx_struct_assembly.method_details       PISA 
_pdbx_struct_assembly.oligomeric_details   monomeric 
_pdbx_struct_assembly.oligomeric_count     1 
# 
_pdbx_struct_assembly_gen.assembly_id       1 
_pdbx_struct_assembly_gen.oper_expression   1 
_pdbx_struct_assembly_gen.asym_id_list      A,B,C 
# 
_pdbx_struct_oper_list.id                   1 
_pdbx_struct_oper_list.type                 'identity operation' 
_pdbx_struct_oper_list.name                 1_555 
_pdbx_struct_oper_list.symmetry_operation   x,y,z 
_pdbx_struct_oper_list.matrix[1][1]         1.0000000000 
_pdbx_struct_oper_list.matrix[1][2]         0.0000000000 
_pdbx_struct_oper_list.matrix[1][3]         0.0000000000 
_pdbx_struct_oper_list.vector[1]            0.0000000000 
_pdbx_struct_oper_list.matrix[2][1]         0.0000000000 
_pdbx_struct_oper_list.matrix[2][2]         1.0000000000 
_pdbx_struct_oper_list.matrix[2][3]         0.0000000000 
_pdbx_struct_oper_list.vector[2]            0.0000000000 
_pdbx_struct_oper_list.matrix[3][1]         0.0000000000 
_pdbx_struct_oper_list.matrix[3][2]         0.0000000000 
_pdbx_struct_oper_list.matrix[3][3]         1.0000000000 
_pdbx_struct_oper_list.vector[3]            0.0000000000 
# 
_struct_biol.id        1 
_struct_biol.details   ? 
# 
_struct_conf.conf_type_id            HELX_P 
_struct_conf.id                      HELX_P1 
_struct_conf.pdbx_PDB_helix_id       1 
_struct_conf.beg_label_comp_id       GLU 
_struct_conf.beg_label_asym_id       A 
_struct_conf.beg_label_seq_id        72 
_struct_conf.pdbx_beg_PDB_ins_code   ? 
_struct_conf.end_label_comp_id       ASP 
_struct_conf.end_label_asym_id       A 
_struct_conf.end_label_seq_id        76 
_struct_conf.pdbx_end_PDB_ins_code   ? 
_struct_conf.beg_auth_comp_id        GLU 
_struct_conf.beg_auth_asym_id        A 
_struct_conf.beg_auth_seq_id         72 
_struct_conf.end_auth_comp_id        ASP 
_struct_conf.end_auth_asym_id        A 
_struct_conf.end_auth_seq_id         76 
_struct_conf.pdbx_PDB_helix_class    5 
_struct_conf.details                 ? 
_struct_conf.pdbx_PDB_helix_length   5 
# 
_struct_conf_type.id          HELX_P 
_struct_conf_type.criteria    ? 
_struct_conf_type.reference   ? 
# 
loop_
_struct_conn.id 
_struct_conn.conn_type_id 
_struct_conn.pdbx_leaving_atom_flag 
_struct_conn.pdbx_PDB_id 
_struct_conn.ptnr1_label_asym_id 
_struct_conn.ptnr1_label_comp_id 
_struct_conn.ptnr1_label_seq_id 
_struct_conn.ptnr1_label_atom_id 
_struct_conn.pdbx_ptnr1_label_alt_id 
_struct_conn.pdbx_ptnr1_PDB_ins_code 
_struct_conn.pdbx_ptnr1_standard_comp_id 
_struct_conn.ptnr1_symmetry 
_struct_conn.ptnr2_label_asym_id 
_struct_conn.ptnr2_label_comp_id 
_struct_conn.ptnr2_label_seq_id 
_struct_conn.ptnr2_label_atom_id 
_struct_conn.pdbx_ptnr2_label_alt_id 
_struct_conn.pdbx_ptnr2_PDB_ins_code 
_struct_conn.ptnr1_auth_asym_id 
_struct_conn.ptnr1_auth_comp_id 
_struct_conn.ptnr1_auth_seq_id 
_struct_conn.ptnr2_auth_asym_id 
_struct_conn.ptnr2_auth_comp_id 
_struct_conn.ptnr2_auth_seq_id 
_struct_conn.ptnr2_symmetry 
_struct_conn.pdbx_ptnr3_label_atom_id 
_struct_conn.pdbx_ptnr3_label_seq_id 
_struct_conn.pdbx_ptnr3_label_comp_id 
_struct_conn.pdbx_ptnr3_label_asym_id 
_struct_conn.pdbx_ptnr3_label_alt_id 
_struct_conn.pdbx_ptnr3_PDB_ins_code 
_struct_conn.details 
_struct_conn.pdbx_dist_value 
_struct_conn.pdbx_value_order 
_struct_conn.pdbx_role 
disulf1 disulf ? ? A CYS 6  SG ? ? ? 1_555 A CYS 124 SG ? ? A CYS 6  A CYS 124 1_555 ? ? ? ? ? ? ? 2.043 ? ? 
disulf2 disulf ? ? A CYS 21 SG ? ? ? 1_555 A CYS 28  SG ? ? A CYS 21 A CYS 28  1_555 ? ? ? ? ? ? ? 2.056 ? ? 
disulf3 disulf ? ? A CYS 74 SG ? ? ? 1_555 A CYS 83  SG ? ? A CYS 74 A CYS 83  1_555 ? ? ? ? ? ? ? 2.029 ? ? 
# 
_struct_conn_type.id          disulf 
_struct_conn_type.criteria    ? 
_struct_conn_type.reference   ? 
# 
loop_
_pdbx_modification_feature.ordinal 
_pdbx_modification_feature.label_comp_id 
_pdbx_modification_feature.label_asym_id 
_pdbx_modification_feature.label_seq_id 
_pdbx_modification_feature.label_alt_id 
_pdbx_modification_feature.modified_residue_label_comp_id 
_pdbx_modification_feature.modified_residue_label_asym_id 
_pdbx_modification_feature.modified_residue_label_seq_id 
_pdbx_modification_feature.modified_residue_label_alt_id 
_pdbx_modification_feature.auth_comp_id 
_pdbx_modification_feature.auth_asym_id 
_pdbx_modification_feature.auth_seq_id 
_pdbx_modification_feature.PDB_ins_code 
_pdbx_modification_feature.symmetry 
_pdbx_modification_feature.modified_residue_auth_comp_id 
_pdbx_modification_feature.modified_residue_auth_asym_id 
_pdbx_modification_feature.modified_residue_auth_seq_id 
_pdbx_modification_feature.modified_residue_PDB_ins_code 
_pdbx_modification_feature.modified_residue_symmetry 
_pdbx_modification_feature.comp_id_linking_atom 
_pdbx_modification_feature.modified_residue_id_linking_atom 
_pdbx_modification_feature.modified_residue_id 
_pdbx_modification_feature.ref_pcm_id 
_pdbx_modification_feature.ref_comp_id 
_pdbx_modification_feature.type 
_pdbx_modification_feature.category 
1 CYS A 6  ? CYS A 124 ? CYS A 6  ? 1_555 CYS A 124 ? 1_555 SG SG . . . None 'Disulfide bridge' 
2 CYS A 21 ? CYS A 28  ? CYS A 21 ? 1_555 CYS A 28  ? 1_555 SG SG . . . None 'Disulfide bridge' 
3 CYS A 74 ? CYS A 83  ? CYS A 74 ? 1_555 CYS A 83  ? 1_555 SG SG . . . None 'Disulfide bridge' 
# 
_struct_mon_prot_cis.pdbx_id                1 
_struct_mon_prot_cis.label_comp_id          CYS 
_struct_mon_prot_cis.label_seq_id           83 
_struct_mon_prot_cis.label_asym_id          A 
_struct_mon_prot_cis.label_alt_id           . 
_struct_mon_prot_cis.pdbx_PDB_ins_code      ? 
_struct_mon_prot_cis.auth_comp_id           CYS 
_struct_mon_prot_cis.auth_seq_id            83 
_struct_mon_prot_cis.auth_asym_id           A 
_struct_mon_prot_cis.pdbx_label_comp_id_2   PRO 
_struct_mon_prot_cis.pdbx_label_seq_id_2    84 
_struct_mon_prot_cis.pdbx_label_asym_id_2   A 
_struct_mon_prot_cis.pdbx_PDB_ins_code_2    ? 
_struct_mon_prot_cis.pdbx_auth_comp_id_2    PRO 
_struct_mon_prot_cis.pdbx_auth_seq_id_2     84 
_struct_mon_prot_cis.pdbx_auth_asym_id_2    A 
_struct_mon_prot_cis.pdbx_PDB_model_num     1 
_struct_mon_prot_cis.pdbx_omega_angle       -0.68 
# 
loop_
_struct_sheet.id 
_struct_sheet.type 
_struct_sheet.number_strands 
_struct_sheet.details 
A ? 3 ? 
B ? 5 ? 
C ? 3 ? 
# 
loop_
_struct_sheet_order.sheet_id 
_struct_sheet_order.range_id_1 
_struct_sheet_order.range_id_2 
_struct_sheet_order.offset 
_struct_sheet_order.sense 
A 1 2 ? anti-parallel 
A 2 3 ? parallel      
B 1 2 ? anti-parallel 
B 2 3 ? anti-parallel 
B 3 4 ? anti-parallel 
B 4 5 ? anti-parallel 
C 1 2 ? anti-parallel 
C 2 3 ? anti-parallel 
# 
loop_
_struct_sheet_range.sheet_id 
_struct_sheet_range.id 
_struct_sheet_range.beg_label_comp_id 
_struct_sheet_range.beg_label_asym_id 
_struct_sheet_range.beg_label_seq_id 
_struct_sheet_range.pdbx_beg_PDB_ins_code 
_struct_sheet_range.end_label_comp_id 
_struct_sheet_range.end_label_asym_id 
_struct_sheet_range.end_label_seq_id 
_struct_sheet_range.pdbx_end_PDB_ins_code 
_struct_sheet_range.beg_auth_comp_id 
_struct_sheet_range.beg_auth_asym_id 
_struct_sheet_range.beg_auth_seq_id 
_struct_sheet_range.end_auth_comp_id 
_struct_sheet_range.end_auth_asym_id 
_struct_sheet_range.end_auth_seq_id 
A 1 GLU A 4   ? ASP A 5   ? GLU A 4   ASP A 5   
A 2 LYS A 121 ? LYS A 132 ? LYS A 121 LYS A 132 
A 3 CYS A 28  ? ILE A 31  ? CYS A 28  ILE A 31  
B 1 GLU A 4   ? ASP A 5   ? GLU A 4   ASP A 5   
B 2 LYS A 121 ? LYS A 132 ? LYS A 121 LYS A 132 
B 3 SER A 107 ? ASN A 116 ? SER A 107 ASN A 116 
B 4 VAL A 51  ? LEU A 59  ? VAL A 51  LEU A 59  
B 5 VAL A 62  ? PHE A 66  ? VAL A 62  PHE A 66  
C 1 GLY A 11  ? ILE A 18  ? GLY A 11  ILE A 18  
C 2 SER A 34  ? PRO A 44  ? SER A 34  PRO A 44  
C 3 ILE A 91  ? VAL A 99  ? ILE A 91  VAL A 99  
# 
loop_
_pdbx_struct_sheet_hbond.sheet_id 
_pdbx_struct_sheet_hbond.range_id_1 
_pdbx_struct_sheet_hbond.range_id_2 
_pdbx_struct_sheet_hbond.range_1_label_atom_id 
_pdbx_struct_sheet_hbond.range_1_label_comp_id 
_pdbx_struct_sheet_hbond.range_1_label_asym_id 
_pdbx_struct_sheet_hbond.range_1_label_seq_id 
_pdbx_struct_sheet_hbond.range_1_PDB_ins_code 
_pdbx_struct_sheet_hbond.range_1_auth_atom_id 
_pdbx_struct_sheet_hbond.range_1_auth_comp_id 
_pdbx_struct_sheet_hbond.range_1_auth_asym_id 
_pdbx_struct_sheet_hbond.range_1_auth_seq_id 
_pdbx_struct_sheet_hbond.range_2_label_atom_id 
_pdbx_struct_sheet_hbond.range_2_label_comp_id 
_pdbx_struct_sheet_hbond.range_2_label_asym_id 
_pdbx_struct_sheet_hbond.range_2_label_seq_id 
_pdbx_struct_sheet_hbond.range_2_PDB_ins_code 
_pdbx_struct_sheet_hbond.range_2_auth_atom_id 
_pdbx_struct_sheet_hbond.range_2_auth_comp_id 
_pdbx_struct_sheet_hbond.range_2_auth_asym_id 
_pdbx_struct_sheet_hbond.range_2_auth_seq_id 
A 1 2 N GLU A 4   ? N GLU A 4   O LYS A 126 ? O LYS A 126 
A 2 3 O PRO A 128 ? O PRO A 128 N CYS A 28  ? N CYS A 28  
B 1 2 N GLU A 4   ? N GLU A 4   O LYS A 126 ? O LYS A 126 
B 2 3 O PHE A 127 ? O PHE A 127 N ILE A 110 ? N ILE A 110 
B 3 4 O GLU A 113 ? O GLU A 113 N LYS A 54  ? N LYS A 54  
B 4 5 N GLY A 57  ? N GLY A 57  O VAL A 64  ? O VAL A 64  
C 1 2 N SER A 14  ? N SER A 14  O LYS A 41  ? O LYS A 41  
C 2 3 N ILE A 36  ? N ILE A 36  O PHE A 97  ? O PHE A 97  
# 
_struct_site.id                   AC1 
_struct_site.pdbx_evidence_code   Software 
_struct_site.pdbx_auth_asym_id    A 
_struct_site.pdbx_auth_comp_id    OLA 
_struct_site.pdbx_auth_seq_id     201 
_struct_site.pdbx_auth_ins_code   ? 
_struct_site.pdbx_num_residues    6 
_struct_site.details              'BINDING SITE FOR RESIDUE OLA A 201' 
# 
loop_
_struct_site_gen.id 
_struct_site_gen.site_id 
_struct_site_gen.pdbx_num_res 
_struct_site_gen.label_comp_id 
_struct_site_gen.label_asym_id 
_struct_site_gen.label_seq_id 
_struct_site_gen.pdbx_auth_ins_code 
_struct_site_gen.auth_comp_id 
_struct_site_gen.auth_asym_id 
_struct_site_gen.auth_seq_id 
_struct_site_gen.label_atom_id 
_struct_site_gen.label_alt_id 
_struct_site_gen.symmetry 
_struct_site_gen.details 
1 AC1 6 LEU A 68  ? LEU A 68  . ? 1_555 ? 
2 AC1 6 LYS A 69  ? LYS A 69  . ? 1_555 ? 
3 AC1 6 LYS A 70  ? LYS A 70  . ? 1_555 ? 
4 AC1 6 PHE A 97  ? PHE A 97  . ? 1_555 ? 
5 AC1 6 PHE A 127 ? PHE A 127 . ? 1_555 ? 
6 AC1 6 HOH C .   ? HOH A 354 . ? 1_555 ? 
# 
_pdbx_entry_details.entry_id                   3WEB 
_pdbx_entry_details.nonpolymer_details         ? 
_pdbx_entry_details.sequence_details           
'THE SEQUENCE OF THIS PROTEIN WAS NOT AVAILABLE AT THE UNIPROT KNOWLEDGEBASE DATABASE (UNIPROTKB) AT THE TIME OF DEPOSITION.' 
_pdbx_entry_details.compound_details           ? 
_pdbx_entry_details.source_details             ? 
_pdbx_entry_details.has_ligand_of_interest     ? 
_pdbx_entry_details.has_protein_modification   Y 
# 
loop_
_chem_comp_atom.comp_id 
_chem_comp_atom.atom_id 
_chem_comp_atom.type_symbol 
_chem_comp_atom.pdbx_aromatic_flag 
_chem_comp_atom.pdbx_stereo_config 
_chem_comp_atom.pdbx_ordinal 
ALA N    N N N 1   
ALA CA   C N S 2   
ALA C    C N N 3   
ALA O    O N N 4   
ALA CB   C N N 5   
ALA OXT  O N N 6   
ALA H    H N N 7   
ALA H2   H N N 8   
ALA HA   H N N 9   
ALA HB1  H N N 10  
ALA HB2  H N N 11  
ALA HB3  H N N 12  
ALA HXT  H N N 13  
ARG N    N N N 14  
ARG CA   C N S 15  
ARG C    C N N 16  
ARG O    O N N 17  
ARG CB   C N N 18  
ARG CG   C N N 19  
ARG CD   C N N 20  
ARG NE   N N N 21  
ARG CZ   C N N 22  
ARG NH1  N N N 23  
ARG NH2  N N N 24  
ARG OXT  O N N 25  
ARG H    H N N 26  
ARG H2   H N N 27  
ARG HA   H N N 28  
ARG HB2  H N N 29  
ARG HB3  H N N 30  
ARG HG2  H N N 31  
ARG HG3  H N N 32  
ARG HD2  H N N 33  
ARG HD3  H N N 34  
ARG HE   H N N 35  
ARG HH11 H N N 36  
ARG HH12 H N N 37  
ARG HH21 H N N 38  
ARG HH22 H N N 39  
ARG HXT  H N N 40  
ASN N    N N N 41  
ASN CA   C N S 42  
ASN C    C N N 43  
ASN O    O N N 44  
ASN CB   C N N 45  
ASN CG   C N N 46  
ASN OD1  O N N 47  
ASN ND2  N N N 48  
ASN OXT  O N N 49  
ASN H    H N N 50  
ASN H2   H N N 51  
ASN HA   H N N 52  
ASN HB2  H N N 53  
ASN HB3  H N N 54  
ASN HD21 H N N 55  
ASN HD22 H N N 56  
ASN HXT  H N N 57  
ASP N    N N N 58  
ASP CA   C N S 59  
ASP C    C N N 60  
ASP O    O N N 61  
ASP CB   C N N 62  
ASP CG   C N N 63  
ASP OD1  O N N 64  
ASP OD2  O N N 65  
ASP OXT  O N N 66  
ASP H    H N N 67  
ASP H2   H N N 68  
ASP HA   H N N 69  
ASP HB2  H N N 70  
ASP HB3  H N N 71  
ASP HD2  H N N 72  
ASP HXT  H N N 73  
CYS N    N N N 74  
CYS CA   C N R 75  
CYS C    C N N 76  
CYS O    O N N 77  
CYS CB   C N N 78  
CYS SG   S N N 79  
CYS OXT  O N N 80  
CYS H    H N N 81  
CYS H2   H N N 82  
CYS HA   H N N 83  
CYS HB2  H N N 84  
CYS HB3  H N N 85  
CYS HG   H N N 86  
CYS HXT  H N N 87  
GLU N    N N N 88  
GLU CA   C N S 89  
GLU C    C N N 90  
GLU O    O N N 91  
GLU CB   C N N 92  
GLU CG   C N N 93  
GLU CD   C N N 94  
GLU OE1  O N N 95  
GLU OE2  O N N 96  
GLU OXT  O N N 97  
GLU H    H N N 98  
GLU H2   H N N 99  
GLU HA   H N N 100 
GLU HB2  H N N 101 
GLU HB3  H N N 102 
GLU HG2  H N N 103 
GLU HG3  H N N 104 
GLU HE2  H N N 105 
GLU HXT  H N N 106 
GLY N    N N N 107 
GLY CA   C N N 108 
GLY C    C N N 109 
GLY O    O N N 110 
GLY OXT  O N N 111 
GLY H    H N N 112 
GLY H2   H N N 113 
GLY HA2  H N N 114 
GLY HA3  H N N 115 
GLY HXT  H N N 116 
HIS N    N N N 117 
HIS CA   C N S 118 
HIS C    C N N 119 
HIS O    O N N 120 
HIS CB   C N N 121 
HIS CG   C Y N 122 
HIS ND1  N Y N 123 
HIS CD2  C Y N 124 
HIS CE1  C Y N 125 
HIS NE2  N Y N 126 
HIS OXT  O N N 127 
HIS H    H N N 128 
HIS H2   H N N 129 
HIS HA   H N N 130 
HIS HB2  H N N 131 
HIS HB3  H N N 132 
HIS HD1  H N N 133 
HIS HD2  H N N 134 
HIS HE1  H N N 135 
HIS HE2  H N N 136 
HIS HXT  H N N 137 
HOH O    O N N 138 
HOH H1   H N N 139 
HOH H2   H N N 140 
ILE N    N N N 141 
ILE CA   C N S 142 
ILE C    C N N 143 
ILE O    O N N 144 
ILE CB   C N S 145 
ILE CG1  C N N 146 
ILE CG2  C N N 147 
ILE CD1  C N N 148 
ILE OXT  O N N 149 
ILE H    H N N 150 
ILE H2   H N N 151 
ILE HA   H N N 152 
ILE HB   H N N 153 
ILE HG12 H N N 154 
ILE HG13 H N N 155 
ILE HG21 H N N 156 
ILE HG22 H N N 157 
ILE HG23 H N N 158 
ILE HD11 H N N 159 
ILE HD12 H N N 160 
ILE HD13 H N N 161 
ILE HXT  H N N 162 
LEU N    N N N 163 
LEU CA   C N S 164 
LEU C    C N N 165 
LEU O    O N N 166 
LEU CB   C N N 167 
LEU CG   C N N 168 
LEU CD1  C N N 169 
LEU CD2  C N N 170 
LEU OXT  O N N 171 
LEU H    H N N 172 
LEU H2   H N N 173 
LEU HA   H N N 174 
LEU HB2  H N N 175 
LEU HB3  H N N 176 
LEU HG   H N N 177 
LEU HD11 H N N 178 
LEU HD12 H N N 179 
LEU HD13 H N N 180 
LEU HD21 H N N 181 
LEU HD22 H N N 182 
LEU HD23 H N N 183 
LEU HXT  H N N 184 
LYS N    N N N 185 
LYS CA   C N S 186 
LYS C    C N N 187 
LYS O    O N N 188 
LYS CB   C N N 189 
LYS CG   C N N 190 
LYS CD   C N N 191 
LYS CE   C N N 192 
LYS NZ   N N N 193 
LYS OXT  O N N 194 
LYS H    H N N 195 
LYS H2   H N N 196 
LYS HA   H N N 197 
LYS HB2  H N N 198 
LYS HB3  H N N 199 
LYS HG2  H N N 200 
LYS HG3  H N N 201 
LYS HD2  H N N 202 
LYS HD3  H N N 203 
LYS HE2  H N N 204 
LYS HE3  H N N 205 
LYS HZ1  H N N 206 
LYS HZ2  H N N 207 
LYS HZ3  H N N 208 
LYS HXT  H N N 209 
MET N    N N N 210 
MET CA   C N S 211 
MET C    C N N 212 
MET O    O N N 213 
MET CB   C N N 214 
MET CG   C N N 215 
MET SD   S N N 216 
MET CE   C N N 217 
MET OXT  O N N 218 
MET H    H N N 219 
MET H2   H N N 220 
MET HA   H N N 221 
MET HB2  H N N 222 
MET HB3  H N N 223 
MET HG2  H N N 224 
MET HG3  H N N 225 
MET HE1  H N N 226 
MET HE2  H N N 227 
MET HE3  H N N 228 
MET HXT  H N N 229 
OLA C1   C N N 230 
OLA O1   O N N 231 
OLA O2   O N N 232 
OLA C2   C N N 233 
OLA C3   C N N 234 
OLA C4   C N N 235 
OLA C5   C N N 236 
OLA C6   C N N 237 
OLA C7   C N N 238 
OLA C8   C N N 239 
OLA C9   C N N 240 
OLA C10  C N N 241 
OLA C11  C N N 242 
OLA C12  C N N 243 
OLA C13  C N N 244 
OLA C14  C N N 245 
OLA C15  C N N 246 
OLA C16  C N N 247 
OLA C17  C N N 248 
OLA C18  C N N 249 
OLA HO2  H N N 250 
OLA H21  H N N 251 
OLA H22  H N N 252 
OLA H31  H N N 253 
OLA H32  H N N 254 
OLA H41  H N N 255 
OLA H42  H N N 256 
OLA H51  H N N 257 
OLA H52  H N N 258 
OLA H61  H N N 259 
OLA H62  H N N 260 
OLA H71  H N N 261 
OLA H72  H N N 262 
OLA H81  H N N 263 
OLA H82  H N N 264 
OLA H9   H N N 265 
OLA H10  H N N 266 
OLA H111 H N N 267 
OLA H112 H N N 268 
OLA H121 H N N 269 
OLA H122 H N N 270 
OLA H131 H N N 271 
OLA H132 H N N 272 
OLA H141 H N N 273 
OLA H142 H N N 274 
OLA H151 H N N 275 
OLA H152 H N N 276 
OLA H161 H N N 277 
OLA H162 H N N 278 
OLA H171 H N N 279 
OLA H172 H N N 280 
OLA H181 H N N 281 
OLA H182 H N N 282 
OLA H183 H N N 283 
PHE N    N N N 284 
PHE CA   C N S 285 
PHE C    C N N 286 
PHE O    O N N 287 
PHE CB   C N N 288 
PHE CG   C Y N 289 
PHE CD1  C Y N 290 
PHE CD2  C Y N 291 
PHE CE1  C Y N 292 
PHE CE2  C Y N 293 
PHE CZ   C Y N 294 
PHE OXT  O N N 295 
PHE H    H N N 296 
PHE H2   H N N 297 
PHE HA   H N N 298 
PHE HB2  H N N 299 
PHE HB3  H N N 300 
PHE HD1  H N N 301 
PHE HD2  H N N 302 
PHE HE1  H N N 303 
PHE HE2  H N N 304 
PHE HZ   H N N 305 
PHE HXT  H N N 306 
PRO N    N N N 307 
PRO CA   C N S 308 
PRO C    C N N 309 
PRO O    O N N 310 
PRO CB   C N N 311 
PRO CG   C N N 312 
PRO CD   C N N 313 
PRO OXT  O N N 314 
PRO H    H N N 315 
PRO HA   H N N 316 
PRO HB2  H N N 317 
PRO HB3  H N N 318 
PRO HG2  H N N 319 
PRO HG3  H N N 320 
PRO HD2  H N N 321 
PRO HD3  H N N 322 
PRO HXT  H N N 323 
SER N    N N N 324 
SER CA   C N S 325 
SER C    C N N 326 
SER O    O N N 327 
SER CB   C N N 328 
SER OG   O N N 329 
SER OXT  O N N 330 
SER H    H N N 331 
SER H2   H N N 332 
SER HA   H N N 333 
SER HB2  H N N 334 
SER HB3  H N N 335 
SER HG   H N N 336 
SER HXT  H N N 337 
THR N    N N N 338 
THR CA   C N S 339 
THR C    C N N 340 
THR O    O N N 341 
THR CB   C N R 342 
THR OG1  O N N 343 
THR CG2  C N N 344 
THR OXT  O N N 345 
THR H    H N N 346 
THR H2   H N N 347 
THR HA   H N N 348 
THR HB   H N N 349 
THR HG1  H N N 350 
THR HG21 H N N 351 
THR HG22 H N N 352 
THR HG23 H N N 353 
THR HXT  H N N 354 
TRP N    N N N 355 
TRP CA   C N S 356 
TRP C    C N N 357 
TRP O    O N N 358 
TRP CB   C N N 359 
TRP CG   C Y N 360 
TRP CD1  C Y N 361 
TRP CD2  C Y N 362 
TRP NE1  N Y N 363 
TRP CE2  C Y N 364 
TRP CE3  C Y N 365 
TRP CZ2  C Y N 366 
TRP CZ3  C Y N 367 
TRP CH2  C Y N 368 
TRP OXT  O N N 369 
TRP H    H N N 370 
TRP H2   H N N 371 
TRP HA   H N N 372 
TRP HB2  H N N 373 
TRP HB3  H N N 374 
TRP HD1  H N N 375 
TRP HE1  H N N 376 
TRP HE3  H N N 377 
TRP HZ2  H N N 378 
TRP HZ3  H N N 379 
TRP HH2  H N N 380 
TRP HXT  H N N 381 
TYR N    N N N 382 
TYR CA   C N S 383 
TYR C    C N N 384 
TYR O    O N N 385 
TYR CB   C N N 386 
TYR CG   C Y N 387 
TYR CD1  C Y N 388 
TYR CD2  C Y N 389 
TYR CE1  C Y N 390 
TYR CE2  C Y N 391 
TYR CZ   C Y N 392 
TYR OH   O N N 393 
TYR OXT  O N N 394 
TYR H    H N N 395 
TYR H2   H N N 396 
TYR HA   H N N 397 
TYR HB2  H N N 398 
TYR HB3  H N N 399 
TYR HD1  H N N 400 
TYR HD2  H N N 401 
TYR HE1  H N N 402 
TYR HE2  H N N 403 
TYR HH   H N N 404 
TYR HXT  H N N 405 
VAL N    N N N 406 
VAL CA   C N S 407 
VAL C    C N N 408 
VAL O    O N N 409 
VAL CB   C N N 410 
VAL CG1  C N N 411 
VAL CG2  C N N 412 
VAL OXT  O N N 413 
VAL H    H N N 414 
VAL H2   H N N 415 
VAL HA   H N N 416 
VAL HB   H N N 417 
VAL HG11 H N N 418 
VAL HG12 H N N 419 
VAL HG13 H N N 420 
VAL HG21 H N N 421 
VAL HG22 H N N 422 
VAL HG23 H N N 423 
VAL HXT  H N N 424 
# 
loop_
_chem_comp_bond.comp_id 
_chem_comp_bond.atom_id_1 
_chem_comp_bond.atom_id_2 
_chem_comp_bond.value_order 
_chem_comp_bond.pdbx_aromatic_flag 
_chem_comp_bond.pdbx_stereo_config 
_chem_comp_bond.pdbx_ordinal 
ALA N   CA   sing N N 1   
ALA N   H    sing N N 2   
ALA N   H2   sing N N 3   
ALA CA  C    sing N N 4   
ALA CA  CB   sing N N 5   
ALA CA  HA   sing N N 6   
ALA C   O    doub N N 7   
ALA C   OXT  sing N N 8   
ALA CB  HB1  sing N N 9   
ALA CB  HB2  sing N N 10  
ALA CB  HB3  sing N N 11  
ALA OXT HXT  sing N N 12  
ARG N   CA   sing N N 13  
ARG N   H    sing N N 14  
ARG N   H2   sing N N 15  
ARG CA  C    sing N N 16  
ARG CA  CB   sing N N 17  
ARG CA  HA   sing N N 18  
ARG C   O    doub N N 19  
ARG C   OXT  sing N N 20  
ARG CB  CG   sing N N 21  
ARG CB  HB2  sing N N 22  
ARG CB  HB3  sing N N 23  
ARG CG  CD   sing N N 24  
ARG CG  HG2  sing N N 25  
ARG CG  HG3  sing N N 26  
ARG CD  NE   sing N N 27  
ARG CD  HD2  sing N N 28  
ARG CD  HD3  sing N N 29  
ARG NE  CZ   sing N N 30  
ARG NE  HE   sing N N 31  
ARG CZ  NH1  sing N N 32  
ARG CZ  NH2  doub N N 33  
ARG NH1 HH11 sing N N 34  
ARG NH1 HH12 sing N N 35  
ARG NH2 HH21 sing N N 36  
ARG NH2 HH22 sing N N 37  
ARG OXT HXT  sing N N 38  
ASN N   CA   sing N N 39  
ASN N   H    sing N N 40  
ASN N   H2   sing N N 41  
ASN CA  C    sing N N 42  
ASN CA  CB   sing N N 43  
ASN CA  HA   sing N N 44  
ASN C   O    doub N N 45  
ASN C   OXT  sing N N 46  
ASN CB  CG   sing N N 47  
ASN CB  HB2  sing N N 48  
ASN CB  HB3  sing N N 49  
ASN CG  OD1  doub N N 50  
ASN CG  ND2  sing N N 51  
ASN ND2 HD21 sing N N 52  
ASN ND2 HD22 sing N N 53  
ASN OXT HXT  sing N N 54  
ASP N   CA   sing N N 55  
ASP N   H    sing N N 56  
ASP N   H2   sing N N 57  
ASP CA  C    sing N N 58  
ASP CA  CB   sing N N 59  
ASP CA  HA   sing N N 60  
ASP C   O    doub N N 61  
ASP C   OXT  sing N N 62  
ASP CB  CG   sing N N 63  
ASP CB  HB2  sing N N 64  
ASP CB  HB3  sing N N 65  
ASP CG  OD1  doub N N 66  
ASP CG  OD2  sing N N 67  
ASP OD2 HD2  sing N N 68  
ASP OXT HXT  sing N N 69  
CYS N   CA   sing N N 70  
CYS N   H    sing N N 71  
CYS N   H2   sing N N 72  
CYS CA  C    sing N N 73  
CYS CA  CB   sing N N 74  
CYS CA  HA   sing N N 75  
CYS C   O    doub N N 76  
CYS C   OXT  sing N N 77  
CYS CB  SG   sing N N 78  
CYS CB  HB2  sing N N 79  
CYS CB  HB3  sing N N 80  
CYS SG  HG   sing N N 81  
CYS OXT HXT  sing N N 82  
GLU N   CA   sing N N 83  
GLU N   H    sing N N 84  
GLU N   H2   sing N N 85  
GLU CA  C    sing N N 86  
GLU CA  CB   sing N N 87  
GLU CA  HA   sing N N 88  
GLU C   O    doub N N 89  
GLU C   OXT  sing N N 90  
GLU CB  CG   sing N N 91  
GLU CB  HB2  sing N N 92  
GLU CB  HB3  sing N N 93  
GLU CG  CD   sing N N 94  
GLU CG  HG2  sing N N 95  
GLU CG  HG3  sing N N 96  
GLU CD  OE1  doub N N 97  
GLU CD  OE2  sing N N 98  
GLU OE2 HE2  sing N N 99  
GLU OXT HXT  sing N N 100 
GLY N   CA   sing N N 101 
GLY N   H    sing N N 102 
GLY N   H2   sing N N 103 
GLY CA  C    sing N N 104 
GLY CA  HA2  sing N N 105 
GLY CA  HA3  sing N N 106 
GLY C   O    doub N N 107 
GLY C   OXT  sing N N 108 
GLY OXT HXT  sing N N 109 
HIS N   CA   sing N N 110 
HIS N   H    sing N N 111 
HIS N   H2   sing N N 112 
HIS CA  C    sing N N 113 
HIS CA  CB   sing N N 114 
HIS CA  HA   sing N N 115 
HIS C   O    doub N N 116 
HIS C   OXT  sing N N 117 
HIS CB  CG   sing N N 118 
HIS CB  HB2  sing N N 119 
HIS CB  HB3  sing N N 120 
HIS CG  ND1  sing Y N 121 
HIS CG  CD2  doub Y N 122 
HIS ND1 CE1  doub Y N 123 
HIS ND1 HD1  sing N N 124 
HIS CD2 NE2  sing Y N 125 
HIS CD2 HD2  sing N N 126 
HIS CE1 NE2  sing Y N 127 
HIS CE1 HE1  sing N N 128 
HIS NE2 HE2  sing N N 129 
HIS OXT HXT  sing N N 130 
HOH O   H1   sing N N 131 
HOH O   H2   sing N N 132 
ILE N   CA   sing N N 133 
ILE N   H    sing N N 134 
ILE N   H2   sing N N 135 
ILE CA  C    sing N N 136 
ILE CA  CB   sing N N 137 
ILE CA  HA   sing N N 138 
ILE C   O    doub N N 139 
ILE C   OXT  sing N N 140 
ILE CB  CG1  sing N N 141 
ILE CB  CG2  sing N N 142 
ILE CB  HB   sing N N 143 
ILE CG1 CD1  sing N N 144 
ILE CG1 HG12 sing N N 145 
ILE CG1 HG13 sing N N 146 
ILE CG2 HG21 sing N N 147 
ILE CG2 HG22 sing N N 148 
ILE CG2 HG23 sing N N 149 
ILE CD1 HD11 sing N N 150 
ILE CD1 HD12 sing N N 151 
ILE CD1 HD13 sing N N 152 
ILE OXT HXT  sing N N 153 
LEU N   CA   sing N N 154 
LEU N   H    sing N N 155 
LEU N   H2   sing N N 156 
LEU CA  C    sing N N 157 
LEU CA  CB   sing N N 158 
LEU CA  HA   sing N N 159 
LEU C   O    doub N N 160 
LEU C   OXT  sing N N 161 
LEU CB  CG   sing N N 162 
LEU CB  HB2  sing N N 163 
LEU CB  HB3  sing N N 164 
LEU CG  CD1  sing N N 165 
LEU CG  CD2  sing N N 166 
LEU CG  HG   sing N N 167 
LEU CD1 HD11 sing N N 168 
LEU CD1 HD12 sing N N 169 
LEU CD1 HD13 sing N N 170 
LEU CD2 HD21 sing N N 171 
LEU CD2 HD22 sing N N 172 
LEU CD2 HD23 sing N N 173 
LEU OXT HXT  sing N N 174 
LYS N   CA   sing N N 175 
LYS N   H    sing N N 176 
LYS N   H2   sing N N 177 
LYS CA  C    sing N N 178 
LYS CA  CB   sing N N 179 
LYS CA  HA   sing N N 180 
LYS C   O    doub N N 181 
LYS C   OXT  sing N N 182 
LYS CB  CG   sing N N 183 
LYS CB  HB2  sing N N 184 
LYS CB  HB3  sing N N 185 
LYS CG  CD   sing N N 186 
LYS CG  HG2  sing N N 187 
LYS CG  HG3  sing N N 188 
LYS CD  CE   sing N N 189 
LYS CD  HD2  sing N N 190 
LYS CD  HD3  sing N N 191 
LYS CE  NZ   sing N N 192 
LYS CE  HE2  sing N N 193 
LYS CE  HE3  sing N N 194 
LYS NZ  HZ1  sing N N 195 
LYS NZ  HZ2  sing N N 196 
LYS NZ  HZ3  sing N N 197 
LYS OXT HXT  sing N N 198 
MET N   CA   sing N N 199 
MET N   H    sing N N 200 
MET N   H2   sing N N 201 
MET CA  C    sing N N 202 
MET CA  CB   sing N N 203 
MET CA  HA   sing N N 204 
MET C   O    doub N N 205 
MET C   OXT  sing N N 206 
MET CB  CG   sing N N 207 
MET CB  HB2  sing N N 208 
MET CB  HB3  sing N N 209 
MET CG  SD   sing N N 210 
MET CG  HG2  sing N N 211 
MET CG  HG3  sing N N 212 
MET SD  CE   sing N N 213 
MET CE  HE1  sing N N 214 
MET CE  HE2  sing N N 215 
MET CE  HE3  sing N N 216 
MET OXT HXT  sing N N 217 
OLA C1  O1   doub N N 218 
OLA C1  O2   sing N N 219 
OLA C1  C2   sing N N 220 
OLA O2  HO2  sing N N 221 
OLA C2  C3   sing N N 222 
OLA C2  H21  sing N N 223 
OLA C2  H22  sing N N 224 
OLA C3  C4   sing N N 225 
OLA C3  H31  sing N N 226 
OLA C3  H32  sing N N 227 
OLA C4  C5   sing N N 228 
OLA C4  H41  sing N N 229 
OLA C4  H42  sing N N 230 
OLA C5  C6   sing N N 231 
OLA C5  H51  sing N N 232 
OLA C5  H52  sing N N 233 
OLA C6  C7   sing N N 234 
OLA C6  H61  sing N N 235 
OLA C6  H62  sing N N 236 
OLA C7  C8   sing N N 237 
OLA C7  H71  sing N N 238 
OLA C7  H72  sing N N 239 
OLA C8  C9   sing N N 240 
OLA C8  H81  sing N N 241 
OLA C8  H82  sing N N 242 
OLA C9  C10  doub N Z 243 
OLA C9  H9   sing N N 244 
OLA C10 C11  sing N N 245 
OLA C10 H10  sing N N 246 
OLA C11 C12  sing N N 247 
OLA C11 H111 sing N N 248 
OLA C11 H112 sing N N 249 
OLA C12 C13  sing N N 250 
OLA C12 H121 sing N N 251 
OLA C12 H122 sing N N 252 
OLA C13 C14  sing N N 253 
OLA C13 H131 sing N N 254 
OLA C13 H132 sing N N 255 
OLA C14 C15  sing N N 256 
OLA C14 H141 sing N N 257 
OLA C14 H142 sing N N 258 
OLA C15 C16  sing N N 259 
OLA C15 H151 sing N N 260 
OLA C15 H152 sing N N 261 
OLA C16 C17  sing N N 262 
OLA C16 H161 sing N N 263 
OLA C16 H162 sing N N 264 
OLA C17 C18  sing N N 265 
OLA C17 H171 sing N N 266 
OLA C17 H172 sing N N 267 
OLA C18 H181 sing N N 268 
OLA C18 H182 sing N N 269 
OLA C18 H183 sing N N 270 
PHE N   CA   sing N N 271 
PHE N   H    sing N N 272 
PHE N   H2   sing N N 273 
PHE CA  C    sing N N 274 
PHE CA  CB   sing N N 275 
PHE CA  HA   sing N N 276 
PHE C   O    doub N N 277 
PHE C   OXT  sing N N 278 
PHE CB  CG   sing N N 279 
PHE CB  HB2  sing N N 280 
PHE CB  HB3  sing N N 281 
PHE CG  CD1  doub Y N 282 
PHE CG  CD2  sing Y N 283 
PHE CD1 CE1  sing Y N 284 
PHE CD1 HD1  sing N N 285 
PHE CD2 CE2  doub Y N 286 
PHE CD2 HD2  sing N N 287 
PHE CE1 CZ   doub Y N 288 
PHE CE1 HE1  sing N N 289 
PHE CE2 CZ   sing Y N 290 
PHE CE2 HE2  sing N N 291 
PHE CZ  HZ   sing N N 292 
PHE OXT HXT  sing N N 293 
PRO N   CA   sing N N 294 
PRO N   CD   sing N N 295 
PRO N   H    sing N N 296 
PRO CA  C    sing N N 297 
PRO CA  CB   sing N N 298 
PRO CA  HA   sing N N 299 
PRO C   O    doub N N 300 
PRO C   OXT  sing N N 301 
PRO CB  CG   sing N N 302 
PRO CB  HB2  sing N N 303 
PRO CB  HB3  sing N N 304 
PRO CG  CD   sing N N 305 
PRO CG  HG2  sing N N 306 
PRO CG  HG3  sing N N 307 
PRO CD  HD2  sing N N 308 
PRO CD  HD3  sing N N 309 
PRO OXT HXT  sing N N 310 
SER N   CA   sing N N 311 
SER N   H    sing N N 312 
SER N   H2   sing N N 313 
SER CA  C    sing N N 314 
SER CA  CB   sing N N 315 
SER CA  HA   sing N N 316 
SER C   O    doub N N 317 
SER C   OXT  sing N N 318 
SER CB  OG   sing N N 319 
SER CB  HB2  sing N N 320 
SER CB  HB3  sing N N 321 
SER OG  HG   sing N N 322 
SER OXT HXT  sing N N 323 
THR N   CA   sing N N 324 
THR N   H    sing N N 325 
THR N   H2   sing N N 326 
THR CA  C    sing N N 327 
THR CA  CB   sing N N 328 
THR CA  HA   sing N N 329 
THR C   O    doub N N 330 
THR C   OXT  sing N N 331 
THR CB  OG1  sing N N 332 
THR CB  CG2  sing N N 333 
THR CB  HB   sing N N 334 
THR OG1 HG1  sing N N 335 
THR CG2 HG21 sing N N 336 
THR CG2 HG22 sing N N 337 
THR CG2 HG23 sing N N 338 
THR OXT HXT  sing N N 339 
TRP N   CA   sing N N 340 
TRP N   H    sing N N 341 
TRP N   H2   sing N N 342 
TRP CA  C    sing N N 343 
TRP CA  CB   sing N N 344 
TRP CA  HA   sing N N 345 
TRP C   O    doub N N 346 
TRP C   OXT  sing N N 347 
TRP CB  CG   sing N N 348 
TRP CB  HB2  sing N N 349 
TRP CB  HB3  sing N N 350 
TRP CG  CD1  doub Y N 351 
TRP CG  CD2  sing Y N 352 
TRP CD1 NE1  sing Y N 353 
TRP CD1 HD1  sing N N 354 
TRP CD2 CE2  doub Y N 355 
TRP CD2 CE3  sing Y N 356 
TRP NE1 CE2  sing Y N 357 
TRP NE1 HE1  sing N N 358 
TRP CE2 CZ2  sing Y N 359 
TRP CE3 CZ3  doub Y N 360 
TRP CE3 HE3  sing N N 361 
TRP CZ2 CH2  doub Y N 362 
TRP CZ2 HZ2  sing N N 363 
TRP CZ3 CH2  sing Y N 364 
TRP CZ3 HZ3  sing N N 365 
TRP CH2 HH2  sing N N 366 
TRP OXT HXT  sing N N 367 
TYR N   CA   sing N N 368 
TYR N   H    sing N N 369 
TYR N   H2   sing N N 370 
TYR CA  C    sing N N 371 
TYR CA  CB   sing N N 372 
TYR CA  HA   sing N N 373 
TYR C   O    doub N N 374 
TYR C   OXT  sing N N 375 
TYR CB  CG   sing N N 376 
TYR CB  HB2  sing N N 377 
TYR CB  HB3  sing N N 378 
TYR CG  CD1  doub Y N 379 
TYR CG  CD2  sing Y N 380 
TYR CD1 CE1  sing Y N 381 
TYR CD1 HD1  sing N N 382 
TYR CD2 CE2  doub Y N 383 
TYR CD2 HD2  sing N N 384 
TYR CE1 CZ   doub Y N 385 
TYR CE1 HE1  sing N N 386 
TYR CE2 CZ   sing Y N 387 
TYR CE2 HE2  sing N N 388 
TYR CZ  OH   sing N N 389 
TYR OH  HH   sing N N 390 
TYR OXT HXT  sing N N 391 
VAL N   CA   sing N N 392 
VAL N   H    sing N N 393 
VAL N   H2   sing N N 394 
VAL CA  C    sing N N 395 
VAL CA  CB   sing N N 396 
VAL CA  HA   sing N N 397 
VAL C   O    doub N N 398 
VAL C   OXT  sing N N 399 
VAL CB  CG1  sing N N 400 
VAL CB  CG2  sing N N 401 
VAL CB  HB   sing N N 402 
VAL CG1 HG11 sing N N 403 
VAL CG1 HG12 sing N N 404 
VAL CG1 HG13 sing N N 405 
VAL CG2 HG21 sing N N 406 
VAL CG2 HG22 sing N N 407 
VAL CG2 HG23 sing N N 408 
VAL OXT HXT  sing N N 409 
# 
_pdbx_initial_refinement_model.id               1 
_pdbx_initial_refinement_model.entity_id_list   ? 
_pdbx_initial_refinement_model.type             'experimental model' 
_pdbx_initial_refinement_model.source_name      PDB 
_pdbx_initial_refinement_model.accession_code   3WEA 
_pdbx_initial_refinement_model.details          'PDB ENTRY 3WEA' 
# 
_atom_sites.entry_id                    3WEB 
_atom_sites.fract_transf_matrix[1][1]   0.00163384 
_atom_sites.fract_transf_matrix[1][2]   0.02864807 
_atom_sites.fract_transf_matrix[1][3]   0.00014800 
_atom_sites.fract_transf_matrix[2][1]   -0.00463044 
_atom_sites.fract_transf_matrix[2][2]   0.00022011 
_atom_sites.fract_transf_matrix[2][3]   0.00851149 
_atom_sites.fract_transf_matrix[3][1]   0.02230006 
_atom_sites.fract_transf_matrix[3][2]   -0.00133466 
_atom_sites.fract_transf_matrix[3][3]   0.01216626 
_atom_sites.fract_transf_vector[1]      0.344100 
_atom_sites.fract_transf_vector[2]      0.149006 
_atom_sites.fract_transf_vector[3]      0.423516 
# 
loop_
_atom_type.symbol 
C 
N 
O 
S 
# 
loop_
_atom_site.group_PDB 
_atom_site.id 
_atom_site.type_symbol 
_atom_site.label_atom_id 
_atom_site.label_alt_id 
_atom_site.label_comp_id 
_atom_site.label_asym_id 
_atom_site.label_entity_id 
_atom_site.label_seq_id 
_atom_site.pdbx_PDB_ins_code 
_atom_site.Cartn_x 
_atom_site.Cartn_y 
_atom_site.Cartn_z 
_atom_site.occupancy 
_atom_site.B_iso_or_equiv 
_atom_site.pdbx_formal_charge 
_atom_site.auth_seq_id 
_atom_site.auth_comp_id 
_atom_site.auth_asym_id 
_atom_site.auth_atom_id 
_atom_site.pdbx_PDB_model_num 
ATOM   1    N N   . PHE A 1 1   ? 8.886   9.225   10.297  1.00 12.26 ? 1   PHE A N   1 
ATOM   2    C CA  . PHE A 1 1   ? 8.108   9.615   9.098   1.00 12.15 ? 1   PHE A CA  1 
ATOM   3    C C   . PHE A 1 1   ? 6.631   9.344   9.366   1.00 12.09 ? 1   PHE A C   1 
ATOM   4    O O   . PHE A 1 1   ? 6.276   8.703   10.360  1.00 11.99 ? 1   PHE A O   1 
ATOM   5    C CB  . PHE A 1 1   ? 8.593   8.857   7.853   1.00 12.15 ? 1   PHE A CB  1 
ATOM   6    C CG  . PHE A 1 1   ? 8.253   7.385   7.858   1.00 11.81 ? 1   PHE A CG  1 
ATOM   7    C CD1 . PHE A 1 1   ? 7.032   6.931   7.343   1.00 11.88 ? 1   PHE A CD1 1 
ATOM   8    C CD2 . PHE A 1 1   ? 9.155   6.451   8.366   1.00 11.86 ? 1   PHE A CD2 1 
ATOM   9    C CE1 . PHE A 1 1   ? 6.719   5.573   7.348   1.00 11.79 ? 1   PHE A CE1 1 
ATOM   10   C CE2 . PHE A 1 1   ? 8.841   5.090   8.378   1.00 11.80 ? 1   PHE A CE2 1 
ATOM   11   C CZ  . PHE A 1 1   ? 7.622   4.655   7.868   1.00 11.77 ? 1   PHE A CZ  1 
ATOM   12   N N   . VAL A 1 2   ? 5.787   9.835   8.469   1.00 12.27 ? 2   VAL A N   1 
ATOM   13   C CA  . VAL A 1 2   ? 4.340   9.667   8.579   1.00 12.59 ? 2   VAL A CA  1 
ATOM   14   C C   . VAL A 1 2   ? 3.813   8.916   7.362   1.00 12.76 ? 2   VAL A C   1 
ATOM   15   O O   . VAL A 1 2   ? 4.216   9.199   6.239   1.00 12.99 ? 2   VAL A O   1 
ATOM   16   C CB  . VAL A 1 2   ? 3.620   11.030  8.663   1.00 12.50 ? 2   VAL A CB  1 
ATOM   17   C CG1 . VAL A 1 2   ? 2.111   10.847  8.775   1.00 12.93 ? 2   VAL A CG1 1 
ATOM   18   C CG2 . VAL A 1 2   ? 4.143   11.842  9.847   1.00 13.10 ? 2   VAL A CG2 1 
ATOM   19   N N   . PHE A 1 3   ? 2.927   7.955   7.605   1.00 13.17 ? 3   PHE A N   1 
ATOM   20   C CA  . PHE A 1 3   ? 2.110   7.388   6.535   1.00 13.40 ? 3   PHE A CA  1 
ATOM   21   C C   . PHE A 1 3   ? 0.967   8.380   6.302   1.00 14.13 ? 3   PHE A C   1 
ATOM   22   O O   . PHE A 1 3   ? -0.058  8.359   7.006   1.00 14.48 ? 3   PHE A O   1 
ATOM   23   C CB  . PHE A 1 3   ? 1.570   5.999   6.909   1.00 13.42 ? 3   PHE A CB  1 
ATOM   24   C CG  . PHE A 1 3   ? 2.621   4.928   6.989   1.00 13.37 ? 3   PHE A CG  1 
ATOM   25   C CD1 . PHE A 1 3   ? 3.168   4.369   5.835   1.00 12.95 ? 3   PHE A CD1 1 
ATOM   26   C CD2 . PHE A 1 3   ? 3.052   4.449   8.225   1.00 13.31 ? 3   PHE A CD2 1 
ATOM   27   C CE1 . PHE A 1 3   ? 4.131   3.365   5.915   1.00 13.43 ? 3   PHE A CE1 1 
ATOM   28   C CE2 . PHE A 1 3   ? 4.009   3.453   8.308   1.00 13.58 ? 3   PHE A CE2 1 
ATOM   29   C CZ  . PHE A 1 3   ? 4.558   2.907   7.156   1.00 13.62 ? 3   PHE A CZ  1 
ATOM   30   N N   . GLU A 1 4   ? 1.180   9.263   5.326   1.00 15.29 ? 4   GLU A N   1 
ATOM   31   C CA  . GLU A 1 4   ? 0.276   10.368  5.018   1.00 16.47 ? 4   GLU A CA  1 
ATOM   32   C C   . GLU A 1 4   ? -0.898  9.896   4.176   1.00 16.55 ? 4   GLU A C   1 
ATOM   33   O O   . GLU A 1 4   ? -0.759  8.996   3.355   1.00 16.59 ? 4   GLU A O   1 
ATOM   34   C CB  . GLU A 1 4   ? 1.015   11.441  4.213   1.00 18.54 ? 4   GLU A CB  1 
ATOM   35   C CG  . GLU A 1 4   ? 2.006   12.307  4.966   1.00 21.90 ? 4   GLU A CG  1 
ATOM   36   C CD  . GLU A 1 4   ? 2.667   13.313  4.036   1.00 23.57 ? 4   GLU A CD  1 
ATOM   37   O OE1 . GLU A 1 4   ? 1.945   14.065  3.348   1.00 25.86 ? 4   GLU A OE1 1 
ATOM   38   O OE2 . GLU A 1 4   ? 3.910   13.356  3.981   1.00 25.53 ? 4   GLU A OE2 1 
ATOM   39   N N   . ASP A 1 5   ? -2.046  10.533  4.370   1.00 16.41 ? 5   ASP A N   1 
ATOM   40   C CA  . ASP A 1 5   ? -3.214  10.275  3.537   1.00 16.81 ? 5   ASP A CA  1 
ATOM   41   C C   . ASP A 1 5   ? -3.108  11.150  2.286   1.00 16.58 ? 5   ASP A C   1 
ATOM   42   O O   . ASP A 1 5   ? -3.156  12.380  2.375   1.00 16.90 ? 5   ASP A O   1 
ATOM   43   C CB  . ASP A 1 5   ? -4.482  10.561  4.358   1.00 16.86 ? 5   ASP A CB  1 
ATOM   44   C CG  . ASP A 1 5   ? -5.743  10.655  3.515   1.00 18.19 ? 5   ASP A CG  1 
ATOM   45   O OD1 . ASP A 1 5   ? -5.760  10.179  2.361   1.00 17.83 ? 5   ASP A OD1 1 
ATOM   46   O OD2 . ASP A 1 5   ? -6.734  11.225  4.030   1.00 18.38 ? 5   ASP A OD2 1 
ATOM   47   N N   . CYS A 1 6   ? -2.948  10.520  1.122   1.00 16.90 ? 6   CYS A N   1 
ATOM   48   C CA  . CYS A 1 6   ? -2.832  11.276  -0.135  1.00 17.41 ? 6   CYS A CA  1 
ATOM   49   C C   . CYS A 1 6   ? -4.154  11.432  -0.878  1.00 18.02 ? 6   CYS A C   1 
ATOM   50   O O   . CYS A 1 6   ? -4.166  11.704  -2.083  1.00 18.66 ? 6   CYS A O   1 
ATOM   51   C CB  . CYS A 1 6   ? -1.738  10.716  -1.056  1.00 17.04 ? 6   CYS A CB  1 
ATOM   52   S SG  . CYS A 1 6   ? -1.638  8.915   -1.194  1.00 17.00 ? 6   CYS A SG  1 
ATOM   53   N N   . GLY A 1 7   ? -5.256  11.277  -0.150  1.00 18.23 ? 7   GLY A N   1 
ATOM   54   C CA  . GLY A 1 7   ? -6.583  11.533  -0.687  1.00 19.43 ? 7   GLY A CA  1 
ATOM   55   C C   . GLY A 1 7   ? -7.353  10.283  -1.057  1.00 19.73 ? 7   GLY A C   1 
ATOM   56   O O   . GLY A 1 7   ? -7.015  9.585   -2.012  1.00 20.90 ? 7   GLY A O   1 
ATOM   57   N N   . SER A 1 8   ? -8.386  9.993   -0.282  1.00 20.70 ? 8   SER A N   1 
ATOM   58   C CA  . SER A 1 8   ? -9.328  8.940   -0.645  1.00 20.59 ? 8   SER A CA  1 
ATOM   59   C C   . SER A 1 8   ? -10.745 9.429   -0.434  1.00 21.09 ? 8   SER A C   1 
ATOM   60   O O   . SER A 1 8   ? -11.005 10.219  0.477   1.00 22.93 ? 8   SER A O   1 
ATOM   61   C CB  . SER A 1 8   ? -9.050  7.666   0.146   1.00 20.33 ? 8   SER A CB  1 
ATOM   62   O OG  . SER A 1 8   ? -9.101  7.904   1.534   1.00 20.19 ? 8   SER A OG  1 
ATOM   63   N N   . GLU A 1 9   ? -11.663 8.989   -1.290  1.00 20.08 ? 9   GLU A N   1 
ATOM   64   C CA  . GLU A 1 9   ? -13.039 9.465   -1.219  1.00 19.94 ? 9   GLU A CA  1 
ATOM   65   C C   . GLU A 1 9   ? -14.054 8.424   -0.738  1.00 17.93 ? 9   GLU A C   1 
ATOM   66   O O   . GLU A 1 9   ? -15.180 8.780   -0.374  1.00 18.03 ? 9   GLU A O   1 
ATOM   67   C CB  . GLU A 1 9   ? -13.479 10.082  -2.552  1.00 22.08 ? 9   GLU A CB  1 
ATOM   68   C CG  . GLU A 1 9   ? -13.596 9.088   -3.697  1.00 24.25 ? 9   GLU A CG  1 
ATOM   69   C CD  . GLU A 1 9   ? -14.318 9.653   -4.908  1.00 26.36 ? 9   GLU A CD  1 
ATOM   70   O OE1 . GLU A 1 9   ? -15.326 10.375  -4.730  1.00 28.25 ? 9   GLU A OE1 1 
ATOM   71   O OE2 . GLU A 1 9   ? -13.884 9.358   -6.042  1.00 27.15 ? 9   GLU A OE2 1 
ATOM   72   N N   . VAL A 1 10  ? -13.673 7.145   -0.740  1.00 15.48 ? 10  VAL A N   1 
ATOM   73   C CA  . VAL A 1 10  ? -14.599 6.091   -0.300  1.00 13.94 ? 10  VAL A CA  1 
ATOM   74   C C   . VAL A 1 10  ? -14.026 5.200   0.808   1.00 12.89 ? 10  VAL A C   1 
ATOM   75   O O   . VAL A 1 10  ? -14.425 4.043   0.982   1.00 12.08 ? 10  VAL A O   1 
ATOM   76   C CB  . VAL A 1 10  ? -15.194 5.253   -1.467  1.00 14.06 ? 10  VAL A CB  1 
ATOM   77   C CG1 . VAL A 1 10  ? -16.123 6.100   -2.322  1.00 14.49 ? 10  VAL A CG1 1 
ATOM   78   C CG2 . VAL A 1 10  ? -14.103 4.605   -2.313  1.00 14.31 ? 10  VAL A CG2 1 
ATOM   79   N N   . GLY A 1 11  ? -13.105 5.766   1.576   1.00 12.49 ? 11  GLY A N   1 
ATOM   80   C CA  . GLY A 1 11  ? -12.580 5.055   2.732   1.00 12.65 ? 11  GLY A CA  1 
ATOM   81   C C   . GLY A 1 11  ? -11.488 5.799   3.448   1.00 12.49 ? 11  GLY A C   1 
ATOM   82   O O   . GLY A 1 11  ? -11.194 6.960   3.132   1.00 13.00 ? 11  GLY A O   1 
ATOM   83   N N   . LYS A 1 12  ? -10.889 5.112   4.410   1.00 12.41 ? 12  LYS A N   1 
ATOM   84   C CA  . LYS A 1 12  ? -9.773  5.630   5.195   1.00 12.46 ? 12  LYS A CA  1 
ATOM   85   C C   . LYS A 1 12  ? -8.899  4.467   5.626   1.00 12.34 ? 12  LYS A C   1 
ATOM   86   O O   . LYS A 1 12  ? -9.328  3.316   5.568   1.00 11.84 ? 12  LYS A O   1 
ATOM   87   C CB  . LYS A 1 12  ? -10.283 6.394   6.424   1.00 12.78 ? 12  LYS A CB  1 
ATOM   88   C CG  . LYS A 1 12  ? -11.098 5.543   7.392   1.00 13.61 ? 12  LYS A CG  1 
ATOM   89   C CD  . LYS A 1 12  ? -11.828 6.374   8.431   1.00 14.40 ? 12  LYS A CD  1 
ATOM   90   C CE  . LYS A 1 12  ? -12.785 5.510   9.238   1.00 15.66 ? 12  LYS A CE  1 
ATOM   91   N NZ  . LYS A 1 12  ? -13.320 6.230   10.431  1.00 17.95 ? 12  LYS A NZ  1 
ATOM   92   N N   . PHE A 1 13  ? -7.668  4.762   6.033   1.00 13.09 ? 13  PHE A N   1 
ATOM   93   C CA  . PHE A 1 13  ? -6.823  3.755   6.696   1.00 13.73 ? 13  PHE A CA  1 
ATOM   94   C C   . PHE A 1 13  ? -6.442  4.249   8.082   1.00 14.52 ? 13  PHE A C   1 
ATOM   95   O O   . PHE A 1 13  ? -6.371  5.460   8.319   1.00 14.27 ? 13  PHE A O   1 
ATOM   96   C CB  . PHE A 1 13  ? -5.577  3.410   5.867   1.00 13.70 ? 13  PHE A CB  1 
ATOM   97   C CG  . PHE A 1 13  ? -4.614  4.552   5.697   1.00 13.62 ? 13  PHE A CG  1 
ATOM   98   C CD1 . PHE A 1 13  ? -4.750  5.436   4.630   1.00 14.05 ? 13  PHE A CD1 1 
ATOM   99   C CD2 . PHE A 1 13  ? -3.550  4.729   6.584   1.00 13.76 ? 13  PHE A CD2 1 
ATOM   100  C CE1 . PHE A 1 13  ? -3.860  6.489   4.469   1.00 13.99 ? 13  PHE A CE1 1 
ATOM   101  C CE2 . PHE A 1 13  ? -2.654  5.781   6.424   1.00 14.01 ? 13  PHE A CE2 1 
ATOM   102  C CZ  . PHE A 1 13  ? -2.813  6.662   5.367   1.00 14.24 ? 13  PHE A CZ  1 
ATOM   103  N N   . SER A 1 14  ? -6.194  3.313   8.997   1.00 15.56 ? 14  SER A N   1 
ATOM   104  C CA  . SER A 1 14  ? -5.844  3.675   10.362  1.00 17.08 ? 14  SER A CA  1 
ATOM   105  C C   . SER A 1 14  ? -4.403  3.363   10.723  1.00 17.64 ? 14  SER A C   1 
ATOM   106  O O   . SER A 1 14  ? -3.810  4.053   11.550  1.00 19.36 ? 14  SER A O   1 
ATOM   107  C CB  . SER A 1 14  ? -6.762  2.966   11.359  1.00 17.21 ? 14  SER A CB  1 
ATOM   108  O OG  . SER A 1 14  ? -6.453  1.587   11.420  1.00 17.80 ? 14  SER A OG  1 
ATOM   109  N N   . ASP A 1 15  ? -3.866  2.295   10.146  1.00 18.17 ? 15  ASP A N   1 
ATOM   110  C CA  . ASP A 1 15  ? -2.521  1.854   10.470  1.00 19.03 ? 15  ASP A CA  1 
ATOM   111  C C   . ASP A 1 15  ? -1.823  1.092   9.367   1.00 17.39 ? 15  ASP A C   1 
ATOM   112  O O   . ASP A 1 15  ? -2.392  0.171   8.779   1.00 18.08 ? 15  ASP A O   1 
ATOM   113  C CB  . ASP A 1 15  ? -2.553  1.001   11.723  1.00 20.90 ? 15  ASP A CB  1 
ATOM   114  C CG  . ASP A 1 15  ? -1.784  1.620   12.843  1.00 24.32 ? 15  ASP A CG  1 
ATOM   115  O OD1 . ASP A 1 15  ? -0.545  1.703   12.708  1.00 25.46 ? 15  ASP A OD1 1 
ATOM   116  O OD2 . ASP A 1 15  ? -2.413  2.019   13.847  1.00 26.46 ? 15  ASP A OD2 1 
ATOM   117  N N   . ILE A 1 16  ? -0.580  1.479   9.103   1.00 15.69 ? 16  ILE A N   1 
ATOM   118  C CA  . ILE A 1 16  ? 0.279   0.768   8.160   1.00 14.89 ? 16  ILE A CA  1 
ATOM   119  C C   . ILE A 1 16  ? 1.474   0.228   8.927   1.00 14.75 ? 16  ILE A C   1 
ATOM   120  O O   . ILE A 1 16  ? 2.081   0.960   9.703   1.00 14.21 ? 16  ILE A O   1 
ATOM   121  C CB  . ILE A 1 16  ? 0.805   1.697   7.041   1.00 14.84 ? 16  ILE A CB  1 
ATOM   122  C CG1 . ILE A 1 16  ? -0.319  2.569   6.458   1.00 15.07 ? 16  ILE A CG1 1 
ATOM   123  C CG2 . ILE A 1 16  ? 1.537   0.903   5.963   1.00 14.33 ? 16  ILE A CG2 1 
ATOM   124  C CD1 . ILE A 1 16  ? -1.394  1.817   5.697   1.00 15.19 ? 16  ILE A CD1 1 
ATOM   125  N N   . ILE A 1 17  ? 1.794   -1.051  8.727   1.00 14.85 ? 17  ILE A N   1 
ATOM   126  C CA  . ILE A 1 17  ? 2.995   -1.645  9.311   1.00 15.44 ? 17  ILE A CA  1 
ATOM   127  C C   . ILE A 1 17  ? 3.834   -2.255  8.200   1.00 15.20 ? 17  ILE A C   1 
ATOM   128  O O   . ILE A 1 17  ? 3.339   -3.054  7.410   1.00 15.31 ? 17  ILE A O   1 
ATOM   129  C CB  . ILE A 1 17  ? 2.676   -2.734  10.359  1.00 16.72 ? 17  ILE A CB  1 
ATOM   130  C CG1 . ILE A 1 17  ? 1.768   -2.179  11.458  1.00 17.57 ? 17  ILE A CG1 1 
ATOM   131  C CG2 . ILE A 1 17  ? 3.954   -3.323  10.948  1.00 17.41 ? 17  ILE A CG2 1 
ATOM   132  C CD1 . ILE A 1 17  ? 1.130   -3.248  12.328  1.00 18.43 ? 17  ILE A CD1 1 
ATOM   133  N N   . ILE A 1 18  ? 5.099   -1.856  8.141   1.00 14.81 ? 18  ILE A N   1 
ATOM   134  C CA  . ILE A 1 18  ? 6.054   -2.450  7.212   1.00 14.68 ? 18  ILE A CA  1 
ATOM   135  C C   . ILE A 1 18  ? 7.160   -3.060  8.063   1.00 14.73 ? 18  ILE A C   1 
ATOM   136  O O   . ILE A 1 18  ? 7.786   -2.361  8.856   1.00 14.77 ? 18  ILE A O   1 
ATOM   137  C CB  . ILE A 1 18  ? 6.617   -1.424  6.211   1.00 14.74 ? 18  ILE A CB  1 
ATOM   138  C CG1 . ILE A 1 18  ? 5.477   -0.805  5.385   1.00 14.97 ? 18  ILE A CG1 1 
ATOM   139  C CG2 . ILE A 1 18  ? 7.632   -2.095  5.285   1.00 15.02 ? 18  ILE A CG2 1 
ATOM   140  C CD1 . ILE A 1 18  ? 5.915   0.294   4.434   1.00 14.63 ? 18  ILE A CD1 1 
ATOM   141  N N   . SER A 1 19  ? 7.391   -4.356  7.884   1.00 15.08 ? 19  SER A N   1 
ATOM   142  C CA  . SER A 1 19  ? 8.261   -5.145  8.771   1.00 15.09 ? 19  SER A CA  1 
ATOM   143  C C   . SER A 1 19  ? 9.686   -4.625  8.883   1.00 15.25 ? 19  SER A C   1 
ATOM   144  O O   . SER A 1 19  ? 10.314  -4.778  9.927   1.00 15.82 ? 19  SER A O   1 
ATOM   145  C CB  . SER A 1 19  ? 8.287   -6.615  8.339   1.00 15.70 ? 19  SER A CB  1 
ATOM   146  O OG  . SER A 1 19  ? 8.834   -6.751  7.040   1.00 16.62 ? 19  SER A OG  1 
ATOM   147  N N   . SER A 1 20  ? 10.187  -4.004  7.818   1.00 14.89 ? 20  SER A N   1 
ATOM   148  C CA  . SER A 1 20  ? 11.587  -3.586  7.767   1.00 14.58 ? 20  SER A CA  1 
ATOM   149  C C   . SER A 1 20  ? 11.838  -2.196  8.354   1.00 14.35 ? 20  SER A C   1 
ATOM   150  O O   . SER A 1 20  ? 12.991  -1.782  8.491   1.00 14.38 ? 20  SER A O   1 
ATOM   151  C CB  . SER A 1 20  ? 12.084  -3.630  6.318   1.00 14.88 ? 20  SER A CB  1 
ATOM   152  O OG  . SER A 1 20  ? 11.266  -2.824  5.489   1.00 15.09 ? 20  SER A OG  1 
ATOM   153  N N   . CYS A 1 21  ? 10.779  -1.467  8.696   1.00 14.23 ? 21  CYS A N   1 
ATOM   154  C CA  . CYS A 1 21  ? 10.965  -0.106  9.180   1.00 14.60 ? 21  CYS A CA  1 
ATOM   155  C C   . CYS A 1 21  ? 9.998   0.290   10.278  1.00 14.86 ? 21  CYS A C   1 
ATOM   156  O O   . CYS A 1 21  ? 8.964   -0.347  10.467  1.00 14.96 ? 21  CYS A O   1 
ATOM   157  C CB  . CYS A 1 21  ? 10.868  0.897   8.026   1.00 14.75 ? 21  CYS A CB  1 
ATOM   158  S SG  . CYS A 1 21  ? 9.194   1.181   7.401   1.00 15.38 ? 21  CYS A SG  1 
ATOM   159  N N   . ASP A 1 22  ? 10.355  1.358   10.981  1.00 15.39 ? 22  ASP A N   1 
ATOM   160  C CA  . ASP A 1 22  ? 9.524   1.915   12.028  1.00 16.39 ? 22  ASP A CA  1 
ATOM   161  C C   . ASP A 1 22  ? 9.286   3.404   11.747  1.00 15.33 ? 22  ASP A C   1 
ATOM   162  O O   . ASP A 1 22  ? 10.195  4.086   11.281  1.00 14.48 ? 22  ASP A O   1 
ATOM   163  C CB  . ASP A 1 22  ? 10.226  1.744   13.371  1.00 18.22 ? 22  ASP A CB  1 
ATOM   164  C CG  . ASP A 1 22  ? 9.318   2.026   14.527  1.00 20.85 ? 22  ASP A CG  1 
ATOM   165  O OD1 . ASP A 1 22  ? 8.569   1.108   14.928  1.00 22.83 ? 22  ASP A OD1 1 
ATOM   166  O OD2 . ASP A 1 22  ? 9.345   3.166   15.029  1.00 22.44 ? 22  ASP A OD2 1 
ATOM   167  N N   . PRO A 1 23  ? 8.066   3.914   12.019  1.00 14.66 ? 23  PRO A N   1 
ATOM   168  C CA  . PRO A 1 23  ? 7.773   5.342   11.785  1.00 14.70 ? 23  PRO A CA  1 
ATOM   169  C C   . PRO A 1 23  ? 8.629   6.325   12.595  1.00 14.62 ? 23  PRO A C   1 
ATOM   170  O O   . PRO A 1 23  ? 8.583   7.523   12.340  1.00 14.40 ? 23  PRO A O   1 
ATOM   171  C CB  . PRO A 1 23  ? 6.285   5.480   12.164  1.00 15.11 ? 23  PRO A CB  1 
ATOM   172  C CG  . PRO A 1 23  ? 5.885   4.173   12.770  1.00 15.43 ? 23  PRO A CG  1 
ATOM   173  C CD  . PRO A 1 23  ? 6.840   3.139   12.278  1.00 15.35 ? 23  PRO A CD  1 
ATOM   174  N N   . SER A 1 24  ? 9.398   5.825   13.560  1.00 15.25 ? 24  SER A N   1 
ATOM   175  C CA  . SER A 1 24  ? 10.376  6.656   14.268  1.00 15.57 ? 24  SER A CA  1 
ATOM   176  C C   . SER A 1 24  ? 11.529  7.141   13.370  1.00 16.26 ? 24  SER A C   1 
ATOM   177  O O   . SER A 1 24  ? 12.222  8.103   13.709  1.00 16.35 ? 24  SER A O   1 
ATOM   178  C CB  . SER A 1 24  ? 10.935  5.892   15.468  1.00 16.35 ? 24  SER A CB  1 
ATOM   179  O OG  . SER A 1 24  ? 11.625  4.731   15.034  1.00 16.59 ? 24  SER A OG  1 
ATOM   180  N N   . GLU A 1 25  ? 11.729  6.465   12.240  1.00 16.15 ? 25  GLU A N   1 
ATOM   181  C CA  . GLU A 1 25  ? 12.807  6.783   11.297  1.00 17.15 ? 25  GLU A CA  1 
ATOM   182  C C   . GLU A 1 25  ? 12.473  7.913   10.339  1.00 17.03 ? 25  GLU A C   1 
ATOM   183  O O   . GLU A 1 25  ? 11.304  8.154   10.025  1.00 15.68 ? 25  GLU A O   1 
ATOM   184  C CB  . GLU A 1 25  ? 13.113  5.583   10.410  1.00 18.71 ? 25  GLU A CB  1 
ATOM   185  C CG  . GLU A 1 25  ? 13.607  4.340   11.089  1.00 19.84 ? 25  GLU A CG  1 
ATOM   186  C CD  . GLU A 1 25  ? 13.549  3.157   10.144  1.00 20.66 ? 25  GLU A CD  1 
ATOM   187  O OE1 . GLU A 1 25  ? 14.117  3.229   9.021   1.00 20.99 ? 25  GLU A OE1 1 
ATOM   188  O OE2 . GLU A 1 25  ? 12.936  2.151   10.533  1.00 21.06 ? 25  GLU A OE2 1 
ATOM   189  N N   . GLU A 1 26  ? 13.520  8.550   9.804   1.00 17.76 ? 26  GLU A N   1 
ATOM   190  C CA  . GLU A 1 26  ? 13.350  9.598   8.797   1.00 18.57 ? 26  GLU A CA  1 
ATOM   191  C C   . GLU A 1 26  ? 12.706  9.069   7.507   1.00 17.60 ? 26  GLU A C   1 
ATOM   192  O O   . GLU A 1 26  ? 11.863  9.737   6.911   1.00 17.09 ? 26  GLU A O   1 
ATOM   193  C CB  . GLU A 1 26  ? 14.682  10.278  8.492   1.00 21.39 ? 26  GLU A CB  1 
ATOM   194  C CG  . GLU A 1 26  ? 14.558  11.501  7.599   1.00 24.35 ? 26  GLU A CG  1 
ATOM   195  C CD  . GLU A 1 26  ? 15.903  12.035  7.162   1.00 27.94 ? 26  GLU A CD  1 
ATOM   196  O OE1 . GLU A 1 26  ? 16.802  11.217  6.863   1.00 29.59 ? 26  GLU A OE1 1 
ATOM   197  O OE2 . GLU A 1 26  ? 16.058  13.272  7.112   1.00 30.29 ? 26  GLU A OE2 1 
ATOM   198  N N   . LYS A 1 27  ? 13.117  7.872   7.088   1.00 17.09 ? 27  LYS A N   1 
ATOM   199  C CA  . LYS A 1 27  ? 12.555  7.203   5.913   1.00 16.53 ? 27  LYS A CA  1 
ATOM   200  C C   . LYS A 1 27  ? 12.311  5.739   6.254   1.00 16.07 ? 27  LYS A C   1 
ATOM   201  O O   . LYS A 1 27  ? 12.970  5.198   7.142   1.00 16.67 ? 27  LYS A O   1 
ATOM   202  C CB  . LYS A 1 27  ? 13.525  7.299   4.726   1.00 16.82 ? 27  LYS A CB  1 
ATOM   203  C CG  . LYS A 1 27  ? 13.782  8.717   4.231   1.00 18.24 ? 27  LYS A CG  1 
ATOM   204  C CD  . LYS A 1 27  ? 14.789  8.747   3.088   1.00 19.59 ? 27  LYS A CD  1 
ATOM   205  C CE  . LYS A 1 27  ? 15.294  10.158  2.823   1.00 21.23 ? 27  LYS A CE  1 
ATOM   206  N NZ  . LYS A 1 27  ? 14.187  11.106  2.500   1.00 22.59 ? 27  LYS A NZ  1 
ATOM   207  N N   . CYS A 1 28  ? 11.362  5.098   5.577   1.00 14.93 ? 28  CYS A N   1 
ATOM   208  C CA  . CYS A 1 28  ? 11.144  3.660   5.766   1.00 14.95 ? 28  CYS A CA  1 
ATOM   209  C C   . CYS A 1 28  ? 12.243  2.855   5.080   1.00 15.32 ? 28  CYS A C   1 
ATOM   210  O O   . CYS A 1 28  ? 12.310  2.837   3.853   1.00 14.85 ? 28  CYS A O   1 
ATOM   211  C CB  . CYS A 1 28  ? 9.776   3.225   5.232   1.00 15.28 ? 28  CYS A CB  1 
ATOM   212  S SG  . CYS A 1 28  ? 9.461   1.450   5.380   1.00 15.74 ? 28  CYS A SG  1 
ATOM   213  N N   . SER A 1 29  ? 13.102  2.209   5.875   1.00 15.81 ? 29  SER A N   1 
ATOM   214  C CA  . SER A 1 29  ? 14.117  1.288   5.351   1.00 15.89 ? 29  SER A CA  1 
ATOM   215  C C   . SER A 1 29  ? 13.459  0.070   4.712   1.00 16.62 ? 29  SER A C   1 
ATOM   216  O O   . SER A 1 29  ? 12.614  -0.575  5.327   1.00 16.56 ? 29  SER A O   1 
ATOM   217  C CB  . SER A 1 29  ? 15.064  0.815   6.465   1.00 16.33 ? 29  SER A CB  1 
ATOM   218  O OG  . SER A 1 29  ? 15.712  1.904   7.094   1.00 15.96 ? 29  SER A OG  1 
ATOM   219  N N   . ILE A 1 30  ? 13.849  -0.217  3.472   1.00 17.43 ? 30  ILE A N   1 
ATOM   220  C CA  . ILE A 1 30  ? 13.426  -1.407  2.740   1.00 19.32 ? 30  ILE A CA  1 
ATOM   221  C C   . ILE A 1 30  ? 14.701  -2.171  2.422   1.00 20.91 ? 30  ILE A C   1 
ATOM   222  O O   . ILE A 1 30  ? 15.542  -1.697  1.654   1.00 20.71 ? 30  ILE A O   1 
ATOM   223  C CB  . ILE A 1 30  ? 12.662  -1.033  1.440   1.00 19.13 ? 30  ILE A CB  1 
ATOM   224  C CG1 . ILE A 1 30  ? 11.416  -0.189  1.764   1.00 19.49 ? 30  ILE A CG1 1 
ATOM   225  C CG2 . ILE A 1 30  ? 12.331  -2.270  0.604   1.00 18.82 ? 30  ILE A CG2 1 
ATOM   226  C CD1 . ILE A 1 30  ? 10.264  -0.942  2.400   1.00 20.15 ? 30  ILE A CD1 1 
ATOM   227  N N   . ILE A 1 31  ? 14.852  -3.333  3.044   1.00 24.10 ? 31  ILE A N   1 
ATOM   228  C CA  . ILE A 1 31  ? 16.091  -4.109  2.937   1.00 27.39 ? 31  ILE A CA  1 
ATOM   229  C C   . ILE A 1 31  ? 16.025  -5.030  1.725   1.00 29.32 ? 31  ILE A C   1 
ATOM   230  O O   . ILE A 1 31  ? 15.099  -5.832  1.600   1.00 30.40 ? 31  ILE A O   1 
ATOM   231  C CB  . ILE A 1 31  ? 16.365  -4.948  4.211   1.00 28.59 ? 31  ILE A CB  1 
ATOM   232  C CG1 . ILE A 1 31  ? 16.080  -4.152  5.501   1.00 28.98 ? 31  ILE A CG1 1 
ATOM   233  C CG2 . ILE A 1 31  ? 17.776  -5.532  4.184   1.00 28.93 ? 31  ILE A CG2 1 
ATOM   234  C CD1 . ILE A 1 31  ? 16.975  -2.951  5.756   1.00 30.49 ? 31  ILE A CD1 1 
ATOM   235  N N   . ARG A 1 32  ? 17.002  -4.912  0.830   1.00 31.98 ? 32  ARG A N   1 
ATOM   236  C CA  . ARG A 1 32  ? 17.098  -5.835  -0.297  1.00 33.74 ? 32  ARG A CA  1 
ATOM   237  C C   . ARG A 1 32  ? 17.604  -7.199  0.168   1.00 34.01 ? 32  ARG A C   1 
ATOM   238  O O   . ARG A 1 32  ? 18.238  -7.311  1.223   1.00 34.37 ? 32  ARG A O   1 
ATOM   239  C CB  . ARG A 1 32  ? 17.951  -5.267  -1.438  1.00 36.01 ? 32  ARG A CB  1 
ATOM   240  C CG  . ARG A 1 32  ? 19.200  -4.524  -1.007  1.00 38.46 ? 32  ARG A CG  1 
ATOM   241  C CD  . ARG A 1 32  ? 19.663  -3.594  -2.115  1.00 41.76 ? 32  ARG A CD  1 
ATOM   242  N NE  . ARG A 1 32  ? 20.874  -2.864  -1.754  1.00 44.13 ? 32  ARG A NE  1 
ATOM   243  C CZ  . ARG A 1 32  ? 21.591  -2.132  -2.604  1.00 45.62 ? 32  ARG A CZ  1 
ATOM   244  N NH1 . ARG A 1 32  ? 21.223  -2.028  -3.876  1.00 45.73 ? 32  ARG A NH1 1 
ATOM   245  N NH2 . ARG A 1 32  ? 22.681  -1.502  -2.181  1.00 46.67 ? 32  ARG A NH2 1 
ATOM   246  N N   . GLU A 1 33  ? 17.293  -8.223  -0.623  1.00 34.43 ? 33  GLU A N   1 
ATOM   247  C CA  . GLU A 1 33  ? 17.553  -9.630  -0.282  1.00 34.87 ? 33  GLU A CA  1 
ATOM   248  C C   . GLU A 1 33  ? 16.852  -10.057 1.008   1.00 33.42 ? 33  GLU A C   1 
ATOM   249  O O   . GLU A 1 33  ? 17.392  -10.826 1.801   1.00 33.72 ? 33  GLU A O   1 
ATOM   250  C CB  . GLU A 1 33  ? 19.056  -9.930  -0.233  1.00 37.37 ? 33  GLU A CB  1 
ATOM   251  C CG  . GLU A 1 33  ? 19.774  -9.622  -1.536  1.00 39.95 ? 33  GLU A CG  1 
ATOM   252  C CD  . GLU A 1 33  ? 21.054  -10.413 -1.696  1.00 42.08 ? 33  GLU A CD  1 
ATOM   253  O OE1 . GLU A 1 33  ? 21.979  -10.241 -0.871  1.00 42.63 ? 33  GLU A OE1 1 
ATOM   254  O OE2 . GLU A 1 33  ? 21.129  -11.208 -2.658  1.00 43.99 ? 33  GLU A OE2 1 
ATOM   255  N N   . SER A 1 34  ? 15.639  -9.546  1.202   1.00 31.60 ? 34  SER A N   1 
ATOM   256  C CA  . SER A 1 34  ? 14.821  -9.896  2.354   1.00 29.43 ? 34  SER A CA  1 
ATOM   257  C C   . SER A 1 34  ? 13.340  -9.884  1.995   1.00 28.34 ? 34  SER A C   1 
ATOM   258  O O   . SER A 1 34  ? 12.922  -9.200  1.052   1.00 25.69 ? 34  SER A O   1 
ATOM   259  C CB  . SER A 1 34  ? 15.083  -8.940  3.524   1.00 30.62 ? 34  SER A CB  1 
ATOM   260  O OG  . SER A 1 34  ? 14.417  -7.702  3.340   1.00 31.97 ? 34  SER A OG  1 
ATOM   261  N N   . GLU A 1 35  ? 12.563  -10.658 2.747   1.00 27.88 ? 35  GLU A N   1 
ATOM   262  C CA  . GLU A 1 35  ? 11.106  -10.616 2.668   1.00 27.28 ? 35  GLU A CA  1 
ATOM   263  C C   . GLU A 1 35  ? 10.601  -9.408  3.442   1.00 25.75 ? 35  GLU A C   1 
ATOM   264  O O   . GLU A 1 35  ? 11.028  -9.161  4.574   1.00 26.55 ? 35  GLU A O   1 
ATOM   265  C CB  . GLU A 1 35  ? 10.485  -11.887 3.249   1.00 28.93 ? 35  GLU A CB  1 
ATOM   266  C CG  . GLU A 1 35  ? 10.520  -13.095 2.327   1.00 31.12 ? 35  GLU A CG  1 
ATOM   267  C CD  . GLU A 1 35  ? 9.639   -14.234 2.815   1.00 32.71 ? 35  GLU A CD  1 
ATOM   268  O OE1 . GLU A 1 35  ? 9.375   -14.328 4.038   1.00 33.58 ? 35  GLU A OE1 1 
ATOM   269  O OE2 . GLU A 1 35  ? 9.205   -15.040 1.969   1.00 33.38 ? 35  GLU A OE2 1 
ATOM   270  N N   . ILE A 1 36  ? 9.704   -8.653  2.818   1.00 23.04 ? 36  ILE A N   1 
ATOM   271  C CA  . ILE A 1 36  ? 9.072   -7.509  3.458   1.00 21.70 ? 36  ILE A CA  1 
ATOM   272  C C   . ILE A 1 36  ? 7.612   -7.877  3.689   1.00 20.39 ? 36  ILE A C   1 
ATOM   273  O O   . ILE A 1 36  ? 6.927   -8.328  2.764   1.00 20.29 ? 36  ILE A O   1 
ATOM   274  C CB  . ILE A 1 36  ? 9.157   -6.234  2.586   1.00 21.91 ? 36  ILE A CB  1 
ATOM   275  C CG1 . ILE A 1 36  ? 10.593  -5.976  2.092   1.00 22.67 ? 36  ILE A CG1 1 
ATOM   276  C CG2 . ILE A 1 36  ? 8.592   -5.020  3.324   1.00 21.68 ? 36  ILE A CG2 1 
ATOM   277  C CD1 . ILE A 1 36  ? 11.619  -5.753  3.186   1.00 21.97 ? 36  ILE A CD1 1 
ATOM   278  N N   . HIS A 1 37  ? 7.161   -7.712  4.927   1.00 19.22 ? 37  HIS A N   1 
ATOM   279  C CA  . HIS A 1 37  ? 5.761   -7.937  5.268   1.00 18.90 ? 37  HIS A CA  1 
ATOM   280  C C   . HIS A 1 37  ? 5.060   -6.607  5.494   1.00 17.59 ? 37  HIS A C   1 
ATOM   281  O O   . HIS A 1 37  ? 5.496   -5.794  6.302   1.00 17.59 ? 37  HIS A O   1 
ATOM   282  C CB  . HIS A 1 37  ? 5.651   -8.825  6.503   1.00 19.94 ? 37  HIS A CB  1 
ATOM   283  C CG  . HIS A 1 37  ? 6.569   -10.006 6.468   1.00 21.82 ? 37  HIS A CG  1 
ATOM   284  N ND1 . HIS A 1 37  ? 6.400   -11.054 5.587   1.00 22.57 ? 37  HIS A ND1 1 
ATOM   285  C CD2 . HIS A 1 37  ? 7.676   -10.297 7.192   1.00 22.39 ? 37  HIS A CD2 1 
ATOM   286  C CE1 . HIS A 1 37  ? 7.357   -11.946 5.780   1.00 22.64 ? 37  HIS A CE1 1 
ATOM   287  N NE2 . HIS A 1 37  ? 8.145   -11.509 6.746   1.00 23.15 ? 37  HIS A NE2 1 
ATOM   288  N N   . VAL A 1 38  ? 3.967   -6.395  4.771   1.00 16.32 ? 38  VAL A N   1 
ATOM   289  C CA  . VAL A 1 38  ? 3.236   -5.125  4.835   1.00 15.61 ? 38  VAL A CA  1 
ATOM   290  C C   . VAL A 1 38  ? 1.819   -5.414  5.297   1.00 14.81 ? 38  VAL A C   1 
ATOM   291  O O   . VAL A 1 38  ? 1.195   -6.361  4.816   1.00 14.05 ? 38  VAL A O   1 
ATOM   292  C CB  . VAL A 1 38  ? 3.191   -4.407  3.470   1.00 15.28 ? 38  VAL A CB  1 
ATOM   293  C CG1 . VAL A 1 38  ? 2.390   -3.106  3.556   1.00 15.45 ? 38  VAL A CG1 1 
ATOM   294  C CG2 . VAL A 1 38  ? 4.596   -4.134  2.954   1.00 15.53 ? 38  VAL A CG2 1 
ATOM   295  N N   . SER A 1 39  ? 1.333   -4.615  6.243   1.00 14.18 ? 39  SER A N   1 
ATOM   296  C CA  . SER A 1 39  ? -0.048  -4.693  6.710   1.00 14.80 ? 39  SER A CA  1 
ATOM   297  C C   . SER A 1 39  ? -0.708  -3.320  6.613   1.00 13.65 ? 39  SER A C   1 
ATOM   298  O O   . SER A 1 39  ? -0.076  -2.304  6.899   1.00 13.81 ? 39  SER A O   1 
ATOM   299  C CB  . SER A 1 39  ? -0.101  -5.175  8.171   1.00 15.39 ? 39  SER A CB  1 
ATOM   300  O OG  . SER A 1 39  ? -1.415  -5.050  8.700   1.00 18.91 ? 39  SER A OG  1 
ATOM   301  N N   . MET A 1 40  ? -1.978  -3.290  6.208   1.00 12.97 ? 40  MET A N   1 
ATOM   302  C CA  . MET A 1 40  ? -2.774  -2.060  6.281   1.00 12.47 ? 40  MET A CA  1 
ATOM   303  C C   . MET A 1 40  ? -4.136  -2.346  6.889   1.00 11.87 ? 40  MET A C   1 
ATOM   304  O O   . MET A 1 40  ? -4.842  -3.228  6.409   1.00 12.07 ? 40  MET A O   1 
ATOM   305  C CB  . MET A 1 40  ? -2.964  -1.431  4.895   1.00 12.52 ? 40  MET A CB  1 
ATOM   306  C CG  . MET A 1 40  ? -4.022  -0.330  4.875   1.00 12.72 ? 40  MET A CG  1 
ATOM   307  S SD  . MET A 1 40  ? -4.086  0.660   3.361   1.00 13.19 ? 40  MET A SD  1 
ATOM   308  C CE  . MET A 1 40  ? -4.747  -0.540  2.215   1.00 12.55 ? 40  MET A CE  1 
ATOM   309  N N   . LYS A 1 41  ? -4.484  -1.603  7.942   1.00 11.92 ? 41  LYS A N   1 
ATOM   310  C CA  . LYS A 1 41  ? -5.842  -1.620  8.496   1.00 11.68 ? 41  LYS A CA  1 
ATOM   311  C C   . LYS A 1 41  ? -6.629  -0.479  7.884   1.00 11.37 ? 41  LYS A C   1 
ATOM   312  O O   . LYS A 1 41  ? -6.217  0.683   7.965   1.00 10.95 ? 41  LYS A O   1 
ATOM   313  C CB  . LYS A 1 41  ? -5.826  -1.475  10.016  1.00 12.25 ? 41  LYS A CB  1 
ATOM   314  C CG  . LYS A 1 41  ? -5.032  -2.557  10.728  1.00 13.50 ? 41  LYS A CG  1 
ATOM   315  C CD  . LYS A 1 41  ? -4.970  -2.263  12.215  1.00 14.18 ? 41  LYS A CD  1 
ATOM   316  C CE  . LYS A 1 41  ? -3.956  -3.158  12.903  1.00 16.24 ? 41  LYS A CE  1 
ATOM   317  N NZ  . LYS A 1 41  ? -3.942  -2.891  14.368  1.00 17.54 ? 41  LYS A NZ  1 
ATOM   318  N N   . PHE A 1 42  ? -7.742  -0.822  7.247   1.00 10.56 ? 42  PHE A N   1 
ATOM   319  C CA  . PHE A 1 42  ? -8.527  0.175   6.532   1.00 10.55 ? 42  PHE A CA  1 
ATOM   320  C C   . PHE A 1 42  ? -10.027 -0.087  6.607   1.00 10.56 ? 42  PHE A C   1 
ATOM   321  O O   . PHE A 1 42  ? -10.468 -1.203  6.896   1.00 10.35 ? 42  PHE A O   1 
ATOM   322  C CB  . PHE A 1 42  ? -8.041  0.315   5.078   1.00 10.59 ? 42  PHE A CB  1 
ATOM   323  C CG  . PHE A 1 42  ? -8.396  -0.848  4.186   1.00 10.75 ? 42  PHE A CG  1 
ATOM   324  C CD1 . PHE A 1 42  ? -7.711  -2.064  4.282   1.00 10.74 ? 42  PHE A CD1 1 
ATOM   325  C CD2 . PHE A 1 42  ? -9.398  -0.717  3.228   1.00 10.58 ? 42  PHE A CD2 1 
ATOM   326  C CE1 . PHE A 1 42  ? -8.028  -3.131  3.452   1.00 11.00 ? 42  PHE A CE1 1 
ATOM   327  C CE2 . PHE A 1 42  ? -9.715  -1.780  2.388   1.00 10.90 ? 42  PHE A CE2 1 
ATOM   328  C CZ  . PHE A 1 42  ? -9.040  -2.989  2.506   1.00 10.65 ? 42  PHE A CZ  1 
ATOM   329  N N   . THR A 1 43  ? -10.790 0.961   6.329   1.00 10.65 ? 43  THR A N   1 
ATOM   330  C CA  . THR A 1 43  ? -12.240 0.927   6.410   1.00 11.39 ? 43  THR A CA  1 
ATOM   331  C C   . THR A 1 43  ? -12.864 1.635   5.202   1.00 11.56 ? 43  THR A C   1 
ATOM   332  O O   . THR A 1 43  ? -12.698 2.850   5.052   1.00 11.54 ? 43  THR A O   1 
ATOM   333  C CB  . THR A 1 43  ? -12.746 1.640   7.685   1.00 11.89 ? 43  THR A CB  1 
ATOM   334  O OG1 . THR A 1 43  ? -12.066 1.133   8.842   1.00 12.07 ? 43  THR A OG1 1 
ATOM   335  C CG2 . THR A 1 43  ? -14.240 1.431   7.856   1.00 11.91 ? 43  THR A CG2 1 
ATOM   336  N N   . PRO A 1 44  ? -13.600 0.887   4.357   1.00 12.00 ? 44  PRO A N   1 
ATOM   337  C CA  . PRO A 1 44  ? -14.359 1.530   3.274   1.00 12.51 ? 44  PRO A CA  1 
ATOM   338  C C   . PRO A 1 44  ? -15.589 2.237   3.852   1.00 12.88 ? 44  PRO A C   1 
ATOM   339  O O   . PRO A 1 44  ? -16.155 1.773   4.856   1.00 12.34 ? 44  PRO A O   1 
ATOM   340  C CB  . PRO A 1 44  ? -14.785 0.347   2.391   1.00 12.26 ? 44  PRO A CB  1 
ATOM   341  C CG  . PRO A 1 44  ? -14.877 -0.817  3.337   1.00 12.56 ? 44  PRO A CG  1 
ATOM   342  C CD  . PRO A 1 44  ? -13.859 -0.566  4.434   1.00 11.99 ? 44  PRO A CD  1 
ATOM   343  N N   . SER A 1 45  ? -15.993 3.353   3.247   1.00 13.83 ? 45  SER A N   1 
ATOM   344  C CA  . SER A 1 45  ? -17.164 4.092   3.727   1.00 14.77 ? 45  SER A CA  1 
ATOM   345  C C   . SER A 1 45  ? -18.419 3.710   2.941   1.00 15.45 ? 45  SER A C   1 
ATOM   346  O O   . SER A 1 45  ? -19.517 4.212   3.219   1.00 16.53 ? 45  SER A O   1 
ATOM   347  C CB  . SER A 1 45  ? -16.924 5.600   3.656   1.00 14.58 ? 45  SER A CB  1 
ATOM   348  O OG  . SER A 1 45  ? -16.593 5.999   2.339   1.00 14.58 ? 45  SER A OG  1 
ATOM   349  N N   . VAL A 1 46  ? -18.227 2.836   1.954   1.00 15.56 ? 46  VAL A N   1 
ATOM   350  C CA  . VAL A 1 46  ? -19.292 2.258   1.136   1.00 16.22 ? 46  VAL A CA  1 
ATOM   351  C C   . VAL A 1 46  ? -19.029 0.762   0.955   1.00 15.63 ? 46  VAL A C   1 
ATOM   352  O O   . VAL A 1 46  ? -17.925 0.288   1.225   1.00 15.27 ? 46  VAL A O   1 
ATOM   353  C CB  . VAL A 1 46  ? -19.372 2.922   -0.260  1.00 15.93 ? 46  VAL A CB  1 
ATOM   354  C CG1 . VAL A 1 46  ? -19.767 4.394   -0.148  1.00 17.11 ? 46  VAL A CG1 1 
ATOM   355  C CG2 . VAL A 1 46  ? -18.064 2.756   -1.030  1.00 16.15 ? 46  VAL A CG2 1 
ATOM   356  N N   . ASP A 1 47  ? -20.047 0.015   0.523   1.00 15.49 ? 47  ASP A N   1 
ATOM   357  C CA  . ASP A 1 47  ? -19.851 -1.382  0.162   1.00 15.83 ? 47  ASP A CA  1 
ATOM   358  C C   . ASP A 1 47  ? -18.976 -1.456  -1.085  1.00 16.07 ? 47  ASP A C   1 
ATOM   359  O O   . ASP A 1 47  ? -19.158 -0.682  -2.015  1.00 16.64 ? 47  ASP A O   1 
ATOM   360  C CB  . ASP A 1 47  ? -21.191 -2.072  -0.103  1.00 16.66 ? 47  ASP A CB  1 
ATOM   361  C CG  . ASP A 1 47  ? -22.010 -2.293  1.160   1.00 17.42 ? 47  ASP A CG  1 
ATOM   362  O OD1 . ASP A 1 47  ? -21.467 -2.247  2.283   1.00 17.51 ? 47  ASP A OD1 1 
ATOM   363  O OD2 . ASP A 1 47  ? -23.228 -2.525  1.014   1.00 18.20 ? 47  ASP A OD2 1 
ATOM   364  N N   . VAL A 1 48  ? -18.025 -2.379  -1.095  1.00 15.68 ? 48  VAL A N   1 
ATOM   365  C CA  . VAL A 1 48  ? -17.061 -2.479  -2.194  1.00 15.21 ? 48  VAL A CA  1 
ATOM   366  C C   . VAL A 1 48  ? -17.103 -3.877  -2.805  1.00 15.74 ? 48  VAL A C   1 
ATOM   367  O O   . VAL A 1 48  ? -16.956 -4.867  -2.093  1.00 15.61 ? 48  VAL A O   1 
ATOM   368  C CB  . VAL A 1 48  ? -15.630 -2.123  -1.706  1.00 15.11 ? 48  VAL A CB  1 
ATOM   369  C CG1 . VAL A 1 48  ? -14.589 -2.367  -2.795  1.00 15.01 ? 48  VAL A CG1 1 
ATOM   370  C CG2 . VAL A 1 48  ? -15.575 -0.683  -1.221  1.00 14.86 ? 48  VAL A CG2 1 
ATOM   371  N N   . LYS A 1 49  ? -17.309 -3.949  -4.121  1.00 15.74 ? 49  LYS A N   1 
ATOM   372  C CA  . LYS A 1 49  ? -17.433 -5.234  -4.807  1.00 16.40 ? 49  LYS A CA  1 
ATOM   373  C C   . LYS A 1 49  ? -16.104 -5.846  -5.229  1.00 15.42 ? 49  LYS A C   1 
ATOM   374  O O   . LYS A 1 49  ? -15.951 -7.065  -5.213  1.00 15.98 ? 49  LYS A O   1 
ATOM   375  C CB  . LYS A 1 49  ? -18.364 -5.116  -6.014  1.00 18.51 ? 49  LYS A CB  1 
ATOM   376  C CG  . LYS A 1 49  ? -19.837 -5.103  -5.632  1.00 21.00 ? 49  LYS A CG  1 
ATOM   377  C CD  . LYS A 1 49  ? -20.746 -5.081  -6.852  1.00 23.38 ? 49  LYS A CD  1 
ATOM   378  C CE  . LYS A 1 49  ? -20.583 -6.316  -7.726  1.00 24.97 ? 49  LYS A CE  1 
ATOM   379  N NZ  . LYS A 1 49  ? -21.425 -6.225  -8.949  1.00 27.55 ? 49  LYS A NZ  1 
ATOM   380  N N   . ASN A 1 50  ? -15.156 -5.002  -5.621  1.00 14.94 ? 50  ASN A N   1 
ATOM   381  C CA  . ASN A 1 50  ? -13.825 -5.448  -6.029  1.00 14.86 ? 50  ASN A CA  1 
ATOM   382  C C   . ASN A 1 50  ? -12.792 -4.374  -5.711  1.00 14.52 ? 50  ASN A C   1 
ATOM   383  O O   . ASN A 1 50  ? -13.105 -3.180  -5.730  1.00 14.53 ? 50  ASN A O   1 
ATOM   384  C CB  . ASN A 1 50  ? -13.795 -5.779  -7.526  1.00 15.34 ? 50  ASN A CB  1 
ATOM   385  C CG  . ASN A 1 50  ? -12.550 -6.540  -7.940  1.00 15.93 ? 50  ASN A CG  1 
ATOM   386  O OD1 . ASN A 1 50  ? -12.157 -7.520  -7.304  1.00 16.29 ? 50  ASN A OD1 1 
ATOM   387  N ND2 . ASN A 1 50  ? -11.932 -6.105  -9.032  1.00 16.49 ? 50  ASN A ND2 1 
ATOM   388  N N   . VAL A 1 51  ? -11.564 -4.802  -5.425  1.00 14.26 ? 51  VAL A N   1 
ATOM   389  C CA  . VAL A 1 51  ? -10.479 -3.873  -5.099  1.00 14.61 ? 51  VAL A CA  1 
ATOM   390  C C   . VAL A 1 51  ? -9.328  -4.035  -6.093  1.00 15.05 ? 51  VAL A C   1 
ATOM   391  O O   . VAL A 1 51  ? -8.874  -5.148  -6.339  1.00 16.03 ? 51  VAL A O   1 
ATOM   392  C CB  . VAL A 1 51  ? -9.947  -4.085  -3.659  1.00 14.62 ? 51  VAL A CB  1 
ATOM   393  C CG1 . VAL A 1 51  ? -8.853  -3.071  -3.325  1.00 14.37 ? 51  VAL A CG1 1 
ATOM   394  C CG2 . VAL A 1 51  ? -11.076 -3.986  -2.644  1.00 14.35 ? 51  VAL A CG2 1 
ATOM   395  N N   . GLU A 1 52  ? -8.859  -2.922  -6.647  1.00 15.20 ? 52  GLU A N   1 
ATOM   396  C CA  . GLU A 1 52  ? -7.651  -2.916  -7.484  1.00 15.92 ? 52  GLU A CA  1 
ATOM   397  C C   . GLU A 1 52  ? -6.620  -1.984  -6.858  1.00 15.13 ? 52  GLU A C   1 
ATOM   398  O O   . GLU A 1 52  ? -6.890  -0.795  -6.667  1.00 14.83 ? 52  GLU A O   1 
ATOM   399  C CB  . GLU A 1 52  ? -7.952  -2.451  -8.914  1.00 17.41 ? 52  GLU A CB  1 
ATOM   400  C CG  . GLU A 1 52  ? -8.788  -3.414  -9.748  1.00 19.80 ? 52  GLU A CG  1 
ATOM   401  C CD  . GLU A 1 52  ? -9.025  -2.904  -11.164 1.00 21.52 ? 52  GLU A CD  1 
ATOM   402  O OE1 . GLU A 1 52  ? -8.069  -2.901  -11.971 1.00 23.62 ? 52  GLU A OE1 1 
ATOM   403  O OE2 . GLU A 1 52  ? -10.171 -2.517  -11.484 1.00 22.36 ? 52  GLU A OE2 1 
ATOM   404  N N   . ALA A 1 53  ? -5.452  -2.525  -6.534  1.00 14.79 ? 53  ALA A N   1 
ATOM   405  C CA  . ALA A 1 53  ? -4.376  -1.725  -5.957  1.00 14.60 ? 53  ALA A CA  1 
ATOM   406  C C   . ALA A 1 53  ? -3.513  -1.065  -7.033  1.00 14.89 ? 53  ALA A C   1 
ATOM   407  O O   . ALA A 1 53  ? -3.371  -1.581  -8.144  1.00 14.87 ? 53  ALA A O   1 
ATOM   408  C CB  . ALA A 1 53  ? -3.513  -2.560  -5.029  1.00 14.35 ? 53  ALA A CB  1 
ATOM   409  N N   . LYS A 1 54  ? -2.945  0.084   -6.672  1.00 15.28 ? 54  LYS A N   1 
ATOM   410  C CA  . LYS A 1 54  ? -2.088  0.877   -7.547  1.00 16.46 ? 54  LYS A CA  1 
ATOM   411  C C   . LYS A 1 54  ? -0.902  1.376   -6.735  1.00 16.47 ? 54  LYS A C   1 
ATOM   412  O O   . LYS A 1 54  ? -1.056  1.782   -5.580  1.00 16.17 ? 54  LYS A O   1 
ATOM   413  C CB  . LYS A 1 54  ? -2.850  2.093   -8.087  1.00 16.81 ? 54  LYS A CB  1 
ATOM   414  C CG  . LYS A 1 54  ? -4.140  1.774   -8.827  1.00 18.56 ? 54  LYS A CG  1 
ATOM   415  C CD  . LYS A 1 54  ? -3.846  1.151   -10.175 1.00 19.95 ? 54  LYS A CD  1 
ATOM   416  C CE  . LYS A 1 54  ? -5.112  1.022   -10.998 1.00 20.77 ? 54  LYS A CE  1 
ATOM   417  N NZ  . LYS A 1 54  ? -4.780  0.408   -12.314 1.00 21.29 ? 54  LYS A NZ  1 
ATOM   418  N N   . ALA A 1 55  ? 0.279   1.360   -7.341  1.00 16.89 ? 55  ALA A N   1 
ATOM   419  C CA  . ALA A 1 55  ? 1.469   1.890   -6.687  1.00 17.40 ? 55  ALA A CA  1 
ATOM   420  C C   . ALA A 1 55  ? 2.180   2.909   -7.573  1.00 18.38 ? 55  ALA A C   1 
ATOM   421  O O   . ALA A 1 55  ? 2.140   2.816   -8.804  1.00 18.58 ? 55  ALA A O   1 
ATOM   422  C CB  . ALA A 1 55  ? 2.415   0.766   -6.296  1.00 17.38 ? 55  ALA A CB  1 
ATOM   423  N N   . PHE A 1 56  ? 2.817   3.883   -6.928  1.00 19.26 ? 56  PHE A N   1 
ATOM   424  C CA  . PHE A 1 56  ? 3.569   4.928   -7.610  1.00 20.30 ? 56  PHE A CA  1 
ATOM   425  C C   . PHE A 1 56  ? 4.850   5.236   -6.841  1.00 22.18 ? 56  PHE A C   1 
ATOM   426  O O   . PHE A 1 56  ? 4.871   5.192   -5.611  1.00 21.50 ? 56  PHE A O   1 
ATOM   427  C CB  . PHE A 1 56  ? 2.736   6.208   -7.740  1.00 20.10 ? 56  PHE A CB  1 
ATOM   428  C CG  . PHE A 1 56  ? 1.398   6.003   -8.396  1.00 20.81 ? 56  PHE A CG  1 
ATOM   429  C CD1 . PHE A 1 56  ? 0.287   5.616   -7.648  1.00 20.97 ? 56  PHE A CD1 1 
ATOM   430  C CD2 . PHE A 1 56  ? 1.242   6.207   -9.765  1.00 21.36 ? 56  PHE A CD2 1 
ATOM   431  C CE1 . PHE A 1 56  ? -0.949  5.426   -8.257  1.00 21.07 ? 56  PHE A CE1 1 
ATOM   432  C CE2 . PHE A 1 56  ? 0.011   6.016   -10.377 1.00 21.26 ? 56  PHE A CE2 1 
ATOM   433  C CZ  . PHE A 1 56  ? -1.087  5.627   -9.624  1.00 21.39 ? 56  PHE A CZ  1 
ATOM   434  N N   . GLY A 1 57  ? 5.917   5.539   -7.578  1.00 23.69 ? 57  GLY A N   1 
ATOM   435  C CA  . GLY A 1 57  ? 7.142   6.083   -6.993  1.00 26.51 ? 57  GLY A CA  1 
ATOM   436  C C   . GLY A 1 57  ? 7.261   7.521   -7.459  1.00 29.13 ? 57  GLY A C   1 
ATOM   437  O O   . GLY A 1 57  ? 7.087   7.801   -8.642  1.00 28.50 ? 57  GLY A O   1 
ATOM   438  N N   . VAL A 1 58  ? 7.539   8.440   -6.540  1.00 32.05 ? 58  VAL A N   1 
ATOM   439  C CA  . VAL A 1 58  ? 7.577   9.861   -6.900  1.00 35.97 ? 58  VAL A CA  1 
ATOM   440  C C   . VAL A 1 58  ? 8.952   10.269  -7.432  1.00 39.64 ? 58  VAL A C   1 
ATOM   441  O O   . VAL A 1 58  ? 9.971   10.094  -6.758  1.00 39.76 ? 58  VAL A O   1 
ATOM   442  C CB  . VAL A 1 58  ? 7.135   10.781  -5.736  1.00 36.04 ? 58  VAL A CB  1 
ATOM   443  C CG1 . VAL A 1 58  ? 7.256   12.249  -6.123  1.00 36.12 ? 58  VAL A CG1 1 
ATOM   444  C CG2 . VAL A 1 58  ? 5.703   10.469  -5.321  1.00 36.44 ? 58  VAL A CG2 1 
ATOM   445  N N   . LEU A 1 59  ? 8.960   10.790  -8.659  1.00 44.22 ? 59  LEU A N   1 
ATOM   446  C CA  . LEU A 1 59  ? 10.161  11.349  -9.279  1.00 48.42 ? 59  LEU A CA  1 
ATOM   447  C C   . LEU A 1 59  ? 9.819   12.670  -9.970  1.00 50.42 ? 59  LEU A C   1 
ATOM   448  O O   . LEU A 1 59  ? 8.867   12.737  -10.756 1.00 50.47 ? 59  LEU A O   1 
ATOM   449  C CB  . LEU A 1 59  ? 10.787  10.359  -10.276 1.00 49.40 ? 59  LEU A CB  1 
ATOM   450  C CG  . LEU A 1 59  ? 11.579  9.111   -9.828  1.00 50.23 ? 59  LEU A CG  1 
ATOM   451  C CD1 . LEU A 1 59  ? 12.560  9.404   -8.695  1.00 50.77 ? 59  LEU A CD1 1 
ATOM   452  C CD2 . LEU A 1 59  ? 10.674  7.939   -9.461  1.00 50.28 ? 59  LEU A CD2 1 
ATOM   453  N N   . LEU A 1 60  ? 10.594  13.713  -9.662  1.00 53.10 ? 60  LEU A N   1 
ATOM   454  C CA  . LEU A 1 60  ? 10.385  15.068  -10.199 1.00 53.59 ? 60  LEU A CA  1 
ATOM   455  C C   . LEU A 1 60  ? 8.993   15.621  -9.875  1.00 53.78 ? 60  LEU A C   1 
ATOM   456  O O   . LEU A 1 60  ? 8.323   16.186  -10.744 1.00 55.08 ? 60  LEU A O   1 
ATOM   457  C CB  . LEU A 1 60  ? 10.649  15.115  -11.716 1.00 55.14 ? 60  LEU A CB  1 
ATOM   458  C CG  . LEU A 1 60  ? 12.075  15.365  -12.222 1.00 55.89 ? 60  LEU A CG  1 
ATOM   459  C CD1 . LEU A 1 60  ? 12.280  14.726  -13.589 1.00 56.64 ? 60  LEU A CD1 1 
ATOM   460  C CD2 . LEU A 1 60  ? 12.386  16.856  -12.273 1.00 55.55 ? 60  LEU A CD2 1 
ATOM   461  N N   . ASP A 1 61  ? 8.574   15.449  -8.620  1.00 51.72 ? 61  ASP A N   1 
ATOM   462  C CA  . ASP A 1 61  ? 7.234   15.845  -8.146  1.00 50.03 ? 61  ASP A CA  1 
ATOM   463  C C   . ASP A 1 61  ? 6.080   15.121  -8.851  1.00 47.93 ? 61  ASP A C   1 
ATOM   464  O O   . ASP A 1 61  ? 4.907   15.397  -8.581  1.00 48.61 ? 61  ASP A O   1 
ATOM   465  C CB  . ASP A 1 61  ? 7.035   17.370  -8.223  1.00 50.94 ? 61  ASP A CB  1 
ATOM   466  C CG  . ASP A 1 61  ? 7.781   18.117  -7.132  1.00 51.28 ? 61  ASP A CG  1 
ATOM   467  O OD1 . ASP A 1 61  ? 7.497   17.882  -5.936  1.00 51.12 ? 61  ASP A OD1 1 
ATOM   468  O OD2 . ASP A 1 61  ? 8.644   18.953  -7.474  1.00 50.70 ? 61  ASP A OD2 1 
ATOM   469  N N   . VAL A 1 62  ? 6.420   14.196  -9.748  1.00 45.30 ? 62  VAL A N   1 
ATOM   470  C CA  . VAL A 1 62  ? 5.419   13.435  -10.493 1.00 42.31 ? 62  VAL A CA  1 
ATOM   471  C C   . VAL A 1 62  ? 5.408   11.977  -10.025 1.00 39.89 ? 62  VAL A C   1 
ATOM   472  O O   . VAL A 1 62  ? 6.461   11.332  -9.969  1.00 38.87 ? 62  VAL A O   1 
ATOM   473  C CB  . VAL A 1 62  ? 5.648   13.518  -12.025 1.00 43.37 ? 62  VAL A CB  1 
ATOM   474  C CG1 . VAL A 1 62  ? 4.558   12.769  -12.783 1.00 43.64 ? 62  VAL A CG1 1 
ATOM   475  C CG2 . VAL A 1 62  ? 5.697   14.969  -12.488 1.00 43.47 ? 62  VAL A CG2 1 
ATOM   476  N N   . PRO A 1 63  ? 4.220   11.460  -9.666  1.00 37.83 ? 63  PRO A N   1 
ATOM   477  C CA  . PRO A 1 63  ? 4.103   10.047  -9.317  1.00 36.73 ? 63  PRO A CA  1 
ATOM   478  C C   . PRO A 1 63  ? 4.172   9.155   -10.557 1.00 35.10 ? 63  PRO A C   1 
ATOM   479  O O   . PRO A 1 63  ? 3.303   9.232   -11.431 1.00 36.49 ? 63  PRO A O   1 
ATOM   480  C CB  . PRO A 1 63  ? 2.717   9.954   -8.654  1.00 37.18 ? 63  PRO A CB  1 
ATOM   481  C CG  . PRO A 1 63  ? 2.297   11.359  -8.378  1.00 37.71 ? 63  PRO A CG  1 
ATOM   482  C CD  . PRO A 1 63  ? 2.953   12.179  -9.446  1.00 37.93 ? 63  PRO A CD  1 
ATOM   483  N N   . VAL A 1 64  ? 5.212   8.332   -10.627 1.00 32.80 ? 64  VAL A N   1 
ATOM   484  C CA  . VAL A 1 64  ? 5.406   7.399   -11.735 1.00 32.19 ? 64  VAL A CA  1 
ATOM   485  C C   . VAL A 1 64  ? 4.749   6.062   -11.382 1.00 30.14 ? 64  VAL A C   1 
ATOM   486  O O   . VAL A 1 64  ? 5.074   5.478   -10.348 1.00 28.87 ? 64  VAL A O   1 
ATOM   487  C CB  . VAL A 1 64  ? 6.913   7.197   -12.026 1.00 32.19 ? 64  VAL A CB  1 
ATOM   488  C CG1 . VAL A 1 64  ? 7.139   6.040   -12.993 1.00 34.73 ? 64  VAL A CG1 1 
ATOM   489  C CG2 . VAL A 1 64  ? 7.529   8.479   -12.569 1.00 33.42 ? 64  VAL A CG2 1 
ATOM   490  N N   . PRO A 1 65  ? 3.828   5.570   -12.239 1.00 29.17 ? 65  PRO A N   1 
ATOM   491  C CA  . PRO A 1 65  ? 3.139   4.299   -11.968 1.00 28.99 ? 65  PRO A CA  1 
ATOM   492  C C   . PRO A 1 65  ? 4.049   3.074   -12.072 1.00 29.16 ? 65  PRO A C   1 
ATOM   493  O O   . PRO A 1 65  ? 4.782   2.928   -13.055 1.00 28.17 ? 65  PRO A O   1 
ATOM   494  C CB  . PRO A 1 65  ? 2.048   4.253   -13.046 1.00 29.13 ? 65  PRO A CB  1 
ATOM   495  C CG  . PRO A 1 65  ? 2.578   5.091   -14.162 1.00 28.90 ? 65  PRO A CG  1 
ATOM   496  C CD  . PRO A 1 65  ? 3.370   6.187   -13.499 1.00 29.53 ? 65  PRO A CD  1 
ATOM   497  N N   . PHE A 1 66  ? 3.995   2.209   -11.060 1.00 28.90 ? 66  PHE A N   1 
ATOM   498  C CA  . PHE A 1 66  ? 4.760   0.960   -11.036 1.00 29.83 ? 66  PHE A CA  1 
ATOM   499  C C   . PHE A 1 66  ? 3.820   -0.245  -10.993 1.00 30.08 ? 66  PHE A C   1 
ATOM   500  O O   . PHE A 1 66  ? 2.836   -0.229  -10.248 1.00 28.09 ? 66  PHE A O   1 
ATOM   501  C CB  . PHE A 1 66  ? 5.703   0.916   -9.827  1.00 31.43 ? 66  PHE A CB  1 
ATOM   502  C CG  . PHE A 1 66  ? 6.954   1.738   -9.992  1.00 33.50 ? 66  PHE A CG  1 
ATOM   503  C CD1 . PHE A 1 66  ? 8.098   1.185   -10.562 1.00 34.63 ? 66  PHE A CD1 1 
ATOM   504  C CD2 . PHE A 1 66  ? 6.998   3.062   -9.568  1.00 34.62 ? 66  PHE A CD2 1 
ATOM   505  C CE1 . PHE A 1 66  ? 9.255   1.939   -10.713 1.00 35.11 ? 66  PHE A CE1 1 
ATOM   506  C CE2 . PHE A 1 66  ? 8.152   3.823   -9.716  1.00 34.98 ? 66  PHE A CE2 1 
ATOM   507  C CZ  . PHE A 1 66  ? 9.283   3.259   -10.288 1.00 35.27 ? 66  PHE A CZ  1 
ATOM   508  N N   . PRO A 1 67  ? 4.123   -1.297  -11.779 1.00 30.98 ? 67  PRO A N   1 
ATOM   509  C CA  . PRO A 1 67  ? 3.258   -2.480  -11.860 1.00 31.04 ? 67  PRO A CA  1 
ATOM   510  C C   . PRO A 1 67  ? 3.287   -3.335  -10.592 1.00 30.40 ? 67  PRO A C   1 
ATOM   511  O O   . PRO A 1 67  ? 4.356   -3.576  -10.032 1.00 31.76 ? 67  PRO A O   1 
ATOM   512  C CB  . PRO A 1 67  ? 3.858   -3.267  -13.031 1.00 31.76 ? 67  PRO A CB  1 
ATOM   513  C CG  . PRO A 1 67  ? 5.298   -2.885  -13.030 1.00 31.52 ? 67  PRO A CG  1 
ATOM   514  C CD  . PRO A 1 67  ? 5.316   -1.434  -12.640 1.00 31.27 ? 67  PRO A CD  1 
ATOM   515  N N   . LEU A 1 68  ? 2.114   -3.776  -10.146 1.00 29.27 ? 68  LEU A N   1 
ATOM   516  C CA  . LEU A 1 68  ? 2.024   -4.724  -9.042  1.00 27.55 ? 68  LEU A CA  1 
ATOM   517  C C   . LEU A 1 68  ? 1.739   -6.119  -9.586  1.00 27.07 ? 68  LEU A C   1 
ATOM   518  O O   . LEU A 1 68  ? 1.105   -6.267  -10.632 1.00 27.39 ? 68  LEU A O   1 
ATOM   519  C CB  . LEU A 1 68  ? 0.946   -4.297  -8.040  1.00 27.32 ? 68  LEU A CB  1 
ATOM   520  C CG  . LEU A 1 68  ? 1.146   -2.953  -7.324  1.00 26.11 ? 68  LEU A CG  1 
ATOM   521  C CD1 . LEU A 1 68  ? -0.139  -2.497  -6.651  1.00 27.00 ? 68  LEU A CD1 1 
ATOM   522  C CD2 . LEU A 1 68  ? 2.283   -3.019  -6.314  1.00 26.37 ? 68  LEU A CD2 1 
ATOM   523  N N   . LYS A 1 69  ? 2.219   -7.135  -8.874  1.00 26.95 ? 69  LYS A N   1 
ATOM   524  C CA  . LYS A 1 69  ? 2.029   -8.527  -9.283  1.00 26.52 ? 69  LYS A CA  1 
ATOM   525  C C   . LYS A 1 69  ? 0.622   -9.035  -8.982  1.00 25.43 ? 69  LYS A C   1 
ATOM   526  O O   . LYS A 1 69  ? 0.070   -9.833  -9.741  1.00 25.74 ? 69  LYS A O   1 
ATOM   527  C CB  . LYS A 1 69  ? 3.064   -9.437  -8.617  1.00 28.50 ? 69  LYS A CB  1 
ATOM   528  C CG  . LYS A 1 69  ? 4.480   -9.276  -9.152  1.00 30.47 ? 69  LYS A CG  1 
ATOM   529  C CD  . LYS A 1 69  ? 5.452   -10.166 -8.387  1.00 32.62 ? 69  LYS A CD  1 
ATOM   530  C CE  . LYS A 1 69  ? 6.905   -9.788  -8.641  1.00 33.96 ? 69  LYS A CE  1 
ATOM   531  N NZ  . LYS A 1 69  ? 7.344   -10.075 -10.036 1.00 34.45 ? 69  LYS A NZ  1 
ATOM   532  N N   . LYS A 1 70  ? 0.046   -8.582  -7.871  1.00 24.63 ? 70  LYS A N   1 
ATOM   533  C CA  . LYS A 1 70  ? -1.288  -9.030  -7.463  1.00 23.63 ? 70  LYS A CA  1 
ATOM   534  C C   . LYS A 1 70  ? -2.207  -7.857  -7.089  1.00 21.34 ? 70  LYS A C   1 
ATOM   535  O O   . LYS A 1 70  ? -2.601  -7.739  -5.925  1.00 20.42 ? 70  LYS A O   1 
ATOM   536  C CB  . LYS A 1 70  ? -1.186  -10.014 -6.289  1.00 25.38 ? 70  LYS A CB  1 
ATOM   537  C CG  . LYS A 1 70  ? -0.289  -11.221 -6.549  1.00 26.91 ? 70  LYS A CG  1 
ATOM   538  C CD  . LYS A 1 70  ? -0.033  -12.040 -5.294  1.00 28.77 ? 70  LYS A CD  1 
ATOM   539  C CE  . LYS A 1 70  ? 0.922   -11.340 -4.337  1.00 29.62 ? 70  LYS A CE  1 
ATOM   540  N NZ  . LYS A 1 70  ? 1.284   -12.191 -3.170  1.00 31.37 ? 70  LYS A NZ  1 
ATOM   541  N N   . PRO A 1 71  ? -2.565  -6.998  -8.072  1.00 19.60 ? 71  PRO A N   1 
ATOM   542  C CA  . PRO A 1 71  ? -3.351  -5.790  -7.770  1.00 18.91 ? 71  PRO A CA  1 
ATOM   543  C C   . PRO A 1 71  ? -4.803  -6.055  -7.384  1.00 18.56 ? 71  PRO A C   1 
ATOM   544  O O   . PRO A 1 71  ? -5.416  -5.221  -6.724  1.00 17.82 ? 71  PRO A O   1 
ATOM   545  C CB  . PRO A 1 71  ? -3.297  -4.989  -9.078  1.00 18.53 ? 71  PRO A CB  1 
ATOM   546  C CG  . PRO A 1 71  ? -3.054  -6.003  -10.139 1.00 18.68 ? 71  PRO A CG  1 
ATOM   547  C CD  . PRO A 1 71  ? -2.240  -7.099  -9.511  1.00 18.95 ? 71  PRO A CD  1 
ATOM   548  N N   . GLU A 1 72  ? -5.354  -7.195  -7.797  1.00 18.87 ? 72  GLU A N   1 
ATOM   549  C CA  . GLU A 1 72  ? -6.711  -7.547  -7.401  1.00 19.05 ? 72  GLU A CA  1 
ATOM   550  C C   . GLU A 1 72  ? -6.661  -8.229  -6.037  1.00 18.63 ? 72  GLU A C   1 
ATOM   551  O O   . GLU A 1 72  ? -6.622  -9.458  -5.919  1.00 18.58 ? 72  GLU A O   1 
ATOM   552  C CB  . GLU A 1 72  ? -7.421  -8.388  -8.465  1.00 19.84 ? 72  GLU A CB  1 
ATOM   553  C CG  . GLU A 1 72  ? -7.761  -7.593  -9.718  1.00 22.03 ? 72  GLU A CG  1 
ATOM   554  C CD  . GLU A 1 72  ? -8.846  -8.248  -10.546 1.00 22.70 ? 72  GLU A CD  1 
ATOM   555  O OE1 . GLU A 1 72  ? -10.034 -7.943  -10.316 1.00 23.06 ? 72  GLU A OE1 1 
ATOM   556  O OE2 . GLU A 1 72  ? -8.509  -9.060  -11.432 1.00 23.90 ? 72  GLU A OE2 1 
ATOM   557  N N   . ILE A 1 73  ? -6.655  -7.379  -5.016  1.00 18.51 ? 73  ILE A N   1 
ATOM   558  C CA  . ILE A 1 73  ? -6.480  -7.757  -3.616  1.00 19.67 ? 73  ILE A CA  1 
ATOM   559  C C   . ILE A 1 73  ? -7.451  -8.831  -3.140  1.00 19.07 ? 73  ILE A C   1 
ATOM   560  O O   . ILE A 1 73  ? -7.063  -9.738  -2.400  1.00 18.68 ? 73  ILE A O   1 
ATOM   561  C CB  . ILE A 1 73  ? -6.625  -6.504  -2.715  1.00 20.65 ? 73  ILE A CB  1 
ATOM   562  C CG1 . ILE A 1 73  ? -5.638  -5.400  -3.138  1.00 21.70 ? 73  ILE A CG1 1 
ATOM   563  C CG2 . ILE A 1 73  ? -6.540  -6.867  -1.236  1.00 22.69 ? 73  ILE A CG2 1 
ATOM   564  C CD1 . ILE A 1 73  ? -4.194  -5.832  -3.262  1.00 21.73 ? 73  ILE A CD1 1 
ATOM   565  N N   . CYS A 1 74  ? -8.709  -8.724  -3.557  1.00 19.28 ? 74  CYS A N   1 
ATOM   566  C CA  . CYS A 1 74  ? -9.746  -9.654  -3.115  1.00 20.16 ? 74  CYS A CA  1 
ATOM   567  C C   . CYS A 1 74  ? -9.595  -11.036 -3.740  1.00 20.48 ? 74  CYS A C   1 
ATOM   568  O O   . CYS A 1 74  ? -10.125 -12.018 -3.223  1.00 20.20 ? 74  CYS A O   1 
ATOM   569  C CB  . CYS A 1 74  ? -11.133 -9.083  -3.406  1.00 20.57 ? 74  CYS A CB  1 
ATOM   570  S SG  . CYS A 1 74  ? -11.623 -7.856  -2.181  1.00 22.28 ? 74  CYS A SG  1 
ATOM   571  N N   . LYS A 1 75  ? -8.852  -11.101 -4.844  1.00 20.43 ? 75  LYS A N   1 
ATOM   572  C CA  . LYS A 1 75  ? -8.642  -12.344 -5.576  1.00 21.35 ? 75  LYS A CA  1 
ATOM   573  C C   . LYS A 1 75  ? -7.280  -12.981 -5.265  1.00 21.05 ? 75  LYS A C   1 
ATOM   574  O O   . LYS A 1 75  ? -6.945  -14.039 -5.794  1.00 22.42 ? 75  LYS A O   1 
ATOM   575  C CB  . LYS A 1 75  ? -8.824  -12.090 -7.075  1.00 21.92 ? 75  LYS A CB  1 
ATOM   576  C CG  . LYS A 1 75  ? -10.212 -11.568 -7.412  1.00 23.54 ? 75  LYS A CG  1 
ATOM   577  C CD  . LYS A 1 75  ? -10.354 -11.186 -8.876  1.00 24.60 ? 75  LYS A CD  1 
ATOM   578  C CE  . LYS A 1 75  ? -11.710 -10.551 -9.122  1.00 25.78 ? 75  LYS A CE  1 
ATOM   579  N NZ  . LYS A 1 75  ? -11.922 -10.271 -10.570 1.00 27.57 ? 75  LYS A NZ  1 
ATOM   580  N N   . ASP A 1 76  ? -6.507  -12.334 -4.399  1.00 19.48 ? 76  ASP A N   1 
ATOM   581  C CA  . ASP A 1 76  ? -5.228  -12.862 -3.939  1.00 19.28 ? 76  ASP A CA  1 
ATOM   582  C C   . ASP A 1 76  ? -5.474  -13.661 -2.661  1.00 19.58 ? 76  ASP A C   1 
ATOM   583  O O   . ASP A 1 76  ? -5.823  -13.086 -1.640  1.00 19.08 ? 76  ASP A O   1 
ATOM   584  C CB  . ASP A 1 76  ? -4.238  -11.707 -3.707  1.00 19.27 ? 76  ASP A CB  1 
ATOM   585  C CG  . ASP A 1 76  ? -3.011  -12.111 -2.896  1.00 19.70 ? 76  ASP A CG  1 
ATOM   586  O OD1 . ASP A 1 76  ? -2.766  -13.319 -2.680  1.00 19.79 ? 76  ASP A OD1 1 
ATOM   587  O OD2 . ASP A 1 76  ? -2.274  -11.196 -2.469  1.00 19.88 ? 76  ASP A OD2 1 
ATOM   588  N N   . PRO A 1 77  ? -5.279  -14.994 -2.717  1.00 20.62 ? 77  PRO A N   1 
ATOM   589  C CA  . PRO A 1 77  ? -5.612  -15.874 -1.586  1.00 20.79 ? 77  PRO A CA  1 
ATOM   590  C C   . PRO A 1 77  ? -4.822  -15.587 -0.298  1.00 20.86 ? 77  PRO A C   1 
ATOM   591  O O   . PRO A 1 77  ? -5.264  -15.969 0.794   1.00 21.21 ? 77  PRO A O   1 
ATOM   592  C CB  . PRO A 1 77  ? -5.282  -17.272 -2.121  1.00 21.08 ? 77  PRO A CB  1 
ATOM   593  C CG  . PRO A 1 77  ? -4.249  -17.039 -3.172  1.00 21.26 ? 77  PRO A CG  1 
ATOM   594  C CD  . PRO A 1 77  ? -4.622  -15.732 -3.814  1.00 21.11 ? 77  PRO A CD  1 
ATOM   595  N N   . ASP A 1 78  ? -3.688  -14.902 -0.427  1.00 19.91 ? 78  ASP A N   1 
ATOM   596  C CA  . ASP A 1 78  ? -2.856  -14.551 0.723   1.00 20.10 ? 78  ASP A CA  1 
ATOM   597  C C   . ASP A 1 78  ? -3.104  -13.140 1.295   1.00 18.52 ? 78  ASP A C   1 
ATOM   598  O O   . ASP A 1 78  ? -2.507  -12.776 2.306   1.00 18.80 ? 78  ASP A O   1 
ATOM   599  C CB  . ASP A 1 78  ? -1.371  -14.730 0.376   1.00 21.60 ? 78  ASP A CB  1 
ATOM   600  C CG  . ASP A 1 78  ? -1.033  -16.151 -0.059  1.00 22.66 ? 78  ASP A CG  1 
ATOM   601  O OD1 . ASP A 1 78  ? -1.462  -17.109 0.621   1.00 23.98 ? 78  ASP A OD1 1 
ATOM   602  O OD2 . ASP A 1 78  ? -0.338  -16.310 -1.084  1.00 23.52 ? 78  ASP A OD2 1 
ATOM   603  N N   . SER A 1 79  ? -3.983  -12.353 0.669   1.00 17.49 ? 79  SER A N   1 
ATOM   604  C CA  . SER A 1 79  ? -4.200  -10.967 1.106   1.00 16.47 ? 79  SER A CA  1 
ATOM   605  C C   . SER A 1 79  ? -4.919  -10.846 2.454   1.00 16.34 ? 79  SER A C   1 
ATOM   606  O O   . SER A 1 79  ? -4.803  -9.829  3.136   1.00 16.36 ? 79  SER A O   1 
ATOM   607  C CB  . SER A 1 79  ? -4.985  -10.184 0.058   1.00 16.58 ? 79  SER A CB  1 
ATOM   608  O OG  . SER A 1 79  ? -6.350  -10.562 0.107   1.00 16.62 ? 79  SER A OG  1 
ATOM   609  N N   . GLY A 1 80  ? -5.688  -11.865 2.810   1.00 16.04 ? 80  GLY A N   1 
ATOM   610  C CA  . GLY A 1 80  ? -6.492  -11.830 4.028   1.00 15.70 ? 80  GLY A CA  1 
ATOM   611  C C   . GLY A 1 80  ? -7.779  -11.034 3.886   1.00 15.47 ? 80  GLY A C   1 
ATOM   612  O O   . GLY A 1 80  ? -8.518  -10.856 4.868   1.00 15.01 ? 80  GLY A O   1 
ATOM   613  N N   . VAL A 1 81  ? -8.040  -10.549 2.673   1.00 15.23 ? 81  VAL A N   1 
ATOM   614  C CA  . VAL A 1 81  ? -9.211  -9.719  2.394   1.00 15.29 ? 81  VAL A CA  1 
ATOM   615  C C   . VAL A 1 81  ? -10.139 -10.429 1.410   1.00 15.67 ? 81  VAL A C   1 
ATOM   616  O O   . VAL A 1 81  ? -9.723  -10.809 0.315   1.00 15.47 ? 81  VAL A O   1 
ATOM   617  C CB  . VAL A 1 81  ? -8.819  -8.341  1.809   1.00 15.48 ? 81  VAL A CB  1 
ATOM   618  C CG1 . VAL A 1 81  ? -10.057 -7.481  1.575   1.00 15.02 ? 81  VAL A CG1 1 
ATOM   619  C CG2 . VAL A 1 81  ? -7.865  -7.615  2.733   1.00 15.59 ? 81  VAL A CG2 1 
ATOM   620  N N   . LYS A 1 82  ? -11.395 -10.596 1.804   1.00 16.61 ? 82  LYS A N   1 
ATOM   621  C CA  . LYS A 1 82  ? -12.395 -11.194 0.922   1.00 17.73 ? 82  LYS A CA  1 
ATOM   622  C C   . LYS A 1 82  ? -13.480 -10.180 0.587   1.00 17.19 ? 82  LYS A C   1 
ATOM   623  O O   . LYS A 1 82  ? -14.085 -9.581  1.475   1.00 17.66 ? 82  LYS A O   1 
ATOM   624  C CB  . LYS A 1 82  ? -13.026 -12.441 1.550   1.00 19.66 ? 82  LYS A CB  1 
ATOM   625  C CG  . LYS A 1 82  ? -12.091 -13.634 1.738   1.00 21.79 ? 82  LYS A CG  1 
ATOM   626  C CD  . LYS A 1 82  ? -12.909 -14.910 1.944   1.00 25.11 ? 82  LYS A CD  1 
ATOM   627  C CE  . LYS A 1 82  ? -12.094 -16.015 2.600   1.00 25.98 ? 82  LYS A CE  1 
ATOM   628  N NZ  . LYS A 1 82  ? -11.845 -15.722 4.042   1.00 27.81 ? 82  LYS A NZ  1 
ATOM   629  N N   . CYS A 1 83  ? -13.717 -9.994  -0.707  1.00 16.70 ? 83  CYS A N   1 
ATOM   630  C CA  . CYS A 1 83  ? -14.809 -9.163  -1.201  1.00 16.71 ? 83  CYS A CA  1 
ATOM   631  C C   . CYS A 1 83  ? -16.140 -9.934  -1.156  1.00 16.13 ? 83  CYS A C   1 
ATOM   632  O O   . CYS A 1 83  ? -16.140 -11.162 -1.191  1.00 15.93 ? 83  CYS A O   1 
ATOM   633  C CB  . CYS A 1 83  ? -14.506 -8.732  -2.639  1.00 17.56 ? 83  CYS A CB  1 
ATOM   634  S SG  . CYS A 1 83  ? -13.466 -7.257  -2.783  1.00 19.39 ? 83  CYS A SG  1 
ATOM   635  N N   . PRO A 1 84  ? -17.279 -9.219  -1.071  1.00 15.69 ? 84  PRO A N   1 
ATOM   636  C CA  . PRO A 1 84  ? -17.400 -7.759  -1.003  1.00 15.39 ? 84  PRO A CA  1 
ATOM   637  C C   . PRO A 1 84  ? -17.021 -7.193  0.367   1.00 15.13 ? 84  PRO A C   1 
ATOM   638  O O   . PRO A 1 84  ? -17.190 -7.862  1.392   1.00 15.42 ? 84  PRO A O   1 
ATOM   639  C CB  . PRO A 1 84  ? -18.882 -7.520  -1.303  1.00 15.59 ? 84  PRO A CB  1 
ATOM   640  C CG  . PRO A 1 84  ? -19.566 -8.750  -0.819  1.00 15.56 ? 84  PRO A CG  1 
ATOM   641  C CD  . PRO A 1 84  ? -18.603 -9.880  -1.066  1.00 15.62 ? 84  PRO A CD  1 
ATOM   642  N N   . LEU A 1 85  ? -16.504 -5.969  0.374   1.00 14.57 ? 85  LEU A N   1 
ATOM   643  C CA  . LEU A 1 85  ? -16.186 -5.279  1.620   1.00 14.71 ? 85  LEU A CA  1 
ATOM   644  C C   . LEU A 1 85  ? -17.437 -4.610  2.139   1.00 15.12 ? 85  LEU A C   1 
ATOM   645  O O   . LEU A 1 85  ? -18.172 -3.961  1.385   1.00 15.15 ? 85  LEU A O   1 
ATOM   646  C CB  . LEU A 1 85  ? -15.098 -4.223  1.408   1.00 14.36 ? 85  LEU A CB  1 
ATOM   647  C CG  . LEU A 1 85  ? -13.860 -4.565  0.571   1.00 14.10 ? 85  LEU A CG  1 
ATOM   648  C CD1 . LEU A 1 85  ? -12.884 -3.392  0.601   1.00 14.02 ? 85  LEU A CD1 1 
ATOM   649  C CD2 . LEU A 1 85  ? -13.184 -5.848  1.034   1.00 14.18 ? 85  LEU A CD2 1 
ATOM   650  N N   . LYS A 1 86  ? -17.690 -4.794  3.427   1.00 15.44 ? 86  LYS A N   1 
ATOM   651  C CA  . LYS A 1 86  ? -18.833 -4.163  4.066   1.00 15.85 ? 86  LYS A CA  1 
ATOM   652  C C   . LYS A 1 86  ? -18.509 -2.743  4.513   1.00 15.71 ? 86  LYS A C   1 
ATOM   653  O O   . LYS A 1 86  ? -17.474 -2.482  5.136   1.00 14.70 ? 86  LYS A O   1 
ATOM   654  C CB  . LYS A 1 86  ? -19.298 -4.985  5.267   1.00 17.06 ? 86  LYS A CB  1 
ATOM   655  C CG  . LYS A 1 86  ? -19.779 -6.388  4.937   1.00 18.62 ? 86  LYS A CG  1 
ATOM   656  C CD  . LYS A 1 86  ? -20.254 -7.036  6.222   1.00 20.45 ? 86  LYS A CD  1 
ATOM   657  C CE  . LYS A 1 86  ? -21.003 -8.329  5.961   1.00 21.15 ? 86  LYS A CE  1 
ATOM   658  N NZ  . LYS A 1 86  ? -21.152 -9.040  7.253   1.00 22.75 ? 86  LYS A NZ  1 
ATOM   659  N N   . LYS A 1 87  ? -19.425 -1.832  4.205   1.00 15.86 ? 87  LYS A N   1 
ATOM   660  C CA  . LYS A 1 87  ? -19.379 -0.454  4.668   1.00 16.27 ? 87  LYS A CA  1 
ATOM   661  C C   . LYS A 1 87  ? -19.057 -0.378  6.169   1.00 16.05 ? 87  LYS A C   1 
ATOM   662  O O   . LYS A 1 87  ? -19.630 -1.129  6.967   1.00 15.37 ? 87  LYS A O   1 
ATOM   663  C CB  . LYS A 1 87  ? -20.745 0.185   4.373   1.00 17.91 ? 87  LYS A CB  1 
ATOM   664  C CG  . LYS A 1 87  ? -20.955 1.587   4.901   1.00 19.94 ? 87  LYS A CG  1 
ATOM   665  C CD  . LYS A 1 87  ? -22.420 1.964   4.777   1.00 21.60 ? 87  LYS A CD  1 
ATOM   666  C CE  . LYS A 1 87  ? -22.680 3.316   5.404   1.00 23.37 ? 87  LYS A CE  1 
ATOM   667  N NZ  . LYS A 1 87  ? -22.163 4.403   4.533   1.00 24.41 ? 87  LYS A NZ  1 
ATOM   668  N N   . ASP A 1 88  ? -18.116 0.499   6.529   1.00 15.18 ? 88  ASP A N   1 
ATOM   669  C CA  . ASP A 1 88  ? -17.822 0.865   7.926   1.00 15.43 ? 88  ASP A CA  1 
ATOM   670  C C   . ASP A 1 88  ? -17.157 -0.208  8.781   1.00 14.46 ? 88  ASP A C   1 
ATOM   671  O O   . ASP A 1 88  ? -17.035 -0.049  9.999   1.00 15.19 ? 88  ASP A O   1 
ATOM   672  C CB  . ASP A 1 88  ? -19.084 1.383   8.638   1.00 16.55 ? 88  ASP A CB  1 
ATOM   673  C CG  . ASP A 1 88  ? -19.597 2.673   8.045   1.00 17.87 ? 88  ASP A CG  1 
ATOM   674  O OD1 . ASP A 1 88  ? -18.797 3.409   7.444   1.00 18.30 ? 88  ASP A OD1 1 
ATOM   675  O OD2 . ASP A 1 88  ? -20.802 2.960   8.185   1.00 19.71 ? 88  ASP A OD2 1 
ATOM   676  N N   . VAL A 1 89  ? -16.718 -1.289  8.150   1.00 13.57 ? 89  VAL A N   1 
ATOM   677  C CA  . VAL A 1 89  ? -16.051 -2.367  8.875   1.00 12.88 ? 89  VAL A CA  1 
ATOM   678  C C   . VAL A 1 89  ? -14.558 -2.292  8.596   1.00 12.92 ? 89  VAL A C   1 
ATOM   679  O O   . VAL A 1 89  ? -14.141 -2.317  7.435   1.00 12.71 ? 89  VAL A O   1 
ATOM   680  C CB  . VAL A 1 89  ? -16.623 -3.753  8.486   1.00 12.83 ? 89  VAL A CB  1 
ATOM   681  C CG1 . VAL A 1 89  ? -15.846 -4.878  9.154   1.00 12.56 ? 89  VAL A CG1 1 
ATOM   682  C CG2 . VAL A 1 89  ? -18.095 -3.852  8.873   1.00 13.06 ? 89  VAL A CG2 1 
ATOM   683  N N   . GLU A 1 90  ? -13.761 -2.169  9.656   1.00 13.26 ? 90  GLU A N   1 
ATOM   684  C CA  . GLU A 1 90  ? -12.312 -2.180  9.496   1.00 13.60 ? 90  GLU A CA  1 
ATOM   685  C C   . GLU A 1 90  ? -11.816 -3.586  9.235   1.00 13.07 ? 90  GLU A C   1 
ATOM   686  O O   . GLU A 1 90  ? -12.222 -4.534  9.906   1.00 13.36 ? 90  GLU A O   1 
ATOM   687  C CB  . GLU A 1 90  ? -11.596 -1.594  10.711  1.00 14.89 ? 90  GLU A CB  1 
ATOM   688  C CG  . GLU A 1 90  ? -10.113 -1.351  10.434  1.00 16.01 ? 90  GLU A CG  1 
ATOM   689  C CD  . GLU A 1 90  ? -9.419  -0.591  11.540  1.00 17.57 ? 90  GLU A CD  1 
ATOM   690  O OE1 . GLU A 1 90  ? -9.541  -1.000  12.710  1.00 18.58 ? 90  GLU A OE1 1 
ATOM   691  O OE2 . GLU A 1 90  ? -8.746  0.412   11.238  1.00 18.20 ? 90  GLU A OE2 1 
ATOM   692  N N   . ILE A 1 91  ? -10.940 -3.705  8.241   1.00 12.61 ? 91  ILE A N   1 
ATOM   693  C CA  . ILE A 1 91  ? -10.330 -4.973  7.854   1.00 12.51 ? 91  ILE A CA  1 
ATOM   694  C C   . ILE A 1 91  ? -8.835  -4.762  7.649   1.00 12.41 ? 91  ILE A C   1 
ATOM   695  O O   . ILE A 1 91  ? -8.362  -3.626  7.652   1.00 11.96 ? 91  ILE A O   1 
ATOM   696  C CB  . ILE A 1 91  ? -10.975 -5.549  6.574   1.00 12.81 ? 91  ILE A CB  1 
ATOM   697  C CG1 . ILE A 1 91  ? -11.004 -4.478  5.471   1.00 13.46 ? 91  ILE A CG1 1 
ATOM   698  C CG2 . ILE A 1 91  ? -12.384 -6.051  6.884   1.00 12.58 ? 91  ILE A CG2 1 
ATOM   699  C CD1 . ILE A 1 91  ? -11.514 -4.968  4.134   1.00 14.83 ? 91  ILE A CD1 1 
ATOM   700  N N   . GLU A 1 92  ? -8.105  -5.859  7.482   1.00 12.76 ? 92  GLU A N   1 
ATOM   701  C CA  . GLU A 1 92  ? -6.659  -5.800  7.355   1.00 13.87 ? 92  GLU A CA  1 
ATOM   702  C C   . GLU A 1 92  ? -6.172  -6.533  6.116   1.00 13.47 ? 92  GLU A C   1 
ATOM   703  O O   . GLU A 1 92  ? -6.498  -7.705  5.893   1.00 14.10 ? 92  GLU A O   1 
ATOM   704  C CB  . GLU A 1 92  ? -5.991  -6.373  8.600   1.00 15.23 ? 92  GLU A CB  1 
ATOM   705  C CG  . GLU A 1 92  ? -4.477  -6.406  8.495   1.00 17.19 ? 92  GLU A CG  1 
ATOM   706  C CD  . GLU A 1 92  ? -3.850  -7.037  9.709   1.00 18.73 ? 92  GLU A CD  1 
ATOM   707  O OE1 . GLU A 1 92  ? -4.230  -8.171  10.054  1.00 20.23 ? 92  GLU A OE1 1 
ATOM   708  O OE2 . GLU A 1 92  ? -2.990  -6.378  10.319  1.00 22.23 ? 92  GLU A OE2 1 
ATOM   709  N N   . TYR A 1 93  ? -5.407  -5.811  5.307   1.00 13.30 ? 93  TYR A N   1 
ATOM   710  C CA  . TYR A 1 93  ? -4.681  -6.371  4.179   1.00 13.62 ? 93  TYR A CA  1 
ATOM   711  C C   . TYR A 1 93  ? -3.271  -6.781  4.588   1.00 14.04 ? 93  TYR A C   1 
ATOM   712  O O   . TYR A 1 93  ? -2.611  -6.076  5.359   1.00 13.36 ? 93  TYR A O   1 
ATOM   713  C CB  . TYR A 1 93  ? -4.600  -5.329  3.082   1.00 13.37 ? 93  TYR A CB  1 
ATOM   714  C CG  . TYR A 1 93  ? -3.682  -5.679  1.930   1.00 13.86 ? 93  TYR A CG  1 
ATOM   715  C CD1 . TYR A 1 93  ? -4.072  -6.604  0.971   1.00 14.03 ? 93  TYR A CD1 1 
ATOM   716  C CD2 . TYR A 1 93  ? -2.440  -5.064  1.791   1.00 14.18 ? 93  TYR A CD2 1 
ATOM   717  C CE1 . TYR A 1 93  ? -3.248  -6.913  -0.101  1.00 14.52 ? 93  TYR A CE1 1 
ATOM   718  C CE2 . TYR A 1 93  ? -1.612  -5.366  0.718   1.00 14.81 ? 93  TYR A CE2 1 
ATOM   719  C CZ  . TYR A 1 93  ? -2.020  -6.293  -0.218  1.00 14.52 ? 93  TYR A CZ  1 
ATOM   720  O OH  . TYR A 1 93  ? -1.209  -6.578  -1.293  1.00 15.18 ? 93  TYR A OH  1 
ATOM   721  N N   . LYS A 1 94  ? -2.838  -7.932  4.073   1.00 15.35 ? 94  LYS A N   1 
ATOM   722  C CA  . LYS A 1 94  ? -1.484  -8.451  4.280   1.00 17.26 ? 94  LYS A CA  1 
ATOM   723  C C   . LYS A 1 94  ? -0.814  -8.844  2.962   1.00 17.48 ? 94  LYS A C   1 
ATOM   724  O O   . LYS A 1 94  ? -1.441  -9.429  2.076   1.00 17.88 ? 94  LYS A O   1 
ATOM   725  C CB  . LYS A 1 94  ? -1.510  -9.649  5.234   1.00 18.16 ? 94  LYS A CB  1 
ATOM   726  C CG  . LYS A 1 94  ? -1.923  -9.294  6.660   1.00 19.88 ? 94  LYS A CG  1 
ATOM   727  C CD  . LYS A 1 94  ? -1.704  -10.435 7.646   1.00 22.32 ? 94  LYS A CD  1 
ATOM   728  C CE  . LYS A 1 94  ? -3.017  -11.066 8.104   1.00 23.64 ? 94  LYS A CE  1 
ATOM   729  N NZ  . LYS A 1 94  ? -3.744  -11.815 7.035   1.00 25.86 ? 94  LYS A NZ  1 
ATOM   730  N N   . VAL A 1 95  ? 0.471   -8.523  2.842   1.00 17.48 ? 95  VAL A N   1 
ATOM   731  C CA  . VAL A 1 95  ? 1.255   -8.926  1.671   1.00 18.03 ? 95  VAL A CA  1 
ATOM   732  C C   . VAL A 1 95  ? 2.728   -9.106  2.045   1.00 18.74 ? 95  VAL A C   1 
ATOM   733  O O   . VAL A 1 95  ? 3.277   -8.360  2.866   1.00 18.87 ? 95  VAL A O   1 
ATOM   734  C CB  . VAL A 1 95  ? 1.060   -7.962  0.461   1.00 17.72 ? 95  VAL A CB  1 
ATOM   735  C CG1 . VAL A 1 95  ? 1.633   -6.574  0.725   1.00 17.24 ? 95  VAL A CG1 1 
ATOM   736  C CG2 . VAL A 1 95  ? 1.635   -8.544  -0.825  1.00 17.98 ? 95  VAL A CG2 1 
ATOM   737  N N   . THR A 1 96  ? 3.339   -10.126 1.448   1.00 20.34 ? 96  THR A N   1 
ATOM   738  C CA  . THR A 1 96  ? 4.767   -10.373 1.572   1.00 21.31 ? 96  THR A CA  1 
ATOM   739  C C   . THR A 1 96  ? 5.357   -10.316 0.174   1.00 22.23 ? 96  THR A C   1 
ATOM   740  O O   . THR A 1 96  ? 4.822   -10.920 -0.759  1.00 21.87 ? 96  THR A O   1 
ATOM   741  C CB  . THR A 1 96  ? 5.049   -11.746 2.211   1.00 21.72 ? 96  THR A CB  1 
ATOM   742  O OG1 . THR A 1 96  ? 4.558   -11.753 3.556   1.00 22.17 ? 96  THR A OG1 1 
ATOM   743  C CG2 . THR A 1 96  ? 6.555   -12.056 2.232   1.00 21.89 ? 96  THR A CG2 1 
ATOM   744  N N   . PHE A 1 97  ? 6.440   -9.562  0.023   1.00 22.95 ? 97  PHE A N   1 
ATOM   745  C CA  . PHE A 1 97  ? 7.197   -9.583  -1.221  1.00 24.57 ? 97  PHE A CA  1 
ATOM   746  C C   . PHE A 1 97  ? 8.682   -9.623  -0.922  1.00 25.61 ? 97  PHE A C   1 
ATOM   747  O O   . PHE A 1 97  ? 9.126   -9.167  0.133   1.00 24.85 ? 97  PHE A O   1 
ATOM   748  C CB  . PHE A 1 97  ? 6.844   -8.393  -2.123  1.00 25.16 ? 97  PHE A CB  1 
ATOM   749  C CG  . PHE A 1 97  ? 7.073   -7.045  -1.491  1.00 25.86 ? 97  PHE A CG  1 
ATOM   750  C CD1 . PHE A 1 97  ? 8.293   -6.387  -1.634  1.00 26.17 ? 97  PHE A CD1 1 
ATOM   751  C CD2 . PHE A 1 97  ? 6.059   -6.419  -0.772  1.00 26.36 ? 97  PHE A CD2 1 
ATOM   752  C CE1 . PHE A 1 97  ? 8.501   -5.140  -1.060  1.00 26.66 ? 97  PHE A CE1 1 
ATOM   753  C CE2 . PHE A 1 97  ? 6.261   -5.172  -0.201  1.00 26.16 ? 97  PHE A CE2 1 
ATOM   754  C CZ  . PHE A 1 97  ? 7.483   -4.530  -0.343  1.00 26.42 ? 97  PHE A CZ  1 
ATOM   755  N N   . PHE A 1 98  ? 9.439   -10.179 -1.859  1.00 27.37 ? 98  PHE A N   1 
ATOM   756  C CA  . PHE A 1 98  ? 10.875  -10.279 -1.717  1.00 29.44 ? 98  PHE A CA  1 
ATOM   757  C C   . PHE A 1 98  ? 11.527  -9.196  -2.559  1.00 30.73 ? 98  PHE A C   1 
ATOM   758  O O   . PHE A 1 98  ? 11.211  -9.037  -3.740  1.00 31.72 ? 98  PHE A O   1 
ATOM   759  C CB  . PHE A 1 98  ? 11.353  -11.668 -2.149  1.00 29.94 ? 98  PHE A CB  1 
ATOM   760  C CG  . PHE A 1 98  ? 12.794  -11.943 -1.822  1.00 31.17 ? 98  PHE A CG  1 
ATOM   761  C CD1 . PHE A 1 98  ? 13.169  -12.337 -0.541  1.00 30.99 ? 98  PHE A CD1 1 
ATOM   762  C CD2 . PHE A 1 98  ? 13.778  -11.817 -2.799  1.00 31.36 ? 98  PHE A CD2 1 
ATOM   763  C CE1 . PHE A 1 98  ? 14.499  -12.592 -0.239  1.00 32.28 ? 98  PHE A CE1 1 
ATOM   764  C CE2 . PHE A 1 98  ? 15.108  -12.071 -2.502  1.00 31.75 ? 98  PHE A CE2 1 
ATOM   765  C CZ  . PHE A 1 98  ? 15.467  -12.461 -1.221  1.00 31.41 ? 98  PHE A CZ  1 
ATOM   766  N N   . VAL A 1 99  ? 12.422  -8.439  -1.935  1.00 31.43 ? 99  VAL A N   1 
ATOM   767  C CA  . VAL A 1 99  ? 13.188  -7.421  -2.643  1.00 33.71 ? 99  VAL A CA  1 
ATOM   768  C C   . VAL A 1 99  ? 14.504  -8.034  -3.122  1.00 35.74 ? 99  VAL A C   1 
ATOM   769  O O   . VAL A 1 99  ? 15.340  -8.430  -2.309  1.00 35.85 ? 99  VAL A O   1 
ATOM   770  C CB  . VAL A 1 99  ? 13.451  -6.183  -1.759  1.00 32.27 ? 99  VAL A CB  1 
ATOM   771  C CG1 . VAL A 1 99  ? 14.181  -5.103  -2.547  1.00 31.87 ? 99  VAL A CG1 1 
ATOM   772  C CG2 . VAL A 1 99  ? 12.143  -5.635  -1.209  1.00 32.12 ? 99  VAL A CG2 1 
ATOM   773  N N   . GLU A 1 100 ? 14.665  -8.110  -4.443  1.00 40.63 ? 100 GLU A N   1 
ATOM   774  C CA  . GLU A 1 100 ? 15.849  -8.694  -5.079  1.00 44.68 ? 100 GLU A CA  1 
ATOM   775  C C   . GLU A 1 100 ? 17.115  -7.866  -4.855  1.00 46.51 ? 100 GLU A C   1 
ATOM   776  O O   . GLU A 1 100 ? 17.040  -6.675  -4.541  1.00 46.52 ? 100 GLU A O   1 
ATOM   777  C CB  . GLU A 1 100 ? 15.616  -8.851  -6.584  1.00 46.31 ? 100 GLU A CB  1 
ATOM   778  C CG  . GLU A 1 100 ? 14.696  -9.996  -6.974  1.00 49.50 ? 100 GLU A CG  1 
ATOM   779  C CD  . GLU A 1 100 ? 14.620  -10.193 -8.480  1.00 52.66 ? 100 GLU A CD  1 
ATOM   780  O OE1 . GLU A 1 100 ? 15.687  -10.243 -9.134  1.00 54.06 ? 100 GLU A OE1 1 
ATOM   781  O OE2 . GLU A 1 100 ? 13.492  -10.302 -9.010  1.00 53.87 ? 100 GLU A OE2 1 
ATOM   782  N N   . LYS A 1 101 ? 18.274  -8.502  -5.029  1.00 48.10 ? 101 LYS A N   1 
ATOM   783  C CA  . LYS A 1 101 ? 19.560  -7.802  -5.002  1.00 49.37 ? 101 LYS A CA  1 
ATOM   784  C C   . LYS A 1 101 ? 19.663  -6.821  -6.174  1.00 48.70 ? 101 LYS A C   1 
ATOM   785  O O   . LYS A 1 101 ? 20.272  -5.755  -6.048  1.00 49.22 ? 101 LYS A O   1 
ATOM   786  C CB  . LYS A 1 101 ? 20.726  -8.797  -5.034  1.00 50.79 ? 101 LYS A CB  1 
ATOM   787  C CG  . LYS A 1 101 ? 22.051  -8.213  -4.562  1.00 52.85 ? 101 LYS A CG  1 
ATOM   788  C CD  . LYS A 1 101 ? 23.129  -9.278  -4.423  1.00 54.12 ? 101 LYS A CD  1 
ATOM   789  C CE  . LYS A 1 101 ? 24.351  -8.724  -3.705  1.00 55.06 ? 101 LYS A CE  1 
ATOM   790  N NZ  . LYS A 1 101 ? 25.266  -9.800  -3.229  1.00 55.58 ? 101 LYS A NZ  1 
ATOM   791  N N   . ALA A 1 102 ? 19.041  -7.183  -7.298  1.00 47.93 ? 102 ALA A N   1 
ATOM   792  C CA  . ALA A 1 102 ? 19.020  -6.354  -8.510  1.00 47.56 ? 102 ALA A CA  1 
ATOM   793  C C   . ALA A 1 102 ? 18.232  -5.045  -8.354  1.00 46.09 ? 102 ALA A C   1 
ATOM   794  O O   . ALA A 1 102 ? 18.195  -4.220  -9.274  1.00 44.75 ? 102 ALA A O   1 
ATOM   795  C CB  . ALA A 1 102 ? 18.491  -7.159  -9.691  1.00 47.93 ? 102 ALA A CB  1 
ATOM   796  N N   . THR A 1 103 ? 17.607  -4.864  -7.189  1.00 43.93 ? 103 THR A N   1 
ATOM   797  C CA  . THR A 1 103 ? 16.880  -3.638  -6.871  1.00 41.19 ? 103 THR A CA  1 
ATOM   798  C C   . THR A 1 103 ? 17.869  -2.507  -6.580  1.00 39.04 ? 103 THR A C   1 
ATOM   799  O O   . THR A 1 103 ? 18.756  -2.659  -5.730  1.00 37.98 ? 103 THR A O   1 
ATOM   800  C CB  . THR A 1 103 ? 15.937  -3.832  -5.662  1.00 41.11 ? 103 THR A CB  1 
ATOM   801  O OG1 . THR A 1 103 ? 15.101  -4.974  -5.881  1.00 40.91 ? 103 THR A OG1 1 
ATOM   802  C CG2 . THR A 1 103 ? 15.057  -2.602  -5.450  1.00 41.38 ? 103 THR A CG2 1 
ATOM   803  N N   . PRO A 1 104 ? 17.726  -1.374  -7.295  1.00 38.16 ? 104 PRO A N   1 
ATOM   804  C CA  . PRO A 1 104 ? 18.596  -0.219  -7.070  1.00 36.83 ? 104 PRO A CA  1 
ATOM   805  C C   . PRO A 1 104 ? 18.406  0.375   -5.679  1.00 36.09 ? 104 PRO A C   1 
ATOM   806  O O   . PRO A 1 104 ? 17.288  0.396   -5.160  1.00 36.34 ? 104 PRO A O   1 
ATOM   807  C CB  . PRO A 1 104 ? 18.133  0.782   -8.134  1.00 36.56 ? 104 PRO A CB  1 
ATOM   808  C CG  . PRO A 1 104 ? 16.735  0.380   -8.466  1.00 37.08 ? 104 PRO A CG  1 
ATOM   809  C CD  . PRO A 1 104 ? 16.738  -1.116  -8.361  1.00 37.81 ? 104 PRO A CD  1 
ATOM   810  N N   . ALA A 1 105 ? 19.502  0.832   -5.082  1.00 34.55 ? 105 ALA A N   1 
ATOM   811  C CA  . ALA A 1 105 ? 19.443  1.543   -3.816  1.00 33.03 ? 105 ALA A CA  1 
ATOM   812  C C   . ALA A 1 105 ? 19.152  3.020   -4.071  1.00 32.10 ? 105 ALA A C   1 
ATOM   813  O O   . ALA A 1 105 ? 19.964  3.729   -4.673  1.00 32.74 ? 105 ALA A O   1 
ATOM   814  C CB  . ALA A 1 105 ? 20.745  1.377   -3.048  1.00 33.76 ? 105 ALA A CB  1 
ATOM   815  N N   . LEU A 1 106 ? 17.978  3.468   -3.633  1.00 29.10 ? 106 LEU A N   1 
ATOM   816  C CA  . LEU A 1 106 ? 17.603  4.875   -3.736  1.00 26.57 ? 106 LEU A CA  1 
ATOM   817  C C   . LEU A 1 106 ? 16.574  5.260   -2.674  1.00 24.91 ? 106 LEU A C   1 
ATOM   818  O O   . LEU A 1 106 ? 15.969  4.393   -2.034  1.00 22.85 ? 106 LEU A O   1 
ATOM   819  C CB  . LEU A 1 106 ? 17.075  5.210   -5.142  1.00 27.69 ? 106 LEU A CB  1 
ATOM   820  C CG  . LEU A 1 106 ? 15.598  4.974   -5.505  1.00 27.59 ? 106 LEU A CG  1 
ATOM   821  C CD1 . LEU A 1 106 ? 15.205  5.790   -6.734  1.00 28.00 ? 106 LEU A CD1 1 
ATOM   822  C CD2 . LEU A 1 106 ? 15.286  3.497   -5.716  1.00 28.67 ? 106 LEU A CD2 1 
ATOM   823  N N   . SER A 1 107 ? 16.409  6.568   -2.496  1.00 23.22 ? 107 SER A N   1 
ATOM   824  C CA  . SER A 1 107 ? 15.360  7.137   -1.655  1.00 22.68 ? 107 SER A CA  1 
ATOM   825  C C   . SER A 1 107 ? 14.275  7.691   -2.566  1.00 22.18 ? 107 SER A C   1 
ATOM   826  O O   . SER A 1 107 ? 14.577  8.370   -3.554  1.00 21.68 ? 107 SER A O   1 
ATOM   827  C CB  . SER A 1 107 ? 15.916  8.277   -0.801  1.00 22.81 ? 107 SER A CB  1 
ATOM   828  O OG  . SER A 1 107 ? 16.987  7.842   0.017   1.00 24.35 ? 107 SER A OG  1 
ATOM   829  N N   . LEU A 1 108 ? 13.019  7.398   -2.238  1.00 21.02 ? 108 LEU A N   1 
ATOM   830  C CA  . LEU A 1 108 ? 11.877  7.896   -2.997  1.00 20.83 ? 108 LEU A CA  1 
ATOM   831  C C   . LEU A 1 108 ? 10.612  7.913   -2.146  1.00 20.70 ? 108 LEU A C   1 
ATOM   832  O O   . LEU A 1 108 ? 10.494  7.157   -1.175  1.00 20.82 ? 108 LEU A O   1 
ATOM   833  C CB  . LEU A 1 108 ? 11.649  7.050   -4.257  1.00 21.57 ? 108 LEU A CB  1 
ATOM   834  C CG  . LEU A 1 108 ? 10.936  5.693   -4.172  1.00 22.66 ? 108 LEU A CG  1 
ATOM   835  C CD1 . LEU A 1 108 ? 10.698  5.149   -5.575  1.00 23.41 ? 108 LEU A CD1 1 
ATOM   836  C CD2 . LEU A 1 108 ? 11.684  4.674   -3.324  1.00 22.47 ? 108 LEU A CD2 1 
ATOM   837  N N   . GLU A 1 109 ? 9.676   8.781   -2.510  1.00 19.86 ? 109 GLU A N   1 
ATOM   838  C CA  . GLU A 1 109 ? 8.347   8.734   -1.919  1.00 20.30 ? 109 GLU A CA  1 
ATOM   839  C C   . GLU A 1 109 ? 7.540   7.678   -2.643  1.00 19.52 ? 109 GLU A C   1 
ATOM   840  O O   . GLU A 1 109 ? 7.588   7.566   -3.872  1.00 18.82 ? 109 GLU A O   1 
ATOM   841  C CB  . GLU A 1 109 ? 7.624   10.072  -2.032  1.00 22.01 ? 109 GLU A CB  1 
ATOM   842  C CG  . GLU A 1 109 ? 8.067   11.132  -1.038  1.00 25.45 ? 109 GLU A CG  1 
ATOM   843  C CD  . GLU A 1 109 ? 7.207   12.377  -1.123  1.00 27.72 ? 109 GLU A CD  1 
ATOM   844  O OE1 . GLU A 1 109 ? 7.154   12.996  -2.209  1.00 29.11 ? 109 GLU A OE1 1 
ATOM   845  O OE2 . GLU A 1 109 ? 6.568   12.736  -0.110  1.00 28.80 ? 109 GLU A OE2 1 
ATOM   846  N N   . ILE A 1 110 ? 6.799   6.905   -1.866  1.00 18.43 ? 110 ILE A N   1 
ATOM   847  C CA  . ILE A 1 110 ? 5.952   5.858   -2.406  1.00 18.44 ? 110 ILE A CA  1 
ATOM   848  C C   . ILE A 1 110 ? 4.506   6.268   -2.169  1.00 17.96 ? 110 ILE A C   1 
ATOM   849  O O   . ILE A 1 110 ? 4.173   6.785   -1.098  1.00 17.22 ? 110 ILE A O   1 
ATOM   850  C CB  . ILE A 1 110 ? 6.279   4.496   -1.754  1.00 18.94 ? 110 ILE A CB  1 
ATOM   851  C CG1 . ILE A 1 110 ? 7.633   3.997   -2.270  1.00 19.82 ? 110 ILE A CG1 1 
ATOM   852  C CG2 . ILE A 1 110 ? 5.185   3.470   -2.037  1.00 18.87 ? 110 ILE A CG2 1 
ATOM   853  C CD1 . ILE A 1 110 ? 8.231   2.874   -1.454  1.00 20.93 ? 110 ILE A CD1 1 
ATOM   854  N N   . MET A 1 111 ? 3.667   6.078   -3.185  1.00 17.96 ? 111 MET A N   1 
ATOM   855  C CA  . MET A 1 111 ? 2.232   6.284   -3.053  1.00 17.89 ? 111 MET A CA  1 
ATOM   856  C C   . MET A 1 111 ? 1.529   4.989   -3.389  1.00 16.74 ? 111 MET A C   1 
ATOM   857  O O   . MET A 1 111 ? 1.810   4.371   -4.409  1.00 16.74 ? 111 MET A O   1 
ATOM   858  C CB  . MET A 1 111 ? 1.735   7.399   -3.968  1.00 20.41 ? 111 MET A CB  1 
ATOM   859  C CG  . MET A 1 111 ? 2.232   8.790   -3.593  1.00 23.72 ? 111 MET A CG  1 
ATOM   860  S SD  . MET A 1 111 ? 1.746   10.025  -4.817  1.00 29.19 ? 111 MET A SD  1 
ATOM   861  C CE  . MET A 1 111 ? -0.018  9.713   -4.925  1.00 27.36 ? 111 MET A CE  1 
ATOM   862  N N   . TRP A 1 112 ? 0.613   4.583   -2.520  1.00 15.04 ? 112 TRP A N   1 
ATOM   863  C CA  . TRP A 1 112 ? -0.010  3.277   -2.632  1.00 14.82 ? 112 TRP A CA  1 
ATOM   864  C C   . TRP A 1 112 ? -1.499  3.429   -2.397  1.00 14.27 ? 112 TRP A C   1 
ATOM   865  O O   . TRP A 1 112 ? -1.920  3.952   -1.359  1.00 13.67 ? 112 TRP A O   1 
ATOM   866  C CB  . TRP A 1 112 ? 0.634   2.337   -1.607  1.00 14.97 ? 112 TRP A CB  1 
ATOM   867  C CG  . TRP A 1 112 ? 0.039   0.968   -1.492  1.00 15.59 ? 112 TRP A CG  1 
ATOM   868  C CD1 . TRP A 1 112 ? -0.326  0.132   -2.513  1.00 15.76 ? 112 TRP A CD1 1 
ATOM   869  C CD2 . TRP A 1 112 ? -0.198  0.247   -0.276  1.00 15.90 ? 112 TRP A CD2 1 
ATOM   870  N NE1 . TRP A 1 112 ? -0.806  -1.050  -2.006  1.00 15.79 ? 112 TRP A NE1 1 
ATOM   871  C CE2 . TRP A 1 112 ? -0.739  -1.009  -0.636  1.00 15.94 ? 112 TRP A CE2 1 
ATOM   872  C CE3 . TRP A 1 112 ? -0.022  0.549   1.084   1.00 16.06 ? 112 TRP A CE3 1 
ATOM   873  C CZ2 . TRP A 1 112 ? -1.107  -1.971  0.316   1.00 15.90 ? 112 TRP A CZ2 1 
ATOM   874  C CZ3 . TRP A 1 112 ? -0.383  -0.415  2.035   1.00 15.85 ? 112 TRP A CZ3 1 
ATOM   875  C CH2 . TRP A 1 112 ? -0.925  -1.659  1.641   1.00 16.04 ? 112 TRP A CH2 1 
ATOM   876  N N   . GLU A 1 113 ? -2.288  2.981   -3.374  1.00 14.48 ? 113 GLU A N   1 
ATOM   877  C CA  . GLU A 1 113 ? -3.735  3.165   -3.354  1.00 14.62 ? 113 GLU A CA  1 
ATOM   878  C C   . GLU A 1 113 ? -4.502  1.861   -3.496  1.00 13.83 ? 113 GLU A C   1 
ATOM   879  O O   . GLU A 1 113 ? -4.072  0.943   -4.192  1.00 13.30 ? 113 GLU A O   1 
ATOM   880  C CB  . GLU A 1 113 ? -4.186  4.100   -4.488  1.00 16.09 ? 113 GLU A CB  1 
ATOM   881  C CG  . GLU A 1 113 ? -3.403  5.397   -4.627  1.00 18.72 ? 113 GLU A CG  1 
ATOM   882  C CD  . GLU A 1 113 ? -3.919  6.272   -5.758  1.00 20.17 ? 113 GLU A CD  1 
ATOM   883  O OE1 . GLU A 1 113 ? -4.620  5.753   -6.659  1.00 20.75 ? 113 GLU A OE1 1 
ATOM   884  O OE2 . GLU A 1 113 ? -3.622  7.487   -5.744  1.00 22.33 ? 113 GLU A OE2 1 
ATOM   885  N N   . PHE A 1 114 ? -5.646  1.787   -2.822  1.00 12.86 ? 114 PHE A N   1 
ATOM   886  C CA  . PHE A 1 114 ? -6.653  0.769   -3.112  1.00 12.70 ? 114 PHE A CA  1 
ATOM   887  C C   . PHE A 1 114 ? -7.835  1.495   -3.730  1.00 12.81 ? 114 PHE A C   1 
ATOM   888  O O   . PHE A 1 114 ? -8.342  2.463   -3.158  1.00 12.09 ? 114 PHE A O   1 
ATOM   889  C CB  . PHE A 1 114 ? -7.141  0.079   -1.829  1.00 12.78 ? 114 PHE A CB  1 
ATOM   890  C CG  . PHE A 1 114 ? -6.286  -1.067  -1.358  1.00 12.96 ? 114 PHE A CG  1 
ATOM   891  C CD1 . PHE A 1 114 ? -5.038  -1.338  -1.915  1.00 13.19 ? 114 PHE A CD1 1 
ATOM   892  C CD2 . PHE A 1 114 ? -6.736  -1.880  -0.319  1.00 13.04 ? 114 PHE A CD2 1 
ATOM   893  C CE1 . PHE A 1 114 ? -4.266  -2.400  -1.461  1.00 13.43 ? 114 PHE A CE1 1 
ATOM   894  C CE2 . PHE A 1 114 ? -5.966  -2.944  0.139   1.00 12.99 ? 114 PHE A CE2 1 
ATOM   895  C CZ  . PHE A 1 114 ? -4.730  -3.205  -0.430  1.00 13.29 ? 114 PHE A CZ  1 
ATOM   896  N N   . ARG A 1 115 ? -8.260  1.033   -4.898  1.00 13.08 ? 115 ARG A N   1 
ATOM   897  C CA  . ARG A 1 115 ? -9.448  1.567   -5.542  1.00 13.68 ? 115 ARG A CA  1 
ATOM   898  C C   . ARG A 1 115 ? -10.538 0.509   -5.623  1.00 13.65 ? 115 ARG A C   1 
ATOM   899  O O   . ARG A 1 115 ? -10.254 -0.699  -5.651  1.00 13.25 ? 115 ARG A O   1 
ATOM   900  C CB  . ARG A 1 115 ? -9.107  2.081   -6.941  1.00 14.51 ? 115 ARG A CB  1 
ATOM   901  C CG  . ARG A 1 115 ? -8.094  3.213   -6.938  1.00 16.00 ? 115 ARG A CG  1 
ATOM   902  C CD  . ARG A 1 115 ? -7.749  3.633   -8.352  1.00 17.89 ? 115 ARG A CD  1 
ATOM   903  N NE  . ARG A 1 115 ? -6.734  4.685   -8.371  1.00 19.97 ? 115 ARG A NE  1 
ATOM   904  C CZ  . ARG A 1 115 ? -6.244  5.224   -9.485  1.00 21.67 ? 115 ARG A CZ  1 
ATOM   905  N NH1 . ARG A 1 115 ? -6.685  4.828   -10.677 1.00 23.12 ? 115 ARG A NH1 1 
ATOM   906  N NH2 . ARG A 1 115 ? -5.312  6.164   -9.413  1.00 22.51 ? 115 ARG A NH2 1 
ATOM   907  N N   . ASN A 1 116 ? -11.786 0.955   -5.669  1.00 13.61 ? 116 ASN A N   1 
ATOM   908  C CA  . ASN A 1 116 ? -12.881 0.028   -5.913  1.00 14.53 ? 116 ASN A CA  1 
ATOM   909  C C   . ASN A 1 116 ? -13.089 -0.182  -7.414  1.00 15.38 ? 116 ASN A C   1 
ATOM   910  O O   . ASN A 1 116 ? -12.347 0.355   -8.248  1.00 15.34 ? 116 ASN A O   1 
ATOM   911  C CB  . ASN A 1 116 ? -14.169 0.486   -5.222  1.00 13.77 ? 116 ASN A CB  1 
ATOM   912  C CG  . ASN A 1 116 ? -14.736 1.772   -5.804  1.00 13.56 ? 116 ASN A CG  1 
ATOM   913  O OD1 . ASN A 1 116 ? -14.250 2.289   -6.814  1.00 13.66 ? 116 ASN A OD1 1 
ATOM   914  N ND2 . ASN A 1 116 ? -15.774 2.289   -5.169  1.00 13.69 ? 116 ASN A ND2 1 
ATOM   915  N N   . GLU A 1 117 ? -14.120 -0.956  -7.732  1.00 17.57 ? 117 GLU A N   1 
ATOM   916  C CA  . GLU A 1 117 ? -14.494 -1.301  -9.103  1.00 19.18 ? 117 GLU A CA  1 
ATOM   917  C C   . GLU A 1 117 ? -14.846 -0.075  -9.964  1.00 18.89 ? 117 GLU A C   1 
ATOM   918  O O   . GLU A 1 117 ? -14.815 -0.145  -11.198 1.00 19.48 ? 117 GLU A O   1 
ATOM   919  C CB  . GLU A 1 117 ? -15.667 -2.291  -9.082  1.00 20.45 ? 117 GLU A CB  1 
ATOM   920  C CG  . GLU A 1 117 ? -16.983 -1.754  -8.511  1.00 21.74 ? 117 GLU A CG  1 
ATOM   921  C CD  . GLU A 1 117 ? -17.105 -1.817  -6.994  1.00 23.50 ? 117 GLU A CD  1 
ATOM   922  O OE1 . GLU A 1 117 ? -16.160 -2.269  -6.309  1.00 23.37 ? 117 GLU A OE1 1 
ATOM   923  O OE2 . GLU A 1 117 ? -18.169 -1.411  -6.468  1.00 25.17 ? 117 GLU A OE2 1 
ATOM   924  N N   . LYS A 1 118 ? -15.163 1.031   -9.297  1.00 18.25 ? 118 LYS A N   1 
ATOM   925  C CA  . LYS A 1 118 ? -15.603 2.265   -9.949  1.00 18.12 ? 118 LYS A CA  1 
ATOM   926  C C   . LYS A 1 118 ? -14.448 3.248   -10.130 1.00 17.82 ? 118 LYS A C   1 
ATOM   927  O O   . LYS A 1 118 ? -14.669 4.406   -10.496 1.00 17.68 ? 118 LYS A O   1 
ATOM   928  C CB  . LYS A 1 118 ? -16.700 2.930   -9.112  1.00 18.41 ? 118 LYS A CB  1 
ATOM   929  C CG  . LYS A 1 118 ? -17.904 2.050   -8.838  1.00 19.30 ? 118 LYS A CG  1 
ATOM   930  C CD  . LYS A 1 118 ? -18.699 2.552   -7.653  1.00 20.53 ? 118 LYS A CD  1 
ATOM   931  C CE  . LYS A 1 118 ? -19.929 1.688   -7.445  1.00 20.97 ? 118 LYS A CE  1 
ATOM   932  N NZ  . LYS A 1 118 ? -20.818 2.248   -6.390  1.00 21.30 ? 118 LYS A NZ  1 
ATOM   933  N N   . ASP A 1 119 ? -13.225 2.782   -9.856  1.00 18.12 ? 119 ASP A N   1 
ATOM   934  C CA  . ASP A 1 119 ? -12.013 3.604   -9.910  1.00 18.78 ? 119 ASP A CA  1 
ATOM   935  C C   . ASP A 1 119 ? -12.012 4.763   -8.899  1.00 18.13 ? 119 ASP A C   1 
ATOM   936  O O   . ASP A 1 119 ? -11.409 5.808   -9.137  1.00 17.66 ? 119 ASP A O   1 
ATOM   937  C CB  . ASP A 1 119 ? -11.754 4.109   -11.345 1.00 20.67 ? 119 ASP A CB  1 
ATOM   938  C CG  . ASP A 1 119 ? -10.311 4.534   -11.572 1.00 22.58 ? 119 ASP A CG  1 
ATOM   939  O OD1 . ASP A 1 119 ? -9.396  3.888   -11.021 1.00 23.49 ? 119 ASP A OD1 1 
ATOM   940  O OD2 . ASP A 1 119 ? -10.090 5.515   -12.317 1.00 25.23 ? 119 ASP A OD2 1 
ATOM   941  N N   . GLU A 1 120 ? -12.687 4.561   -7.769  1.00 17.14 ? 120 GLU A N   1 
ATOM   942  C CA  . GLU A 1 120 ? -12.685 5.517   -6.659  1.00 16.76 ? 120 GLU A CA  1 
ATOM   943  C C   . GLU A 1 120 ? -11.675 5.055   -5.612  1.00 15.47 ? 120 GLU A C   1 
ATOM   944  O O   . GLU A 1 120 ? -11.570 3.858   -5.344  1.00 15.15 ? 120 GLU A O   1 
ATOM   945  C CB  . GLU A 1 120 ? -14.070 5.610   -6.011  1.00 17.84 ? 120 GLU A CB  1 
ATOM   946  C CG  . GLU A 1 120 ? -15.198 5.943   -6.981  1.00 19.36 ? 120 GLU A CG  1 
ATOM   947  C CD  . GLU A 1 120 ? -16.565 5.925   -6.323  1.00 20.45 ? 120 GLU A CD  1 
ATOM   948  O OE1 . GLU A 1 120 ? -16.936 4.923   -5.681  1.00 20.11 ? 120 GLU A OE1 1 
ATOM   949  O OE2 . GLU A 1 120 ? -17.289 6.926   -6.465  1.00 22.98 ? 120 GLU A OE2 1 
ATOM   950  N N   . LYS A 1 121 ? -10.944 5.999   -5.020  1.00 14.81 ? 121 LYS A N   1 
ATOM   951  C CA  . LYS A 1 121 ? -9.923  5.659   -4.016  1.00 14.36 ? 121 LYS A CA  1 
ATOM   952  C C   . LYS A 1 121 ? -10.527 5.346   -2.651  1.00 13.50 ? 121 LYS A C   1 
ATOM   953  O O   . LYS A 1 121 ? -11.150 6.212   -2.027  1.00 13.26 ? 121 LYS A O   1 
ATOM   954  C CB  . LYS A 1 121 ? -8.865  6.763   -3.890  1.00 14.92 ? 121 LYS A CB  1 
ATOM   955  C CG  . LYS A 1 121 ? -8.009  6.918   -5.143  1.00 16.61 ? 121 LYS A CG  1 
ATOM   956  C CD  . LYS A 1 121 ? -7.079  8.116   -5.071  1.00 18.00 ? 121 LYS A CD  1 
ATOM   957  C CE  . LYS A 1 121 ? -6.628  8.494   -6.475  1.00 19.59 ? 121 LYS A CE  1 
ATOM   958  N NZ  . LYS A 1 121 ? -5.426  9.374   -6.472  1.00 21.41 ? 121 LYS A NZ  1 
ATOM   959  N N   . ILE A 1 122 ? -10.328 4.104   -2.211  1.00 12.62 ? 122 ILE A N   1 
ATOM   960  C CA  . ILE A 1 122 ? -10.669 3.677   -0.851  1.00 12.28 ? 122 ILE A CA  1 
ATOM   961  C C   . ILE A 1 122 ? -9.582  4.172   0.094   1.00 12.34 ? 122 ILE A C   1 
ATOM   962  O O   . ILE A 1 122 ? -9.874  4.720   1.160   1.00 12.39 ? 122 ILE A O   1 
ATOM   963  C CB  . ILE A 1 122 ? -10.767 2.140   -0.736  1.00 12.20 ? 122 ILE A CB  1 
ATOM   964  C CG1 . ILE A 1 122 ? -11.713 1.570   -1.803  1.00 12.52 ? 122 ILE A CG1 1 
ATOM   965  C CG2 . ILE A 1 122 ? -11.233 1.738   0.661   1.00 12.37 ? 122 ILE A CG2 1 
ATOM   966  C CD1 . ILE A 1 122 ? -11.494 0.095   -2.082  1.00 12.72 ? 122 ILE A CD1 1 
ATOM   967  N N   . THR A 1 123 ? -8.325  3.972   -0.310  1.00 11.89 ? 123 THR A N   1 
ATOM   968  C CA  . THR A 1 123 ? -7.172  4.440   0.465   1.00 12.02 ? 123 THR A CA  1 
ATOM   969  C C   . THR A 1 123 ? -6.118  5.044   -0.440  1.00 12.46 ? 123 THR A C   1 
ATOM   970  O O   . THR A 1 123 ? -5.981  4.635   -1.594  1.00 12.35 ? 123 THR A O   1 
ATOM   971  C CB  . THR A 1 123 ? -6.496  3.284   1.226   1.00 11.78 ? 123 THR A CB  1 
ATOM   972  O OG1 . THR A 1 123 ? -6.071  2.287   0.292   1.00 11.86 ? 123 THR A OG1 1 
ATOM   973  C CG2 . THR A 1 123 ? -7.454  2.663   2.227   1.00 11.71 ? 123 THR A CG2 1 
ATOM   974  N N   . CYS A 1 124 ? -5.362  5.995   0.105   1.00 12.91 ? 124 CYS A N   1 
ATOM   975  C CA  . CYS A 1 124 ? -4.160  6.513   -0.546  1.00 13.91 ? 124 CYS A CA  1 
ATOM   976  C C   . CYS A 1 124 ? -3.145  6.793   0.545   1.00 13.73 ? 124 CYS A C   1 
ATOM   977  O O   . CYS A 1 124 ? -3.369  7.663   1.392   1.00 13.56 ? 124 CYS A O   1 
ATOM   978  C CB  . CYS A 1 124 ? -4.467  7.797   -1.313  1.00 14.73 ? 124 CYS A CB  1 
ATOM   979  S SG  . CYS A 1 124 ? -3.153  8.331   -2.434  1.00 16.55 ? 124 CYS A SG  1 
ATOM   980  N N   . VAL A 1 125 ? -2.042  6.049   0.507   1.00 13.56 ? 125 VAL A N   1 
ATOM   981  C CA  . VAL A 1 125 ? -0.975  6.129   1.508   1.00 13.90 ? 125 VAL A CA  1 
ATOM   982  C C   . VAL A 1 125 ? 0.269   6.673   0.827   1.00 13.96 ? 125 VAL A C   1 
ATOM   983  O O   . VAL A 1 125 ? 0.619   6.226   -0.262  1.00 13.60 ? 125 VAL A O   1 
ATOM   984  C CB  . VAL A 1 125 ? -0.649  4.731   2.081   1.00 14.34 ? 125 VAL A CB  1 
ATOM   985  C CG1 . VAL A 1 125 ? 0.471   4.813   3.113   1.00 14.82 ? 125 VAL A CG1 1 
ATOM   986  C CG2 . VAL A 1 125 ? -1.901  4.084   2.682   1.00 15.19 ? 125 VAL A CG2 1 
ATOM   987  N N   . LYS A 1 126 ? 0.922   7.643   1.464   1.00 14.26 ? 126 LYS A N   1 
ATOM   988  C CA  . LYS A 1 126 ? 2.150   8.224   0.936   1.00 14.97 ? 126 LYS A CA  1 
ATOM   989  C C   . LYS A 1 126 ? 3.218   8.234   2.026   1.00 14.37 ? 126 LYS A C   1 
ATOM   990  O O   . LYS A 1 126 ? 2.972   8.688   3.143   1.00 13.82 ? 126 LYS A O   1 
ATOM   991  C CB  . LYS A 1 126 ? 1.886   9.643   0.441   1.00 16.99 ? 126 LYS A CB  1 
ATOM   992  C CG  . LYS A 1 126 ? 3.081   10.341  -0.176  1.00 19.00 ? 126 LYS A CG  1 
ATOM   993  C CD  . LYS A 1 126 ? 2.716   11.789  -0.444  1.00 21.08 ? 126 LYS A CD  1 
ATOM   994  C CE  . LYS A 1 126 ? 3.606   12.421  -1.496  1.00 22.94 ? 126 LYS A CE  1 
ATOM   995  N NZ  . LYS A 1 126 ? 3.293   13.876  -1.570  1.00 24.90 ? 126 LYS A NZ  1 
ATOM   996  N N   . PHE A 1 127 ? 4.396   7.713   1.711   1.00 13.58 ? 127 PHE A N   1 
ATOM   997  C CA  . PHE A 1 127 ? 5.477   7.703   2.698   1.00 13.29 ? 127 PHE A CA  1 
ATOM   998  C C   . PHE A 1 127 ? 6.851   7.728   2.034   1.00 13.17 ? 127 PHE A C   1 
ATOM   999  O O   . PHE A 1 127 ? 6.990   7.300   0.876   1.00 13.49 ? 127 PHE A O   1 
ATOM   1000 C CB  . PHE A 1 127 ? 5.338   6.498   3.642   1.00 13.15 ? 127 PHE A CB  1 
ATOM   1001 C CG  . PHE A 1 127 ? 5.500   5.169   2.966   1.00 13.28 ? 127 PHE A CG  1 
ATOM   1002 C CD1 . PHE A 1 127 ? 4.434   4.578   2.296   1.00 13.29 ? 127 PHE A CD1 1 
ATOM   1003 C CD2 . PHE A 1 127 ? 6.714   4.499   3.024   1.00 13.30 ? 127 PHE A CD2 1 
ATOM   1004 C CE1 . PHE A 1 127 ? 4.590   3.342   1.686   1.00 13.35 ? 127 PHE A CE1 1 
ATOM   1005 C CE2 . PHE A 1 127 ? 6.880   3.271   2.415   1.00 13.61 ? 127 PHE A CE2 1 
ATOM   1006 C CZ  . PHE A 1 127 ? 5.813   2.693   1.742   1.00 13.61 ? 127 PHE A CZ  1 
ATOM   1007 N N   . PRO A 1 128 ? 7.866   8.255   2.746   1.00 13.38 ? 128 PRO A N   1 
ATOM   1008 C CA  . PRO A 1 128 ? 9.224   8.214   2.204   1.00 13.56 ? 128 PRO A CA  1 
ATOM   1009 C C   . PRO A 1 128 ? 9.899   6.869   2.485   1.00 14.08 ? 128 PRO A C   1 
ATOM   1010 O O   . PRO A 1 128 ? 9.807   6.340   3.605   1.00 14.31 ? 128 PRO A O   1 
ATOM   1011 C CB  . PRO A 1 128 ? 9.932   9.337   2.957   1.00 13.11 ? 128 PRO A CB  1 
ATOM   1012 C CG  . PRO A 1 128 ? 9.234   9.391   4.284   1.00 13.18 ? 128 PRO A CG  1 
ATOM   1013 C CD  . PRO A 1 128 ? 7.817   8.929   4.059   1.00 13.11 ? 128 PRO A CD  1 
ATOM   1014 N N   . ALA A 1 129 ? 10.571  6.316   1.478   1.00 15.03 ? 129 ALA A N   1 
ATOM   1015 C CA  . ALA A 1 129 ? 11.307  5.062   1.673   1.00 15.63 ? 129 ALA A CA  1 
ATOM   1016 C C   . ALA A 1 129 ? 12.761  5.155   1.228   1.00 16.72 ? 129 ALA A C   1 
ATOM   1017 O O   . ALA A 1 129 ? 13.124  5.992   0.400   1.00 17.01 ? 129 ALA A O   1 
ATOM   1018 C CB  . ALA A 1 129 ? 10.614  3.913   0.957   1.00 15.71 ? 129 ALA A CB  1 
ATOM   1019 N N   . LYS A 1 130 ? 13.585  4.284   1.791   1.00 17.16 ? 130 LYS A N   1 
ATOM   1020 C CA  . LYS A 1 130 ? 14.961  4.165   1.354   1.00 18.51 ? 130 LYS A CA  1 
ATOM   1021 C C   . LYS A 1 130 ? 15.282  2.698   1.156   1.00 19.46 ? 130 LYS A C   1 
ATOM   1022 O O   . LYS A 1 130 ? 15.261  1.917   2.108   1.00 18.76 ? 130 LYS A O   1 
ATOM   1023 C CB  . LYS A 1 130 ? 15.912  4.812   2.358   1.00 19.45 ? 130 LYS A CB  1 
ATOM   1024 C CG  . LYS A 1 130 ? 17.336  4.946   1.834   1.00 20.88 ? 130 LYS A CG  1 
ATOM   1025 C CD  . LYS A 1 130 ? 18.198  5.752   2.786   1.00 22.59 ? 130 LYS A CD  1 
ATOM   1026 C CE  . LYS A 1 130 ? 19.647  5.742   2.333   1.00 24.23 ? 130 LYS A CE  1 
ATOM   1027 N NZ  . LYS A 1 130 ? 20.527  6.401   3.337   1.00 25.80 ? 130 LYS A NZ  1 
ATOM   1028 N N   . ILE A 1 131 ? 15.547  2.325   -0.092  1.00 20.56 ? 131 ILE A N   1 
ATOM   1029 C CA  . ILE A 1 131 ? 15.933  0.963   -0.411  1.00 23.32 ? 131 ILE A CA  1 
ATOM   1030 C C   . ILE A 1 131 ? 17.429  0.861   -0.154  1.00 25.36 ? 131 ILE A C   1 
ATOM   1031 O O   . ILE A 1 131 ? 18.207  1.630   -0.725  1.00 26.63 ? 131 ILE A O   1 
ATOM   1032 C CB  . ILE A 1 131 ? 15.597  0.598   -1.871  1.00 23.45 ? 131 ILE A CB  1 
ATOM   1033 C CG1 . ILE A 1 131 ? 14.110  0.851   -2.149  1.00 23.61 ? 131 ILE A CG1 1 
ATOM   1034 C CG2 . ILE A 1 131 ? 15.971  -0.854  -2.151  1.00 23.61 ? 131 ILE A CG2 1 
ATOM   1035 C CD1 . ILE A 1 131 ? 13.733  0.882   -3.614  1.00 23.89 ? 131 ILE A CD1 1 
ATOM   1036 N N   . LYS A 1 132 ? 17.824  -0.068  0.713   1.00 27.27 ? 132 LYS A N   1 
ATOM   1037 C CA  . LYS A 1 132 ? 19.212  -0.130  1.201   1.00 30.25 ? 132 LYS A CA  1 
ATOM   1038 C C   . LYS A 1 132 ? 19.709  -1.553  1.448   1.00 31.73 ? 132 LYS A C   1 
ATOM   1039 O O   . LYS A 1 132 ? 18.937  -2.500  1.586   1.00 31.98 ? 132 LYS A O   1 
ATOM   1040 C CB  . LYS A 1 132 ? 19.379  0.720   2.470   1.00 29.83 ? 132 LYS A CB  1 
ATOM   1041 C CG  . LYS A 1 132 ? 18.486  0.319   3.642   1.00 30.34 ? 132 LYS A CG  1 
ATOM   1042 C CD  . LYS A 1 132 ? 18.775  1.139   4.897   1.00 30.33 ? 132 LYS A CD  1 
ATOM   1043 C CE  . LYS A 1 132 ? 18.146  2.524   4.827   1.00 31.05 ? 132 LYS A CE  1 
ATOM   1044 N NZ  . LYS A 1 132 ? 18.246  3.285   6.106   1.00 30.79 ? 132 LYS A NZ  1 
ATOM   1045 O OXT . LYS A 1 132 ? 20.918  -1.787  1.517   1.00 34.67 ? 132 LYS A OXT 1 
HETATM 1046 C C1  . OLA B 2 .   ? 2.501   -7.104  -5.454  1.00 39.15 ? 201 OLA A C1  1 
HETATM 1047 O O1  . OLA B 2 .   ? 1.271   -7.081  -5.693  1.00 37.00 ? 201 OLA A O1  1 
HETATM 1048 O O2  . OLA B 2 .   ? 3.369   -7.128  -6.357  1.00 39.46 ? 201 OLA A O2  1 
HETATM 1049 C C2  . OLA B 2 .   ? 2.961   -7.110  -4.013  1.00 39.08 ? 201 OLA A C2  1 
HETATM 1050 C C3  . OLA B 2 .   ? 3.736   -5.836  -3.688  1.00 38.86 ? 201 OLA A C3  1 
HETATM 1051 C C4  . OLA B 2 .   ? 3.236   -5.197  -2.398  1.00 39.21 ? 201 OLA A C4  1 
HETATM 1052 C C5  . OLA B 2 .   ? 2.572   -3.852  -2.657  1.00 38.35 ? 201 OLA A C5  1 
HETATM 1053 C C6  . OLA B 2 .   ? 2.590   -2.965  -1.419  1.00 38.79 ? 201 OLA A C6  1 
HETATM 1054 C C7  . OLA B 2 .   ? 3.498   -1.764  -1.654  1.00 38.03 ? 201 OLA A C7  1 
HETATM 1055 C C8  . OLA B 2 .   ? 3.494   -0.771  -0.492  1.00 38.75 ? 201 OLA A C8  1 
HETATM 1056 C C9  . OLA B 2 .   ? 4.412   -1.235  0.622   1.00 38.03 ? 201 OLA A C9  1 
HETATM 1057 C C10 . OLA B 2 .   ? 5.725   -0.989  0.667   1.00 38.45 ? 201 OLA A C10 1 
HETATM 1058 C C11 . OLA B 2 .   ? 6.465   -0.207  -0.396  1.00 39.52 ? 201 OLA A C11 1 
HETATM 1059 C C12 . OLA B 2 .   ? 7.862   -0.784  -0.574  1.00 40.99 ? 201 OLA A C12 1 
HETATM 1060 C C13 . OLA B 2 .   ? 8.230   -0.883  -2.049  1.00 42.39 ? 201 OLA A C13 1 
HETATM 1061 C C14 . OLA B 2 .   ? 9.480   -1.736  -2.228  1.00 43.69 ? 201 OLA A C14 1 
HETATM 1062 C C15 . OLA B 2 .   ? 10.206  -1.388  -3.521  1.00 44.73 ? 201 OLA A C15 1 
HETATM 1063 C C16 . OLA B 2 .   ? 10.069  -2.512  -4.542  1.00 45.74 ? 201 OLA A C16 1 
HETATM 1064 C C17 . OLA B 2 .   ? 11.390  -3.251  -4.722  1.00 46.46 ? 201 OLA A C17 1 
HETATM 1065 C C18 . OLA B 2 .   ? 11.548  -3.758  -6.140  1.00 47.76 ? 201 OLA A C18 1 
HETATM 1066 O O   . HOH C 3 .   ? -14.910 -3.684  5.209   1.00 11.35 ? 301 HOH A O   1 
HETATM 1067 O O   . HOH C 3 .   ? -9.727  -7.692  -5.979  1.00 18.51 ? 302 HOH A O   1 
HETATM 1068 O O   . HOH C 3 .   ? -15.931 -6.291  5.185   1.00 13.24 ? 303 HOH A O   1 
HETATM 1069 O O   . HOH C 3 .   ? -14.474 4.834   6.189   1.00 13.66 ? 304 HOH A O   1 
HETATM 1070 O O   . HOH C 3 .   ? -6.643  7.345   2.395   1.00 14.78 ? 305 HOH A O   1 
HETATM 1071 O O   . HOH C 3 .   ? -9.210  -8.372  8.703   1.00 12.23 ? 306 HOH A O   1 
HETATM 1072 O O   . HOH C 3 .   ? -19.184 -10.526 5.443   1.00 29.53 ? 307 HOH A O   1 
HETATM 1073 O O   . HOH C 3 .   ? -13.913 7.526   5.527   1.00 18.37 ? 308 HOH A O   1 
HETATM 1074 O O   . HOH C 3 .   ? -4.241  -9.720  -9.518  1.00 23.06 ? 309 HOH A O   1 
HETATM 1075 O O   . HOH C 3 .   ? -7.001  7.591   5.479   1.00 20.03 ? 310 HOH A O   1 
HETATM 1076 O O   . HOH C 3 .   ? 5.156   11.083  4.434   1.00 20.32 ? 311 HOH A O   1 
HETATM 1077 O O   . HOH C 3 .   ? -3.345  2.038   0.172   1.00 15.35 ? 312 HOH A O   1 
HETATM 1078 O O   . HOH C 3 .   ? -9.478  2.005   9.057   1.00 15.65 ? 313 HOH A O   1 
HETATM 1079 O O   . HOH C 3 .   ? 1.978   -8.819  6.037   1.00 21.53 ? 314 HOH A O   1 
HETATM 1080 O O   . HOH C 3 .   ? 7.161   11.733  6.463   1.00 22.69 ? 315 HOH A O   1 
HETATM 1081 O O   . HOH C 3 .   ? -9.392  4.787   10.239  1.00 19.93 ? 316 HOH A O   1 
HETATM 1082 O O   . HOH C 3 .   ? 2.093   7.778   10.254  1.00 16.64 ? 317 HOH A O   1 
HETATM 1083 O O   . HOH C 3 .   ? -5.877  -10.086 7.206   1.00 34.52 ? 318 HOH A O   1 
HETATM 1084 O O   . HOH C 3 .   ? -7.306  -14.130 1.758   1.00 29.78 ? 319 HOH A O   1 
HETATM 1085 O O   . HOH C 3 .   ? 12.528  9.260   0.630   1.00 30.86 ? 320 HOH A O   1 
HETATM 1086 O O   . HOH C 3 .   ? -12.169 -9.578  4.566   1.00 16.41 ? 321 HOH A O   1 
HETATM 1087 O O   . HOH C 3 .   ? -17.975 0.871   -3.960  1.00 16.95 ? 322 HOH A O   1 
HETATM 1088 O O   . HOH C 3 .   ? -15.088 -2.046  12.354  1.00 19.82 ? 323 HOH A O   1 
HETATM 1089 O O   . HOH C 3 .   ? -19.882 5.333   5.879   1.00 25.71 ? 324 HOH A O   1 
HETATM 1090 O O   . HOH C 3 .   ? -14.034 -7.881  3.746   1.00 15.70 ? 325 HOH A O   1 
HETATM 1091 O O   . HOH C 3 .   ? 4.168   1.376   11.352  1.00 18.99 ? 326 HOH A O   1 
HETATM 1092 O O   . HOH C 3 .   ? 6.299   0.176   9.695   1.00 15.92 ? 327 HOH A O   1 
HETATM 1093 O O   . HOH C 3 .   ? -0.005  4.091   10.733  1.00 30.53 ? 328 HOH A O   1 
HETATM 1094 O O   . HOH C 3 .   ? -10.104 -8.904  6.088   1.00 25.39 ? 329 HOH A O   1 
HETATM 1095 O O   . HOH C 3 .   ? 2.809   4.033   11.521  1.00 32.27 ? 330 HOH A O   1 
HETATM 1096 O O   . HOH C 3 .   ? -4.153  6.433   -12.146 1.00 29.74 ? 331 HOH A O   1 
HETATM 1097 O O   . HOH C 3 .   ? -1.507  -2.729  10.142  1.00 23.73 ? 332 HOH A O   1 
HETATM 1098 O O   . HOH C 3 .   ? 6.623   11.261  2.023   1.00 30.57 ? 333 HOH A O   1 
HETATM 1099 O O   . HOH C 3 .   ? -5.191  8.336   7.424   1.00 25.85 ? 334 HOH A O   1 
HETATM 1100 O O   . HOH C 3 .   ? -13.110 2.024   11.322  1.00 17.85 ? 335 HOH A O   1 
HETATM 1101 O O   . HOH C 3 .   ? 0.299   0.028   -9.936  1.00 20.68 ? 336 HOH A O   1 
HETATM 1102 O O   . HOH C 3 .   ? 11.395  -7.384  7.261   1.00 29.56 ? 337 HOH A O   1 
HETATM 1103 O O   . HOH C 3 .   ? -22.212 4.310   2.135   1.00 25.97 ? 338 HOH A O   1 
HETATM 1104 O O   . HOH C 3 .   ? -1.247  -4.003  -2.802  1.00 15.99 ? 339 HOH A O   1 
HETATM 1105 O O   . HOH C 3 .   ? -8.338  -13.022 -0.497  1.00 15.72 ? 340 HOH A O   1 
HETATM 1106 O O   . HOH C 3 .   ? -8.927  11.420  2.219   1.00 25.89 ? 341 HOH A O   1 
HETATM 1107 O O   . HOH C 3 .   ? -8.756  9.386   5.242   1.00 24.01 ? 342 HOH A O   1 
HETATM 1108 O O   . HOH C 3 .   ? -14.319 -9.174  -6.241  1.00 25.21 ? 343 HOH A O   1 
HETATM 1109 O O   . HOH C 3 .   ? 8.126   -2.609  11.728  1.00 26.21 ? 344 HOH A O   1 
HETATM 1110 O O   . HOH C 3 .   ? -12.385 9.864   6.150   1.00 35.65 ? 345 HOH A O   1 
HETATM 1111 O O   . HOH C 3 .   ? -12.944 -12.105 -2.395  1.00 18.29 ? 346 HOH A O   1 
HETATM 1112 O O   . HOH C 3 .   ? 6.616   -4.852  12.374  1.00 33.88 ? 347 HOH A O   1 
HETATM 1113 O O   . HOH C 3 .   ? -21.329 0.833   -3.033  1.00 31.86 ? 348 HOH A O   1 
HETATM 1114 O O   . HOH C 3 .   ? -4.894  -11.422 -7.249  1.00 27.80 ? 349 HOH A O   1 
HETATM 1115 O O   . HOH C 3 .   ? -13.518 0.045   13.330  1.00 32.54 ? 350 HOH A O   1 
HETATM 1116 O O   . HOH C 3 .   ? -6.570  12.607  6.401   1.00 25.85 ? 351 HOH A O   1 
HETATM 1117 O O   . HOH C 3 .   ? -2.442  -7.173  12.988  1.00 33.72 ? 352 HOH A O   1 
HETATM 1118 O O   . HOH C 3 .   ? -9.937  -13.561 5.436   1.00 31.98 ? 353 HOH A O   1 
HETATM 1119 O O   . HOH C 3 .   ? -1.093  -5.464  -5.139  1.00 20.68 ? 354 HOH A O   1 
HETATM 1120 O O   . HOH C 3 .   ? -2.335  -8.491  -3.093  1.00 17.97 ? 355 HOH A O   1 
HETATM 1121 O O   . HOH C 3 .   ? -10.793 9.532   3.404   1.00 28.94 ? 356 HOH A O   1 
HETATM 1122 O O   . HOH C 3 .   ? -19.382 4.778   -4.276  1.00 29.78 ? 357 HOH A O   1 
HETATM 1123 O O   . HOH C 3 .   ? -16.464 4.609   8.154   1.00 21.76 ? 358 HOH A O   1 
HETATM 1124 O O   . HOH C 3 .   ? -17.882 7.371   0.482   1.00 21.28 ? 359 HOH A O   1 
HETATM 1125 O O   . HOH C 3 .   ? -21.874 -2.715  6.947   1.00 25.60 ? 360 HOH A O   1 
HETATM 1126 O O   . HOH C 3 .   ? -20.684 -5.404  0.623   1.00 27.34 ? 361 HOH A O   1 
HETATM 1127 O O   . HOH C 3 .   ? -16.595 -11.335 2.143   1.00 27.95 ? 362 HOH A O   1 
HETATM 1128 O O   . HOH C 3 .   ? 11.602  -2.055  12.246  1.00 26.04 ? 363 HOH A O   1 
HETATM 1129 O O   . HOH C 3 .   ? 16.181  8.115   10.829  1.00 26.90 ? 364 HOH A O   1 
HETATM 1130 O O   . HOH C 3 .   ? -5.924  -4.404  -11.200 1.00 32.71 ? 365 HOH A O   1 
HETATM 1131 O O   . HOH C 3 .   ? -0.155  2.677   -10.867 1.00 22.66 ? 366 HOH A O   1 
HETATM 1132 O O   . HOH C 3 .   ? 10.588  11.124  -4.088  1.00 31.94 ? 367 HOH A O   1 
HETATM 1133 O O   . HOH C 3 .   ? -1.335  -2.222  -10.334 1.00 35.01 ? 368 HOH A O   1 
HETATM 1134 O O   . HOH C 3 .   ? -4.250  -2.158  -10.864 1.00 29.34 ? 369 HOH A O   1 
HETATM 1135 O O   . HOH C 3 .   ? -8.510  1.013   -10.845 1.00 29.20 ? 370 HOH A O   1 
HETATM 1136 O O   . HOH C 3 .   ? -6.574  10.433  -9.090  1.00 39.74 ? 371 HOH A O   1 
HETATM 1137 O O   . HOH C 3 .   ? -22.703 1.306   0.556   1.00 22.05 ? 372 HOH A O   1 
HETATM 1138 O O   . HOH C 3 .   ? -20.830 -1.626  -4.555  1.00 36.99 ? 373 HOH A O   1 
HETATM 1139 O O   . HOH C 3 .   ? 1.742   -12.235 0.042   1.00 23.00 ? 374 HOH A O   1 
HETATM 1140 O O   . HOH C 3 .   ? -7.485  -1.341  14.488  1.00 35.29 ? 375 HOH A O   1 
HETATM 1141 O O   . HOH C 3 .   ? 0.264   -12.580 2.678   1.00 37.13 ? 376 HOH A O   1 
HETATM 1142 O O   . HOH C 3 .   ? 19.879  3.758   -0.494  1.00 31.92 ? 377 HOH A O   1 
HETATM 1143 O O   . HOH C 3 .   ? 18.693  8.308   -3.707  1.00 26.02 ? 378 HOH A O   1 
HETATM 1144 O O   . HOH C 3 .   ? -1.095  6.980   9.347   1.00 27.75 ? 379 HOH A O   1 
HETATM 1145 O O   . HOH C 3 .   ? -2.612  12.607  6.521   1.00 22.89 ? 380 HOH A O   1 
HETATM 1146 O O   . HOH C 3 .   ? -12.399 -3.685  -10.177 1.00 27.44 ? 381 HOH A O   1 
HETATM 1147 O O   . HOH C 3 .   ? -8.790  7.163   -8.810  1.00 29.76 ? 382 HOH A O   1 
HETATM 1148 O O   . HOH C 3 .   ? -11.075 8.773   -5.792  1.00 20.63 ? 383 HOH A O   1 
HETATM 1149 O O   . HOH C 3 .   ? -5.446  1.064   14.082  1.00 26.32 ? 384 HOH A O   1 
HETATM 1150 O O   . HOH C 3 .   ? 3.417   -5.815  8.634   1.00 25.44 ? 385 HOH A O   1 
HETATM 1151 O O   . HOH C 3 .   ? 14.571  -4.075  9.402   1.00 27.43 ? 386 HOH A O   1 
HETATM 1152 O O   . HOH C 3 .   ? 12.638  -4.314  11.459  1.00 36.60 ? 387 HOH A O   1 
HETATM 1153 O O   . HOH C 3 .   ? 7.184   4.081   16.077  1.00 26.96 ? 388 HOH A O   1 
HETATM 1154 O O   . HOH C 3 .   ? -24.505 -2.418  -1.626  1.00 33.25 ? 389 HOH A O   1 
HETATM 1155 O O   . HOH C 3 .   ? -17.655 -8.847  -4.410  1.00 23.84 ? 390 HOH A O   1 
HETATM 1156 O O   . HOH C 3 .   ? -16.760 -11.505 -4.331  1.00 24.08 ? 391 HOH A O   1 
HETATM 1157 O O   . HOH C 3 .   ? -11.156 0.006   -10.522 1.00 27.05 ? 392 HOH A O   1 
HETATM 1158 O O   . HOH C 3 .   ? -0.888  -11.273 -0.184  1.00 21.30 ? 393 HOH A O   1 
HETATM 1159 O O   . HOH C 3 .   ? 1.962   -11.141 4.415   1.00 23.04 ? 394 HOH A O   1 
HETATM 1160 O O   . HOH C 3 .   ? 1.283   -12.579 6.705   1.00 24.98 ? 395 HOH A O   1 
HETATM 1161 O O   . HOH C 3 .   ? -18.858 -9.662  2.708   1.00 24.22 ? 396 HOH A O   1 
HETATM 1162 O O   . HOH C 3 .   ? -21.676 -4.895  8.598   1.00 29.48 ? 397 HOH A O   1 
HETATM 1163 O O   . HOH C 3 .   ? -15.322 8.513   3.004   1.00 28.21 ? 398 HOH A O   1 
HETATM 1164 O O   . HOH C 3 .   ? -18.961 7.959   6.712   1.00 25.48 ? 399 HOH A O   1 
HETATM 1165 O O   . HOH C 3 .   ? -16.897 9.393   5.388   1.00 32.70 ? 400 HOH A O   1 
HETATM 1166 O O   . HOH C 3 .   ? -5.888  10.897  -4.235  1.00 31.42 ? 401 HOH A O   1 
HETATM 1167 O O   . HOH C 3 .   ? 6.432   -0.380  13.019  1.00 34.83 ? 402 HOH A O   1 
HETATM 1168 O O   . HOH C 3 .   ? 5.403   -6.533  10.533  1.00 28.42 ? 403 HOH A O   1 
HETATM 1169 O O   . HOH C 3 .   ? 16.549  5.001   9.295   1.00 30.57 ? 404 HOH A O   1 
HETATM 1170 O O   . HOH C 3 .   ? 10.015  11.857  7.323   1.00 23.31 ? 405 HOH A O   1 
HETATM 1171 O O   . HOH C 3 .   ? -15.562 3.889   10.816  1.00 28.46 ? 406 HOH A O   1 
HETATM 1172 O O   . HOH C 3 .   ? -14.400 -2.953  -12.166 1.00 23.47 ? 407 HOH A O   1 
HETATM 1173 O O   . HOH C 3 .   ? -14.445 -9.023  -10.542 1.00 31.62 ? 408 HOH A O   1 
HETATM 1174 O O   . HOH C 3 .   ? -13.767 -11.759 -5.086  1.00 42.74 ? 409 HOH A O   1 
HETATM 1175 O O   . HOH C 3 .   ? -0.285  -14.406 -3.158  1.00 30.57 ? 410 HOH A O   1 
HETATM 1176 O O   . HOH C 3 .   ? 4.264   -14.353 4.162   1.00 32.85 ? 411 HOH A O   1 
HETATM 1177 O O   . HOH C 3 .   ? 2.298   -8.403  8.747   1.00 38.98 ? 412 HOH A O   1 
HETATM 1178 O O   . HOH C 3 .   ? -22.971 1.269   8.859   1.00 33.54 ? 413 HOH A O   1 
HETATM 1179 O O   . HOH C 3 .   ? -22.832 -3.627  4.390   1.00 33.43 ? 414 HOH A O   1 
HETATM 1180 O O   . HOH C 3 .   ? -17.849 -1.166  12.446  1.00 39.16 ? 415 HOH A O   1 
HETATM 1181 O O   . HOH C 3 .   ? 16.222  5.162   6.122   1.00 41.58 ? 416 HOH A O   1 
HETATM 1182 O O   . HOH C 3 .   ? 9.616   13.665  -3.379  1.00 42.70 ? 417 HOH A O   1 
HETATM 1183 O O   . HOH C 3 .   ? 3.884   -10.354 -3.428  1.00 40.82 ? 418 HOH A O   1 
HETATM 1184 O O   . HOH C 3 .   ? -5.654  -8.801  -12.047 1.00 35.24 ? 419 HOH A O   1 
HETATM 1185 O O   . HOH C 3 .   ? -13.457 9.282   10.190  1.00 31.67 ? 420 HOH A O   1 
HETATM 1186 O O   . HOH C 3 .   ? 9.119   -6.029  12.474  1.00 32.13 ? 421 HOH A O   1 
HETATM 1187 O O   . HOH C 3 .   ? 10.486  2.199   17.630  1.00 41.46 ? 422 HOH A O   1 
HETATM 1188 O O   . HOH C 3 .   ? -3.956  6.993   9.549   1.00 22.50 ? 423 HOH A O   1 
HETATM 1189 O O   . HOH C 3 .   ? -3.143  -0.442  14.894  1.00 35.68 ? 424 HOH A O   1 
HETATM 1190 O O   . HOH C 3 .   ? -1.054  -1.369  13.223  1.00 32.78 ? 425 HOH A O   1 
# 
